data_8JVD
# 
_entry.id   8JVD 
# 
_audit_conform.dict_name       mmcif_pdbx.dic 
_audit_conform.dict_version    5.387 
_audit_conform.dict_location   http://mmcif.pdb.org/dictionaries/ascii/mmcif_pdbx.dic 
# 
loop_
_database_2.database_id 
_database_2.database_code 
_database_2.pdbx_database_accession 
_database_2.pdbx_DOI 
PDB   8JVD         pdb_00008jvd 10.2210/pdb8jvd/pdb 
WWPDB D_1300038978 ?            ?                   
# 
_pdbx_audit_revision_history.ordinal             1 
_pdbx_audit_revision_history.data_content_type   'Structure model' 
_pdbx_audit_revision_history.major_revision      1 
_pdbx_audit_revision_history.minor_revision      0 
_pdbx_audit_revision_history.revision_date       2024-02-28 
# 
_pdbx_audit_revision_details.ordinal             1 
_pdbx_audit_revision_details.revision_ordinal    1 
_pdbx_audit_revision_details.data_content_type   'Structure model' 
_pdbx_audit_revision_details.provider            repository 
_pdbx_audit_revision_details.type                'Initial release' 
_pdbx_audit_revision_details.description         ? 
_pdbx_audit_revision_details.details             ? 
# 
_pdbx_database_status.status_code                     REL 
_pdbx_database_status.status_code_sf                  REL 
_pdbx_database_status.status_code_mr                  ? 
_pdbx_database_status.entry_id                        8JVD 
_pdbx_database_status.recvd_initial_deposition_date   2023-06-28 
_pdbx_database_status.SG_entry                        N 
_pdbx_database_status.deposit_site                    PDBJ 
_pdbx_database_status.process_site                    PDBJ 
_pdbx_database_status.status_code_cs                  ? 
_pdbx_database_status.status_code_nmr_data            ? 
_pdbx_database_status.methods_development_category    ? 
_pdbx_database_status.pdb_format_compatible           Y 
# 
_pdbx_contact_author.id                 2 
_pdbx_contact_author.email              bnithya@eddc.a-star.edu.sg 
_pdbx_contact_author.name_first         Nithya 
_pdbx_contact_author.name_last          Baburajendran 
_pdbx_contact_author.name_mi            ? 
_pdbx_contact_author.role               'principal investigator/group leader' 
_pdbx_contact_author.identifier_ORCID   0000-0002-7013-9580 
# 
loop_
_audit_author.name 
_audit_author.pdbx_ordinal 
_audit_author.identifier_ORCID 
'Anantharajan, J.'  1 ? 
'Baburajendran, N.' 2 ? 
# 
_citation.abstract                  ? 
_citation.abstract_id_CAS           ? 
_citation.book_id_ISBN              ? 
_citation.book_publisher            ? 
_citation.book_publisher_city       ? 
_citation.book_title                ? 
_citation.coordinate_linkage        ? 
_citation.country                   US 
_citation.database_id_Medline       ? 
_citation.details                   ? 
_citation.id                        primary 
_citation.journal_abbrev            'Protein Sci.' 
_citation.journal_id_ASTM           PRCIEI 
_citation.journal_id_CSD            0795 
_citation.journal_id_ISSN           1469-896X 
_citation.journal_full              ? 
_citation.journal_issue             ? 
_citation.journal_volume            33 
_citation.language                  ? 
_citation.page_first                e4904 
_citation.page_last                 e4904 
_citation.title                     
'Identification of small-molecule binding sites of a ubiquitin-conjugating enzyme-UBE2T through fragment-based screening.' 
_citation.year                      2024 
_citation.database_id_CSD           ? 
_citation.pdbx_database_id_DOI      10.1002/pro.4904 
_citation.pdbx_database_id_PubMed   38358126 
_citation.pdbx_database_id_patent   ? 
_citation.unpublished_flag          ? 
# 
loop_
_citation_author.citation_id 
_citation_author.name 
_citation_author.ordinal 
_citation_author.identifier_ORCID 
primary 'Loh, Y.Y.'         1  ? 
primary 'Anantharajan, J.'  2  ? 
primary 'Huang, Q.'         3  ? 
primary 'Xu, W.'            4  ? 
primary 'Fulwood, J.'       5  ? 
primary 'Ng, H.Q.'          6  ? 
primary 'Ng, E.Y.'          7  ? 
primary 'Gea, C.Y.'         8  ? 
primary 'Choong, M.L.'      9  ? 
primary 'Tan, Q.W.'         10 ? 
primary 'Koh, X.'           11 ? 
primary 'Lim, W.H.'         12 ? 
primary 'Nacro, K.'         13 ? 
primary 'Cherian, J.'       14 ? 
primary 'Baburajendran, N.' 15 ? 
primary 'Ke, Z.'            16 ? 
primary 'Kang, C.'          17 ? 
# 
loop_
_entity.id 
_entity.type 
_entity.src_method 
_entity.pdbx_description 
_entity.formula_weight 
_entity.pdbx_number_of_molecules 
_entity.pdbx_ec 
_entity.pdbx_mutation 
_entity.pdbx_fragment 
_entity.details 
1 polymer     man 'Ubiquitin-conjugating enzyme E2 T' 17830.598 1  2.3.2.23 ? ? ? 
2 non-polymer syn 5-fluoranyl-1,3-benzoxazol-2-amine  152.126   1  ?        ? ? ? 
3 water       nat water                               18.015    99 ?        ? ? ? 
# 
_entity_name_com.entity_id   1 
_entity_name_com.name        'E2 ubiquitin-conjugating enzyme T,Ubiquitin carrier protein T,Ubiquitin-protein ligase T' 
# 
_entity_poly.entity_id                      1 
_entity_poly.type                           'polypeptide(L)' 
_entity_poly.nstd_linkage                   no 
_entity_poly.nstd_monomer                   no 
_entity_poly.pdbx_seq_one_letter_code       
;GSMQRASRLKRELHMLATEPPPGITCWQDKDQMDDLRAQILGGANTPYEKGVFKLEVIIPERYPFEPPQIRFLTPIYHPN
IDSAGRICLDVLKLPPKGAWRPSLNIATVLTSIQLLMSEPNPDDPLMADISSEFKYNKPAFLKNARQWTEKHARQK
;
_entity_poly.pdbx_seq_one_letter_code_can   
;GSMQRASRLKRELHMLATEPPPGITCWQDKDQMDDLRAQILGGANTPYEKGVFKLEVIIPERYPFEPPQIRFLTPIYHPN
IDSAGRICLDVLKLPPKGAWRPSLNIATVLTSIQLLMSEPNPDDPLMADISSEFKYNKPAFLKNARQWTEKHARQK
;
_entity_poly.pdbx_strand_id                 A 
_entity_poly.pdbx_target_identifier         ? 
# 
loop_
_pdbx_entity_nonpoly.entity_id 
_pdbx_entity_nonpoly.name 
_pdbx_entity_nonpoly.comp_id 
2 5-fluoranyl-1,3-benzoxazol-2-amine V2R 
3 water                              HOH 
# 
loop_
_entity_poly_seq.entity_id 
_entity_poly_seq.num 
_entity_poly_seq.mon_id 
_entity_poly_seq.hetero 
1 1   GLY n 
1 2   SER n 
1 3   MET n 
1 4   GLN n 
1 5   ARG n 
1 6   ALA n 
1 7   SER n 
1 8   ARG n 
1 9   LEU n 
1 10  LYS n 
1 11  ARG n 
1 12  GLU n 
1 13  LEU n 
1 14  HIS n 
1 15  MET n 
1 16  LEU n 
1 17  ALA n 
1 18  THR n 
1 19  GLU n 
1 20  PRO n 
1 21  PRO n 
1 22  PRO n 
1 23  GLY n 
1 24  ILE n 
1 25  THR n 
1 26  CYS n 
1 27  TRP n 
1 28  GLN n 
1 29  ASP n 
1 30  LYS n 
1 31  ASP n 
1 32  GLN n 
1 33  MET n 
1 34  ASP n 
1 35  ASP n 
1 36  LEU n 
1 37  ARG n 
1 38  ALA n 
1 39  GLN n 
1 40  ILE n 
1 41  LEU n 
1 42  GLY n 
1 43  GLY n 
1 44  ALA n 
1 45  ASN n 
1 46  THR n 
1 47  PRO n 
1 48  TYR n 
1 49  GLU n 
1 50  LYS n 
1 51  GLY n 
1 52  VAL n 
1 53  PHE n 
1 54  LYS n 
1 55  LEU n 
1 56  GLU n 
1 57  VAL n 
1 58  ILE n 
1 59  ILE n 
1 60  PRO n 
1 61  GLU n 
1 62  ARG n 
1 63  TYR n 
1 64  PRO n 
1 65  PHE n 
1 66  GLU n 
1 67  PRO n 
1 68  PRO n 
1 69  GLN n 
1 70  ILE n 
1 71  ARG n 
1 72  PHE n 
1 73  LEU n 
1 74  THR n 
1 75  PRO n 
1 76  ILE n 
1 77  TYR n 
1 78  HIS n 
1 79  PRO n 
1 80  ASN n 
1 81  ILE n 
1 82  ASP n 
1 83  SER n 
1 84  ALA n 
1 85  GLY n 
1 86  ARG n 
1 87  ILE n 
1 88  CYS n 
1 89  LEU n 
1 90  ASP n 
1 91  VAL n 
1 92  LEU n 
1 93  LYS n 
1 94  LEU n 
1 95  PRO n 
1 96  PRO n 
1 97  LYS n 
1 98  GLY n 
1 99  ALA n 
1 100 TRP n 
1 101 ARG n 
1 102 PRO n 
1 103 SER n 
1 104 LEU n 
1 105 ASN n 
1 106 ILE n 
1 107 ALA n 
1 108 THR n 
1 109 VAL n 
1 110 LEU n 
1 111 THR n 
1 112 SER n 
1 113 ILE n 
1 114 GLN n 
1 115 LEU n 
1 116 LEU n 
1 117 MET n 
1 118 SER n 
1 119 GLU n 
1 120 PRO n 
1 121 ASN n 
1 122 PRO n 
1 123 ASP n 
1 124 ASP n 
1 125 PRO n 
1 126 LEU n 
1 127 MET n 
1 128 ALA n 
1 129 ASP n 
1 130 ILE n 
1 131 SER n 
1 132 SER n 
1 133 GLU n 
1 134 PHE n 
1 135 LYS n 
1 136 TYR n 
1 137 ASN n 
1 138 LYS n 
1 139 PRO n 
1 140 ALA n 
1 141 PHE n 
1 142 LEU n 
1 143 LYS n 
1 144 ASN n 
1 145 ALA n 
1 146 ARG n 
1 147 GLN n 
1 148 TRP n 
1 149 THR n 
1 150 GLU n 
1 151 LYS n 
1 152 HIS n 
1 153 ALA n 
1 154 ARG n 
1 155 GLN n 
1 156 LYS n 
# 
_entity_src_gen.entity_id                          1 
_entity_src_gen.pdbx_src_id                        1 
_entity_src_gen.pdbx_alt_source_flag               sample 
_entity_src_gen.pdbx_seq_type                      'Biological sequence' 
_entity_src_gen.pdbx_beg_seq_num                   1 
_entity_src_gen.pdbx_end_seq_num                   156 
_entity_src_gen.gene_src_common_name               human 
_entity_src_gen.gene_src_genus                     ? 
_entity_src_gen.pdbx_gene_src_gene                 UBE2T 
_entity_src_gen.gene_src_species                   ? 
_entity_src_gen.gene_src_strain                    ? 
_entity_src_gen.gene_src_tissue                    ? 
_entity_src_gen.gene_src_tissue_fraction           ? 
_entity_src_gen.gene_src_details                   ? 
_entity_src_gen.pdbx_gene_src_fragment             ? 
_entity_src_gen.pdbx_gene_src_scientific_name      'Homo sapiens' 
_entity_src_gen.pdbx_gene_src_ncbi_taxonomy_id     9606 
_entity_src_gen.pdbx_gene_src_variant              ? 
_entity_src_gen.pdbx_gene_src_cell_line            ? 
_entity_src_gen.pdbx_gene_src_atcc                 ? 
_entity_src_gen.pdbx_gene_src_organ                ? 
_entity_src_gen.pdbx_gene_src_organelle            ? 
_entity_src_gen.pdbx_gene_src_cell                 ? 
_entity_src_gen.pdbx_gene_src_cellular_location    ? 
_entity_src_gen.host_org_common_name               ? 
_entity_src_gen.pdbx_host_org_scientific_name      'Escherichia coli' 
_entity_src_gen.pdbx_host_org_ncbi_taxonomy_id     562 
_entity_src_gen.host_org_genus                     ? 
_entity_src_gen.pdbx_host_org_gene                 ? 
_entity_src_gen.pdbx_host_org_organ                ? 
_entity_src_gen.host_org_species                   ? 
_entity_src_gen.pdbx_host_org_tissue               ? 
_entity_src_gen.pdbx_host_org_tissue_fraction      ? 
_entity_src_gen.pdbx_host_org_strain               ? 
_entity_src_gen.pdbx_host_org_variant              ? 
_entity_src_gen.pdbx_host_org_cell_line            ? 
_entity_src_gen.pdbx_host_org_atcc                 ? 
_entity_src_gen.pdbx_host_org_culture_collection   ? 
_entity_src_gen.pdbx_host_org_cell                 ? 
_entity_src_gen.pdbx_host_org_organelle            ? 
_entity_src_gen.pdbx_host_org_cellular_location    ? 
_entity_src_gen.pdbx_host_org_vector_type          ? 
_entity_src_gen.pdbx_host_org_vector               ? 
_entity_src_gen.host_org_details                   ? 
_entity_src_gen.expression_system_id               ? 
_entity_src_gen.plasmid_name                       ? 
_entity_src_gen.plasmid_details                    ? 
_entity_src_gen.pdbx_description                   ? 
# 
loop_
_chem_comp.id 
_chem_comp.type 
_chem_comp.mon_nstd_flag 
_chem_comp.name 
_chem_comp.pdbx_synonyms 
_chem_comp.formula 
_chem_comp.formula_weight 
ALA 'L-peptide linking' y ALANINE                            ? 'C3 H7 N O2'     89.093  
ARG 'L-peptide linking' y ARGININE                           ? 'C6 H15 N4 O2 1' 175.209 
ASN 'L-peptide linking' y ASPARAGINE                         ? 'C4 H8 N2 O3'    132.118 
ASP 'L-peptide linking' y 'ASPARTIC ACID'                    ? 'C4 H7 N O4'     133.103 
CYS 'L-peptide linking' y CYSTEINE                           ? 'C3 H7 N O2 S'   121.158 
GLN 'L-peptide linking' y GLUTAMINE                          ? 'C5 H10 N2 O3'   146.144 
GLU 'L-peptide linking' y 'GLUTAMIC ACID'                    ? 'C5 H9 N O4'     147.129 
GLY 'peptide linking'   y GLYCINE                            ? 'C2 H5 N O2'     75.067  
HIS 'L-peptide linking' y HISTIDINE                          ? 'C6 H10 N3 O2 1' 156.162 
HOH non-polymer         . WATER                              ? 'H2 O'           18.015  
ILE 'L-peptide linking' y ISOLEUCINE                         ? 'C6 H13 N O2'    131.173 
LEU 'L-peptide linking' y LEUCINE                            ? 'C6 H13 N O2'    131.173 
LYS 'L-peptide linking' y LYSINE                             ? 'C6 H15 N2 O2 1' 147.195 
MET 'L-peptide linking' y METHIONINE                         ? 'C5 H11 N O2 S'  149.211 
PHE 'L-peptide linking' y PHENYLALANINE                      ? 'C9 H11 N O2'    165.189 
PRO 'L-peptide linking' y PROLINE                            ? 'C5 H9 N O2'     115.130 
SER 'L-peptide linking' y SERINE                             ? 'C3 H7 N O3'     105.093 
THR 'L-peptide linking' y THREONINE                          ? 'C4 H9 N O3'     119.119 
TRP 'L-peptide linking' y TRYPTOPHAN                         ? 'C11 H12 N2 O2'  204.225 
TYR 'L-peptide linking' y TYROSINE                           ? 'C9 H11 N O3'    181.189 
V2R non-polymer         . 5-fluoranyl-1,3-benzoxazol-2-amine ? 'C7 H5 F N2 O'   152.126 
VAL 'L-peptide linking' y VALINE                             ? 'C5 H11 N O2'    117.146 
# 
loop_
_pdbx_poly_seq_scheme.asym_id 
_pdbx_poly_seq_scheme.entity_id 
_pdbx_poly_seq_scheme.seq_id 
_pdbx_poly_seq_scheme.mon_id 
_pdbx_poly_seq_scheme.ndb_seq_num 
_pdbx_poly_seq_scheme.pdb_seq_num 
_pdbx_poly_seq_scheme.auth_seq_num 
_pdbx_poly_seq_scheme.pdb_mon_id 
_pdbx_poly_seq_scheme.auth_mon_id 
_pdbx_poly_seq_scheme.pdb_strand_id 
_pdbx_poly_seq_scheme.pdb_ins_code 
_pdbx_poly_seq_scheme.hetero 
A 1 1   GLY 1   -1  ?   ?   ?   A . n 
A 1 2   SER 2   0   0   SER SER A . n 
A 1 3   MET 3   1   1   MET MET A . n 
A 1 4   GLN 4   2   2   GLN GLN A . n 
A 1 5   ARG 5   3   3   ARG ARG A . n 
A 1 6   ALA 6   4   4   ALA ALA A . n 
A 1 7   SER 7   5   5   SER SER A . n 
A 1 8   ARG 8   6   6   ARG ARG A . n 
A 1 9   LEU 9   7   7   LEU LEU A . n 
A 1 10  LYS 10  8   8   LYS LYS A . n 
A 1 11  ARG 11  9   9   ARG ARG A . n 
A 1 12  GLU 12  10  10  GLU GLU A . n 
A 1 13  LEU 13  11  11  LEU LEU A . n 
A 1 14  HIS 14  12  12  HIS HIS A . n 
A 1 15  MET 15  13  13  MET MET A . n 
A 1 16  LEU 16  14  14  LEU LEU A . n 
A 1 17  ALA 17  15  15  ALA ALA A . n 
A 1 18  THR 18  16  16  THR THR A . n 
A 1 19  GLU 19  17  17  GLU GLU A . n 
A 1 20  PRO 20  18  18  PRO PRO A . n 
A 1 21  PRO 21  19  19  PRO PRO A . n 
A 1 22  PRO 22  20  20  PRO PRO A . n 
A 1 23  GLY 23  21  21  GLY GLY A . n 
A 1 24  ILE 24  22  22  ILE ILE A . n 
A 1 25  THR 25  23  23  THR THR A . n 
A 1 26  CYS 26  24  24  CYS CYS A . n 
A 1 27  TRP 27  25  25  TRP TRP A . n 
A 1 28  GLN 28  26  26  GLN GLN A . n 
A 1 29  ASP 29  27  27  ASP ASP A . n 
A 1 30  LYS 30  28  28  LYS LYS A . n 
A 1 31  ASP 31  29  29  ASP ASP A . n 
A 1 32  GLN 32  30  30  GLN GLN A . n 
A 1 33  MET 33  31  31  MET MET A . n 
A 1 34  ASP 34  32  32  ASP ASP A . n 
A 1 35  ASP 35  33  33  ASP ASP A . n 
A 1 36  LEU 36  34  34  LEU LEU A . n 
A 1 37  ARG 37  35  35  ARG ARG A . n 
A 1 38  ALA 38  36  36  ALA ALA A . n 
A 1 39  GLN 39  37  37  GLN GLN A . n 
A 1 40  ILE 40  38  38  ILE ILE A . n 
A 1 41  LEU 41  39  39  LEU LEU A . n 
A 1 42  GLY 42  40  40  GLY GLY A . n 
A 1 43  GLY 43  41  41  GLY GLY A . n 
A 1 44  ALA 44  42  42  ALA ALA A . n 
A 1 45  ASN 45  43  43  ASN ASN A . n 
A 1 46  THR 46  44  44  THR THR A . n 
A 1 47  PRO 47  45  45  PRO PRO A . n 
A 1 48  TYR 48  46  46  TYR TYR A . n 
A 1 49  GLU 49  47  47  GLU GLU A . n 
A 1 50  LYS 50  48  48  LYS LYS A . n 
A 1 51  GLY 51  49  49  GLY GLY A . n 
A 1 52  VAL 52  50  50  VAL VAL A . n 
A 1 53  PHE 53  51  51  PHE PHE A . n 
A 1 54  LYS 54  52  52  LYS LYS A . n 
A 1 55  LEU 55  53  53  LEU LEU A . n 
A 1 56  GLU 56  54  54  GLU GLU A . n 
A 1 57  VAL 57  55  55  VAL VAL A . n 
A 1 58  ILE 58  56  56  ILE ILE A . n 
A 1 59  ILE 59  57  57  ILE ILE A . n 
A 1 60  PRO 60  58  58  PRO PRO A . n 
A 1 61  GLU 61  59  59  GLU GLU A . n 
A 1 62  ARG 62  60  60  ARG ARG A . n 
A 1 63  TYR 63  61  61  TYR TYR A . n 
A 1 64  PRO 64  62  62  PRO PRO A . n 
A 1 65  PHE 65  63  63  PHE PHE A . n 
A 1 66  GLU 66  64  64  GLU GLU A . n 
A 1 67  PRO 67  65  65  PRO PRO A . n 
A 1 68  PRO 68  66  66  PRO PRO A . n 
A 1 69  GLN 69  67  67  GLN GLN A . n 
A 1 70  ILE 70  68  68  ILE ILE A . n 
A 1 71  ARG 71  69  69  ARG ARG A . n 
A 1 72  PHE 72  70  70  PHE PHE A . n 
A 1 73  LEU 73  71  71  LEU LEU A . n 
A 1 74  THR 74  72  72  THR THR A . n 
A 1 75  PRO 75  73  73  PRO PRO A . n 
A 1 76  ILE 76  74  74  ILE ILE A . n 
A 1 77  TYR 77  75  75  TYR TYR A . n 
A 1 78  HIS 78  76  76  HIS HIS A . n 
A 1 79  PRO 79  77  77  PRO PRO A . n 
A 1 80  ASN 80  78  78  ASN ASN A . n 
A 1 81  ILE 81  79  79  ILE ILE A . n 
A 1 82  ASP 82  80  80  ASP ASP A . n 
A 1 83  SER 83  81  81  SER SER A . n 
A 1 84  ALA 84  82  82  ALA ALA A . n 
A 1 85  GLY 85  83  83  GLY GLY A . n 
A 1 86  ARG 86  84  84  ARG ARG A . n 
A 1 87  ILE 87  85  85  ILE ILE A . n 
A 1 88  CYS 88  86  86  CYS CYS A . n 
A 1 89  LEU 89  87  87  LEU LEU A . n 
A 1 90  ASP 90  88  88  ASP ASP A . n 
A 1 91  VAL 91  89  89  VAL VAL A . n 
A 1 92  LEU 92  90  90  LEU LEU A . n 
A 1 93  LYS 93  91  91  LYS LYS A . n 
A 1 94  LEU 94  92  92  LEU LEU A . n 
A 1 95  PRO 95  93  93  PRO PRO A . n 
A 1 96  PRO 96  94  94  PRO PRO A . n 
A 1 97  LYS 97  95  95  LYS LYS A . n 
A 1 98  GLY 98  96  96  GLY GLY A . n 
A 1 99  ALA 99  97  97  ALA ALA A . n 
A 1 100 TRP 100 98  98  TRP TRP A . n 
A 1 101 ARG 101 99  99  ARG ARG A . n 
A 1 102 PRO 102 100 100 PRO PRO A . n 
A 1 103 SER 103 101 101 SER SER A . n 
A 1 104 LEU 104 102 102 LEU LEU A . n 
A 1 105 ASN 105 103 103 ASN ASN A . n 
A 1 106 ILE 106 104 104 ILE ILE A . n 
A 1 107 ALA 107 105 105 ALA ALA A . n 
A 1 108 THR 108 106 106 THR THR A . n 
A 1 109 VAL 109 107 107 VAL VAL A . n 
A 1 110 LEU 110 108 108 LEU LEU A . n 
A 1 111 THR 111 109 109 THR THR A . n 
A 1 112 SER 112 110 110 SER SER A . n 
A 1 113 ILE 113 111 111 ILE ILE A . n 
A 1 114 GLN 114 112 112 GLN GLN A . n 
A 1 115 LEU 115 113 113 LEU LEU A . n 
A 1 116 LEU 116 114 114 LEU LEU A . n 
A 1 117 MET 117 115 115 MET MET A . n 
A 1 118 SER 118 116 116 SER SER A . n 
A 1 119 GLU 119 117 117 GLU GLU A . n 
A 1 120 PRO 120 118 118 PRO PRO A . n 
A 1 121 ASN 121 119 119 ASN ASN A . n 
A 1 122 PRO 122 120 120 PRO PRO A . n 
A 1 123 ASP 123 121 121 ASP ASP A . n 
A 1 124 ASP 124 122 122 ASP ASP A . n 
A 1 125 PRO 125 123 123 PRO PRO A . n 
A 1 126 LEU 126 124 124 LEU LEU A . n 
A 1 127 MET 127 125 125 MET MET A . n 
A 1 128 ALA 128 126 126 ALA ALA A . n 
A 1 129 ASP 129 127 127 ASP ASP A . n 
A 1 130 ILE 130 128 128 ILE ILE A . n 
A 1 131 SER 131 129 129 SER SER A . n 
A 1 132 SER 132 130 130 SER SER A . n 
A 1 133 GLU 133 131 131 GLU GLU A . n 
A 1 134 PHE 134 132 132 PHE PHE A . n 
A 1 135 LYS 135 133 133 LYS LYS A . n 
A 1 136 TYR 136 134 134 TYR TYR A . n 
A 1 137 ASN 137 135 135 ASN ASN A . n 
A 1 138 LYS 138 136 136 LYS LYS A . n 
A 1 139 PRO 139 137 137 PRO PRO A . n 
A 1 140 ALA 140 138 138 ALA ALA A . n 
A 1 141 PHE 141 139 139 PHE PHE A . n 
A 1 142 LEU 142 140 140 LEU LEU A . n 
A 1 143 LYS 143 141 141 LYS LYS A . n 
A 1 144 ASN 144 142 142 ASN ASN A . n 
A 1 145 ALA 145 143 143 ALA ALA A . n 
A 1 146 ARG 146 144 144 ARG ARG A . n 
A 1 147 GLN 147 145 145 GLN GLN A . n 
A 1 148 TRP 148 146 146 TRP TRP A . n 
A 1 149 THR 149 147 147 THR THR A . n 
A 1 150 GLU 150 148 148 GLU GLU A . n 
A 1 151 LYS 151 149 149 LYS LYS A . n 
A 1 152 HIS 152 150 150 HIS HIS A . n 
A 1 153 ALA 153 151 151 ALA ALA A . n 
A 1 154 ARG 154 152 152 ARG ARG A . n 
A 1 155 GLN 155 153 ?   ?   ?   A . n 
A 1 156 LYS 156 154 ?   ?   ?   A . n 
# 
loop_
_pdbx_nonpoly_scheme.asym_id 
_pdbx_nonpoly_scheme.entity_id 
_pdbx_nonpoly_scheme.mon_id 
_pdbx_nonpoly_scheme.ndb_seq_num 
_pdbx_nonpoly_scheme.pdb_seq_num 
_pdbx_nonpoly_scheme.auth_seq_num 
_pdbx_nonpoly_scheme.pdb_mon_id 
_pdbx_nonpoly_scheme.auth_mon_id 
_pdbx_nonpoly_scheme.pdb_strand_id 
_pdbx_nonpoly_scheme.pdb_ins_code 
B 2 V2R 1  201 201 V2R 32G A . 
C 3 HOH 1  301 62  HOH HOH A . 
C 3 HOH 2  302 43  HOH HOH A . 
C 3 HOH 3  303 40  HOH HOH A . 
C 3 HOH 4  304 79  HOH HOH A . 
C 3 HOH 5  305 26  HOH HOH A . 
C 3 HOH 6  306 56  HOH HOH A . 
C 3 HOH 7  307 66  HOH HOH A . 
C 3 HOH 8  308 86  HOH HOH A . 
C 3 HOH 9  309 19  HOH HOH A . 
C 3 HOH 10 310 20  HOH HOH A . 
C 3 HOH 11 311 72  HOH HOH A . 
C 3 HOH 12 312 24  HOH HOH A . 
C 3 HOH 13 313 64  HOH HOH A . 
C 3 HOH 14 314 34  HOH HOH A . 
C 3 HOH 15 315 68  HOH HOH A . 
C 3 HOH 16 316 37  HOH HOH A . 
C 3 HOH 17 317 3   HOH HOH A . 
C 3 HOH 18 318 2   HOH HOH A . 
C 3 HOH 19 319 5   HOH HOH A . 
C 3 HOH 20 320 10  HOH HOH A . 
C 3 HOH 21 321 1   HOH HOH A . 
C 3 HOH 22 322 83  HOH HOH A . 
C 3 HOH 23 323 9   HOH HOH A . 
C 3 HOH 24 324 6   HOH HOH A . 
C 3 HOH 25 325 13  HOH HOH A . 
C 3 HOH 26 326 30  HOH HOH A . 
C 3 HOH 27 327 7   HOH HOH A . 
C 3 HOH 28 328 25  HOH HOH A . 
C 3 HOH 29 329 92  HOH HOH A . 
C 3 HOH 30 330 78  HOH HOH A . 
C 3 HOH 31 331 29  HOH HOH A . 
C 3 HOH 32 332 53  HOH HOH A . 
C 3 HOH 33 333 35  HOH HOH A . 
C 3 HOH 34 334 77  HOH HOH A . 
C 3 HOH 35 335 28  HOH HOH A . 
C 3 HOH 36 336 82  HOH HOH A . 
C 3 HOH 37 337 88  HOH HOH A . 
C 3 HOH 38 338 12  HOH HOH A . 
C 3 HOH 39 339 48  HOH HOH A . 
C 3 HOH 40 340 65  HOH HOH A . 
C 3 HOH 41 341 4   HOH HOH A . 
C 3 HOH 42 342 91  HOH HOH A . 
C 3 HOH 43 343 33  HOH HOH A . 
C 3 HOH 44 344 21  HOH HOH A . 
C 3 HOH 45 345 17  HOH HOH A . 
C 3 HOH 46 346 23  HOH HOH A . 
C 3 HOH 47 347 90  HOH HOH A . 
C 3 HOH 48 348 93  HOH HOH A . 
C 3 HOH 49 349 58  HOH HOH A . 
C 3 HOH 50 350 87  HOH HOH A . 
C 3 HOH 51 351 49  HOH HOH A . 
C 3 HOH 52 352 27  HOH HOH A . 
C 3 HOH 53 353 51  HOH HOH A . 
C 3 HOH 54 354 74  HOH HOH A . 
C 3 HOH 55 355 70  HOH HOH A . 
C 3 HOH 56 356 99  HOH HOH A . 
C 3 HOH 57 357 16  HOH HOH A . 
C 3 HOH 58 358 36  HOH HOH A . 
C 3 HOH 59 359 11  HOH HOH A . 
C 3 HOH 60 360 80  HOH HOH A . 
C 3 HOH 61 361 50  HOH HOH A . 
C 3 HOH 62 362 18  HOH HOH A . 
C 3 HOH 63 363 73  HOH HOH A . 
C 3 HOH 64 364 8   HOH HOH A . 
C 3 HOH 65 365 39  HOH HOH A . 
C 3 HOH 66 366 14  HOH HOH A . 
C 3 HOH 67 367 15  HOH HOH A . 
C 3 HOH 68 368 61  HOH HOH A . 
C 3 HOH 69 369 89  HOH HOH A . 
C 3 HOH 70 370 55  HOH HOH A . 
C 3 HOH 71 371 38  HOH HOH A . 
C 3 HOH 72 372 44  HOH HOH A . 
C 3 HOH 73 373 81  HOH HOH A . 
C 3 HOH 74 374 57  HOH HOH A . 
C 3 HOH 75 375 76  HOH HOH A . 
C 3 HOH 76 376 63  HOH HOH A . 
C 3 HOH 77 377 22  HOH HOH A . 
C 3 HOH 78 378 67  HOH HOH A . 
C 3 HOH 79 379 54  HOH HOH A . 
C 3 HOH 80 380 45  HOH HOH A . 
C 3 HOH 81 381 95  HOH HOH A . 
C 3 HOH 82 382 31  HOH HOH A . 
C 3 HOH 83 383 42  HOH HOH A . 
C 3 HOH 84 384 98  HOH HOH A . 
C 3 HOH 85 385 47  HOH HOH A . 
C 3 HOH 86 386 96  HOH HOH A . 
C 3 HOH 87 387 60  HOH HOH A . 
C 3 HOH 88 388 46  HOH HOH A . 
C 3 HOH 89 389 84  HOH HOH A . 
C 3 HOH 90 390 69  HOH HOH A . 
C 3 HOH 91 391 71  HOH HOH A . 
C 3 HOH 92 392 52  HOH HOH A . 
C 3 HOH 93 393 85  HOH HOH A . 
C 3 HOH 94 394 41  HOH HOH A . 
C 3 HOH 95 395 97  HOH HOH A . 
C 3 HOH 96 396 32  HOH HOH A . 
C 3 HOH 97 397 59  HOH HOH A . 
C 3 HOH 98 398 94  HOH HOH A . 
C 3 HOH 99 399 75  HOH HOH A . 
# 
loop_
_pdbx_unobs_or_zero_occ_atoms.id 
_pdbx_unobs_or_zero_occ_atoms.PDB_model_num 
_pdbx_unobs_or_zero_occ_atoms.polymer_flag 
_pdbx_unobs_or_zero_occ_atoms.occupancy_flag 
_pdbx_unobs_or_zero_occ_atoms.auth_asym_id 
_pdbx_unobs_or_zero_occ_atoms.auth_comp_id 
_pdbx_unobs_or_zero_occ_atoms.auth_seq_id 
_pdbx_unobs_or_zero_occ_atoms.PDB_ins_code 
_pdbx_unobs_or_zero_occ_atoms.auth_atom_id 
_pdbx_unobs_or_zero_occ_atoms.label_alt_id 
_pdbx_unobs_or_zero_occ_atoms.label_asym_id 
_pdbx_unobs_or_zero_occ_atoms.label_comp_id 
_pdbx_unobs_or_zero_occ_atoms.label_seq_id 
_pdbx_unobs_or_zero_occ_atoms.label_atom_id 
1  1 Y 1 A LYS 28 ? CG ? A LYS 30 CG 
2  1 Y 1 A LYS 28 ? CD ? A LYS 30 CD 
3  1 Y 1 A LYS 28 ? CE ? A LYS 30 CE 
4  1 Y 1 A LYS 28 ? NZ ? A LYS 30 NZ 
5  1 Y 1 A LYS 48 ? CG ? A LYS 50 CG 
6  1 Y 1 A LYS 48 ? CD ? A LYS 50 CD 
7  1 Y 1 A LYS 48 ? CE ? A LYS 50 CE 
8  1 Y 1 A LYS 48 ? NZ ? A LYS 50 NZ 
9  1 Y 1 A LYS 95 ? CG ? A LYS 97 CG 
10 1 Y 1 A LYS 95 ? CD ? A LYS 97 CD 
11 1 Y 1 A LYS 95 ? CE ? A LYS 97 CE 
12 1 Y 1 A LYS 95 ? NZ ? A LYS 97 NZ 
# 
loop_
_software.citation_id 
_software.classification 
_software.compiler_name 
_software.compiler_version 
_software.contact_author 
_software.contact_author_email 
_software.date 
_software.description 
_software.dependencies 
_software.hardware 
_software.language 
_software.location 
_software.mods 
_software.name 
_software.os 
_software.os_version 
_software.type 
_software.version 
_software.pdbx_ordinal 
? refinement       ? ? ? ? ? ? ? ? ? ? ? PHENIX ? ? ? '(1.14_3260: ???)' 1 
? 'data scaling'   ? ? ? ? ? ? ? ? ? ? ? XDS    ? ? ? .                  2 
? 'data reduction' ? ? ? ? ? ? ? ? ? ? ? XDS    ? ? ? .                  3 
? phasing          ? ? ? ? ? ? ? ? ? ? ? PHASER ? ? ? .                  4 
# 
_cell.angle_alpha                  90.00 
_cell.angle_alpha_esd              ? 
_cell.angle_beta                   90.00 
_cell.angle_beta_esd               ? 
_cell.angle_gamma                  90.00 
_cell.angle_gamma_esd              ? 
_cell.entry_id                     8JVD 
_cell.details                      ? 
_cell.formula_units_Z              ? 
_cell.length_a                     54.636 
_cell.length_a_esd                 ? 
_cell.length_b                     54.636 
_cell.length_b_esd                 ? 
_cell.length_c                     182.728 
_cell.length_c_esd                 ? 
_cell.volume                       ? 
_cell.volume_esd                   ? 
_cell.Z_PDB                        8 
_cell.reciprocal_angle_alpha       ? 
_cell.reciprocal_angle_beta        ? 
_cell.reciprocal_angle_gamma       ? 
_cell.reciprocal_angle_alpha_esd   ? 
_cell.reciprocal_angle_beta_esd    ? 
_cell.reciprocal_angle_gamma_esd   ? 
_cell.reciprocal_length_a          ? 
_cell.reciprocal_length_b          ? 
_cell.reciprocal_length_c          ? 
_cell.reciprocal_length_a_esd      ? 
_cell.reciprocal_length_b_esd      ? 
_cell.reciprocal_length_c_esd      ? 
_cell.pdbx_unique_axis             ? 
_cell.pdbx_esd_method              ? 
# 
_symmetry.entry_id                         8JVD 
_symmetry.cell_setting                     ? 
_symmetry.Int_Tables_number                96 
_symmetry.space_group_name_Hall            ? 
_symmetry.space_group_name_H-M             'P 43 21 2' 
_symmetry.pdbx_full_space_group_name_H-M   ? 
# 
_exptl.absorpt_coefficient_mu     ? 
_exptl.absorpt_correction_T_max   ? 
_exptl.absorpt_correction_T_min   ? 
_exptl.absorpt_correction_type    ? 
_exptl.absorpt_process_details    ? 
_exptl.entry_id                   8JVD 
_exptl.crystals_number            1 
_exptl.details                    ? 
_exptl.method                     'X-RAY DIFFRACTION' 
_exptl.method_details             ? 
# 
_exptl_crystal.colour                       ? 
_exptl_crystal.density_diffrn               ? 
_exptl_crystal.density_Matthews             3.82 
_exptl_crystal.density_method               ? 
_exptl_crystal.density_percent_sol          67.83 
_exptl_crystal.description                  ? 
_exptl_crystal.F_000                        ? 
_exptl_crystal.id                           1 
_exptl_crystal.preparation                  ? 
_exptl_crystal.size_max                     ? 
_exptl_crystal.size_mid                     ? 
_exptl_crystal.size_min                     ? 
_exptl_crystal.size_rad                     ? 
_exptl_crystal.colour_lustre                ? 
_exptl_crystal.colour_modifier              ? 
_exptl_crystal.colour_primary               ? 
_exptl_crystal.density_meas                 ? 
_exptl_crystal.density_meas_esd             ? 
_exptl_crystal.density_meas_gt              ? 
_exptl_crystal.density_meas_lt              ? 
_exptl_crystal.density_meas_temp            ? 
_exptl_crystal.density_meas_temp_esd        ? 
_exptl_crystal.density_meas_temp_gt         ? 
_exptl_crystal.density_meas_temp_lt         ? 
_exptl_crystal.pdbx_crystal_image_url       ? 
_exptl_crystal.pdbx_crystal_image_format    ? 
_exptl_crystal.pdbx_mosaicity               ? 
_exptl_crystal.pdbx_mosaicity_esd           ? 
_exptl_crystal.pdbx_mosaic_method           ? 
_exptl_crystal.pdbx_mosaic_block_size       ? 
_exptl_crystal.pdbx_mosaic_block_size_esd   ? 
# 
_exptl_crystal_grow.apparatus       ? 
_exptl_crystal_grow.atmosphere      ? 
_exptl_crystal_grow.crystal_id      1 
_exptl_crystal_grow.details         ? 
_exptl_crystal_grow.method          'VAPOR DIFFUSION, SITTING DROP' 
_exptl_crystal_grow.method_ref      ? 
_exptl_crystal_grow.pH              ? 
_exptl_crystal_grow.pressure        ? 
_exptl_crystal_grow.pressure_esd    ? 
_exptl_crystal_grow.seeding         ? 
_exptl_crystal_grow.seeding_ref     ? 
_exptl_crystal_grow.temp_details    ? 
_exptl_crystal_grow.temp_esd        ? 
_exptl_crystal_grow.time            ? 
_exptl_crystal_grow.pdbx_details    '3.5M sodium formate pH 7.0' 
_exptl_crystal_grow.pdbx_pH_range   ? 
_exptl_crystal_grow.temp            293 
# 
_diffrn.ambient_environment              ? 
_diffrn.ambient_temp                     100 
_diffrn.ambient_temp_details             ? 
_diffrn.ambient_temp_esd                 ? 
_diffrn.crystal_id                       1 
_diffrn.crystal_support                  ? 
_diffrn.crystal_treatment                ? 
_diffrn.details                          ? 
_diffrn.id                               1 
_diffrn.ambient_pressure                 ? 
_diffrn.ambient_pressure_esd             ? 
_diffrn.ambient_pressure_gt              ? 
_diffrn.ambient_pressure_lt              ? 
_diffrn.ambient_temp_gt                  ? 
_diffrn.ambient_temp_lt                  ? 
_diffrn.pdbx_serial_crystal_experiment   N 
# 
_diffrn_detector.details                      ? 
_diffrn_detector.detector                     CCD 
_diffrn_detector.diffrn_id                    1 
_diffrn_detector.type                         'ADSC QUANTUM 315r' 
_diffrn_detector.area_resol_mean              ? 
_diffrn_detector.dtime                        ? 
_diffrn_detector.pdbx_frames_total            ? 
_diffrn_detector.pdbx_collection_time_total   ? 
_diffrn_detector.pdbx_collection_date         2021-06-30 
_diffrn_detector.pdbx_frequency               ? 
_diffrn_detector.id                           ? 
_diffrn_detector.number_of_axes               ? 
# 
_diffrn_radiation.collimation                      ? 
_diffrn_radiation.diffrn_id                        1 
_diffrn_radiation.filter_edge                      ? 
_diffrn_radiation.inhomogeneity                    ? 
_diffrn_radiation.monochromator                    ? 
_diffrn_radiation.polarisn_norm                    ? 
_diffrn_radiation.polarisn_ratio                   ? 
_diffrn_radiation.probe                            ? 
_diffrn_radiation.type                             ? 
_diffrn_radiation.xray_symbol                      ? 
_diffrn_radiation.wavelength_id                    1 
_diffrn_radiation.pdbx_monochromatic_or_laue_m_l   M 
_diffrn_radiation.pdbx_wavelength_list             ? 
_diffrn_radiation.pdbx_wavelength                  ? 
_diffrn_radiation.pdbx_diffrn_protocol             'SINGLE WAVELENGTH' 
_diffrn_radiation.pdbx_analyzer                    ? 
_diffrn_radiation.pdbx_scattering_type             x-ray 
# 
_diffrn_radiation_wavelength.id           1 
_diffrn_radiation_wavelength.wavelength   0.95373 
_diffrn_radiation_wavelength.wt           1.0 
# 
_diffrn_source.current                     ? 
_diffrn_source.details                     ? 
_diffrn_source.diffrn_id                   1 
_diffrn_source.power                       ? 
_diffrn_source.size                        ? 
_diffrn_source.source                      SYNCHROTRON 
_diffrn_source.target                      ? 
_diffrn_source.type                        'AUSTRALIAN SYNCHROTRON BEAMLINE MX2' 
_diffrn_source.voltage                     ? 
_diffrn_source.take-off_angle              ? 
_diffrn_source.pdbx_wavelength_list        0.95373 
_diffrn_source.pdbx_wavelength             ? 
_diffrn_source.pdbx_synchrotron_beamline   MX2 
_diffrn_source.pdbx_synchrotron_site       'Australian Synchrotron' 
# 
_reflns.B_iso_Wilson_estimate                          ? 
_reflns.entry_id                                       8JVD 
_reflns.data_reduction_details                         ? 
_reflns.data_reduction_method                          ? 
_reflns.d_resolution_high                              1.69 
_reflns.d_resolution_low                               46.891 
_reflns.details                                        ? 
_reflns.limit_h_max                                    ? 
_reflns.limit_h_min                                    ? 
_reflns.limit_k_max                                    ? 
_reflns.limit_k_min                                    ? 
_reflns.limit_l_max                                    ? 
_reflns.limit_l_min                                    ? 
_reflns.number_all                                     ? 
_reflns.number_obs                                     31816 
_reflns.observed_criterion                             ? 
_reflns.observed_criterion_F_max                       ? 
_reflns.observed_criterion_F_min                       ? 
_reflns.observed_criterion_I_max                       ? 
_reflns.observed_criterion_I_min                       ? 
_reflns.observed_criterion_sigma_F                     ? 
_reflns.observed_criterion_sigma_I                     ? 
_reflns.percent_possible_obs                           99.8 
_reflns.R_free_details                                 ? 
_reflns.Rmerge_F_all                                   ? 
_reflns.Rmerge_F_obs                                   ? 
_reflns.Friedel_coverage                               ? 
_reflns.number_gt                                      ? 
_reflns.threshold_expression                           ? 
_reflns.pdbx_redundancy                                20 
_reflns.pdbx_netI_over_av_sigmaI                       ? 
_reflns.pdbx_netI_over_sigmaI                          23.5 
_reflns.pdbx_res_netI_over_av_sigmaI_2                 ? 
_reflns.pdbx_res_netI_over_sigmaI_2                    ? 
_reflns.pdbx_chi_squared                               0.53 
_reflns.pdbx_scaling_rejects                           ? 
_reflns.pdbx_d_res_high_opt                            ? 
_reflns.pdbx_d_res_low_opt                             ? 
_reflns.pdbx_d_res_opt_method                          ? 
_reflns.phase_calculation_details                      ? 
_reflns.pdbx_Rrim_I_all                                0.057 
_reflns.pdbx_Rpim_I_all                                0.011 
_reflns.pdbx_d_opt                                     ? 
_reflns.pdbx_number_measured_all                       ? 
_reflns.pdbx_diffrn_id                                 1 
_reflns.pdbx_ordinal                                   1 
_reflns.pdbx_CC_half                                   1.000 
_reflns.pdbx_CC_star                                   ? 
_reflns.pdbx_R_split                                   ? 
_reflns.pdbx_Rmerge_I_obs                              0.056 
_reflns.pdbx_Rmerge_I_all                              ? 
_reflns.pdbx_Rsym_value                                ? 
_reflns.pdbx_CC_split_method                           ? 
_reflns.pdbx_aniso_diffraction_limit_axis_1_ortho[1]   ? 
_reflns.pdbx_aniso_diffraction_limit_axis_1_ortho[2]   ? 
_reflns.pdbx_aniso_diffraction_limit_axis_1_ortho[3]   ? 
_reflns.pdbx_aniso_diffraction_limit_axis_2_ortho[1]   ? 
_reflns.pdbx_aniso_diffraction_limit_axis_2_ortho[2]   ? 
_reflns.pdbx_aniso_diffraction_limit_axis_2_ortho[3]   ? 
_reflns.pdbx_aniso_diffraction_limit_axis_3_ortho[1]   ? 
_reflns.pdbx_aniso_diffraction_limit_axis_3_ortho[2]   ? 
_reflns.pdbx_aniso_diffraction_limit_axis_3_ortho[3]   ? 
_reflns.pdbx_aniso_diffraction_limit_1                 ? 
_reflns.pdbx_aniso_diffraction_limit_2                 ? 
_reflns.pdbx_aniso_diffraction_limit_3                 ? 
_reflns.pdbx_aniso_B_tensor_eigenvector_1_ortho[1]     ? 
_reflns.pdbx_aniso_B_tensor_eigenvector_1_ortho[2]     ? 
_reflns.pdbx_aniso_B_tensor_eigenvector_1_ortho[3]     ? 
_reflns.pdbx_aniso_B_tensor_eigenvector_2_ortho[1]     ? 
_reflns.pdbx_aniso_B_tensor_eigenvector_2_ortho[2]     ? 
_reflns.pdbx_aniso_B_tensor_eigenvector_2_ortho[3]     ? 
_reflns.pdbx_aniso_B_tensor_eigenvector_3_ortho[1]     ? 
_reflns.pdbx_aniso_B_tensor_eigenvector_3_ortho[2]     ? 
_reflns.pdbx_aniso_B_tensor_eigenvector_3_ortho[3]     ? 
_reflns.pdbx_aniso_B_tensor_eigenvalue_1               ? 
_reflns.pdbx_aniso_B_tensor_eigenvalue_2               ? 
_reflns.pdbx_aniso_B_tensor_eigenvalue_3               ? 
_reflns.pdbx_orthogonalization_convention              ? 
_reflns.pdbx_percent_possible_ellipsoidal              ? 
_reflns.pdbx_percent_possible_spherical                ? 
_reflns.pdbx_percent_possible_ellipsoidal_anomalous    ? 
_reflns.pdbx_percent_possible_spherical_anomalous      ? 
_reflns.pdbx_redundancy_anomalous                      ? 
_reflns.pdbx_CC_half_anomalous                         ? 
_reflns.pdbx_absDiff_over_sigma_anomalous              ? 
_reflns.pdbx_percent_possible_anomalous                ? 
_reflns.pdbx_observed_signal_threshold                 ? 
_reflns.pdbx_signal_type                               ? 
_reflns.pdbx_signal_details                            ? 
_reflns.pdbx_signal_software_id                        ? 
# 
_reflns_shell.d_res_high                                    1.70 
_reflns_shell.d_res_low                                     1.73 
_reflns_shell.meanI_over_sigI_all                           ? 
_reflns_shell.meanI_over_sigI_obs                           ? 
_reflns_shell.number_measured_all                           38385 
_reflns_shell.number_measured_obs                           ? 
_reflns_shell.number_possible                               ? 
_reflns_shell.number_unique_all                             ? 
_reflns_shell.number_unique_obs                             1569 
_reflns_shell.percent_possible_obs                          96.2 
_reflns_shell.Rmerge_F_all                                  ? 
_reflns_shell.Rmerge_F_obs                                  ? 
_reflns_shell.meanI_over_sigI_gt                            ? 
_reflns_shell.meanI_over_uI_all                             ? 
_reflns_shell.meanI_over_uI_gt                              ? 
_reflns_shell.number_measured_gt                            ? 
_reflns_shell.number_unique_gt                              ? 
_reflns_shell.percent_possible_gt                           ? 
_reflns_shell.Rmerge_F_gt                                   ? 
_reflns_shell.Rmerge_I_gt                                   ? 
_reflns_shell.pdbx_redundancy                               24.5 
_reflns_shell.pdbx_chi_squared                              0.43 
_reflns_shell.pdbx_netI_over_sigmaI_all                     ? 
_reflns_shell.pdbx_netI_over_sigmaI_obs                     1.6 
_reflns_shell.pdbx_Rrim_I_all                               0.01492 
_reflns_shell.pdbx_Rpim_I_all                               0.296 
_reflns_shell.pdbx_rejects                                  ? 
_reflns_shell.pdbx_ordinal                                  1 
_reflns_shell.pdbx_diffrn_id                                1 
_reflns_shell.pdbx_CC_half                                  0.916 
_reflns_shell.pdbx_CC_star                                  ? 
_reflns_shell.pdbx_R_split                                  ? 
_reflns_shell.percent_possible_all                          ? 
_reflns_shell.Rmerge_I_all                                  ? 
_reflns_shell.Rmerge_I_obs                                  1.461 
_reflns_shell.pdbx_Rsym_value                               ? 
_reflns_shell.pdbx_percent_possible_ellipsoidal             ? 
_reflns_shell.pdbx_percent_possible_spherical               ? 
_reflns_shell.pdbx_percent_possible_ellipsoidal_anomalous   ? 
_reflns_shell.pdbx_percent_possible_spherical_anomalous     ? 
_reflns_shell.pdbx_redundancy_anomalous                     ? 
_reflns_shell.pdbx_CC_half_anomalous                        ? 
_reflns_shell.pdbx_absDiff_over_sigma_anomalous             ? 
_reflns_shell.pdbx_percent_possible_anomalous               ? 
# 
_refine.aniso_B[1][1]                            ? 
_refine.aniso_B[1][2]                            ? 
_refine.aniso_B[1][3]                            ? 
_refine.aniso_B[2][2]                            ? 
_refine.aniso_B[2][3]                            ? 
_refine.aniso_B[3][3]                            ? 
_refine.B_iso_max                                ? 
_refine.B_iso_mean                               ? 
_refine.B_iso_min                                ? 
_refine.correlation_coeff_Fo_to_Fc               ? 
_refine.correlation_coeff_Fo_to_Fc_free          ? 
_refine.details                                  ? 
_refine.diff_density_max                         ? 
_refine.diff_density_max_esd                     ? 
_refine.diff_density_min                         ? 
_refine.diff_density_min_esd                     ? 
_refine.diff_density_rms                         ? 
_refine.diff_density_rms_esd                     ? 
_refine.entry_id                                 8JVD 
_refine.pdbx_refine_id                           'X-RAY DIFFRACTION' 
_refine.ls_abs_structure_details                 ? 
_refine.ls_abs_structure_Flack                   ? 
_refine.ls_abs_structure_Flack_esd               ? 
_refine.ls_abs_structure_Rogers                  ? 
_refine.ls_abs_structure_Rogers_esd              ? 
_refine.ls_d_res_high                            1.696 
_refine.ls_d_res_low                             46.891 
_refine.ls_extinction_coef                       ? 
_refine.ls_extinction_coef_esd                   ? 
_refine.ls_extinction_expression                 ? 
_refine.ls_extinction_method                     ? 
_refine.ls_goodness_of_fit_all                   ? 
_refine.ls_goodness_of_fit_all_esd               ? 
_refine.ls_goodness_of_fit_obs                   ? 
_refine.ls_goodness_of_fit_obs_esd               ? 
_refine.ls_hydrogen_treatment                    ? 
_refine.ls_matrix_type                           ? 
_refine.ls_number_constraints                    ? 
_refine.ls_number_parameters                     ? 
_refine.ls_number_reflns_all                     ? 
_refine.ls_number_reflns_obs                     31637 
_refine.ls_number_reflns_R_free                  1996 
_refine.ls_number_reflns_R_work                  ? 
_refine.ls_number_restraints                     ? 
_refine.ls_percent_reflns_obs                    99.63 
_refine.ls_percent_reflns_R_free                 6.31 
_refine.ls_R_factor_all                          ? 
_refine.ls_R_factor_obs                          0.2293 
_refine.ls_R_factor_R_free                       0.2550 
_refine.ls_R_factor_R_free_error                 ? 
_refine.ls_R_factor_R_free_error_details         ? 
_refine.ls_R_factor_R_work                       0.2276 
_refine.ls_R_Fsqd_factor_obs                     ? 
_refine.ls_R_I_factor_obs                        ? 
_refine.ls_redundancy_reflns_all                 ? 
_refine.ls_redundancy_reflns_obs                 ? 
_refine.ls_restrained_S_all                      ? 
_refine.ls_restrained_S_obs                      ? 
_refine.ls_shift_over_esd_max                    ? 
_refine.ls_shift_over_esd_mean                   ? 
_refine.ls_structure_factor_coef                 ? 
_refine.ls_weighting_details                     ? 
_refine.ls_weighting_scheme                      ? 
_refine.ls_wR_factor_all                         ? 
_refine.ls_wR_factor_obs                         ? 
_refine.ls_wR_factor_R_free                      ? 
_refine.ls_wR_factor_R_work                      ? 
_refine.occupancy_max                            ? 
_refine.occupancy_min                            ? 
_refine.solvent_model_details                    'FLAT BULK SOLVENT MODEL' 
_refine.solvent_model_param_bsol                 ? 
_refine.solvent_model_param_ksol                 ? 
_refine.pdbx_R_complete                          ? 
_refine.ls_R_factor_gt                           ? 
_refine.ls_goodness_of_fit_gt                    ? 
_refine.ls_goodness_of_fit_ref                   ? 
_refine.ls_shift_over_su_max                     ? 
_refine.ls_shift_over_su_max_lt                  ? 
_refine.ls_shift_over_su_mean                    ? 
_refine.ls_shift_over_su_mean_lt                 ? 
_refine.pdbx_ls_sigma_I                          ? 
_refine.pdbx_ls_sigma_F                          1.36 
_refine.pdbx_ls_sigma_Fsqd                       ? 
_refine.pdbx_data_cutoff_high_absF               ? 
_refine.pdbx_data_cutoff_high_rms_absF           ? 
_refine.pdbx_data_cutoff_low_absF                ? 
_refine.pdbx_isotropic_thermal_model             ? 
_refine.pdbx_ls_cross_valid_method               'FREE R-VALUE' 
_refine.pdbx_method_to_determine_struct          'MOLECULAR REPLACEMENT' 
_refine.pdbx_starting_model                      ? 
_refine.pdbx_stereochemistry_target_values       ML 
_refine.pdbx_R_Free_selection_details            ? 
_refine.pdbx_stereochem_target_val_spec_case     ? 
_refine.pdbx_overall_ESU_R                       ? 
_refine.pdbx_overall_ESU_R_Free                  ? 
_refine.pdbx_solvent_vdw_probe_radii             1.11 
_refine.pdbx_solvent_ion_probe_radii             ? 
_refine.pdbx_solvent_shrinkage_radii             0.90 
_refine.pdbx_real_space_R                        ? 
_refine.pdbx_density_correlation                 ? 
_refine.pdbx_pd_number_of_powder_patterns        ? 
_refine.pdbx_pd_number_of_points                 ? 
_refine.pdbx_pd_meas_number_of_points            ? 
_refine.pdbx_pd_proc_ls_prof_R_factor            ? 
_refine.pdbx_pd_proc_ls_prof_wR_factor           ? 
_refine.pdbx_pd_Marquardt_correlation_coeff      ? 
_refine.pdbx_pd_Fsqrd_R_factor                   ? 
_refine.pdbx_pd_ls_matrix_band_width             ? 
_refine.pdbx_overall_phase_error                 31.76 
_refine.pdbx_overall_SU_R_free_Cruickshank_DPI   ? 
_refine.pdbx_overall_SU_R_free_Blow_DPI          ? 
_refine.pdbx_overall_SU_R_Blow_DPI               ? 
_refine.pdbx_TLS_residual_ADP_flag               ? 
_refine.pdbx_diffrn_id                           1 
_refine.overall_SU_B                             ? 
_refine.overall_SU_ML                            0.22 
_refine.overall_SU_R_Cruickshank_DPI             ? 
_refine.overall_SU_R_free                        ? 
_refine.overall_FOM_free_R_set                   ? 
_refine.overall_FOM_work_R_set                   ? 
_refine.pdbx_average_fsc_overall                 ? 
_refine.pdbx_average_fsc_work                    ? 
_refine.pdbx_average_fsc_free                    ? 
# 
_refine_hist.pdbx_refine_id                   'X-RAY DIFFRACTION' 
_refine_hist.cycle_id                         LAST 
_refine_hist.pdbx_number_atoms_protein        1218 
_refine_hist.pdbx_number_atoms_nucleic_acid   0 
_refine_hist.pdbx_number_atoms_ligand         11 
_refine_hist.number_atoms_solvent             99 
_refine_hist.number_atoms_total               1328 
_refine_hist.d_res_high                       1.696 
_refine_hist.d_res_low                        46.891 
# 
loop_
_refine_ls_restr.pdbx_refine_id 
_refine_ls_restr.criterion 
_refine_ls_restr.dev_ideal 
_refine_ls_restr.dev_ideal_target 
_refine_ls_restr.number 
_refine_ls_restr.rejects 
_refine_ls_restr.type 
_refine_ls_restr.weight 
_refine_ls_restr.pdbx_restraint_function 
'X-RAY DIFFRACTION' ? 0.013 ? 1291 ? f_bond_d           ? ? 
'X-RAY DIFFRACTION' ? 1.242 ? 1766 ? f_angle_d          ? ? 
'X-RAY DIFFRACTION' ? 8.284 ? 1106 ? f_dihedral_angle_d ? ? 
'X-RAY DIFFRACTION' ? 0.074 ? 188  ? f_chiral_restr     ? ? 
'X-RAY DIFFRACTION' ? 0.010 ? 232  ? f_plane_restr      ? ? 
# 
loop_
_refine_ls_shell.pdbx_refine_id 
_refine_ls_shell.d_res_high 
_refine_ls_shell.d_res_low 
_refine_ls_shell.number_reflns_all 
_refine_ls_shell.number_reflns_obs 
_refine_ls_shell.number_reflns_R_free 
_refine_ls_shell.number_reflns_R_work 
_refine_ls_shell.percent_reflns_obs 
_refine_ls_shell.percent_reflns_R_free 
_refine_ls_shell.R_factor_all 
_refine_ls_shell.R_factor_obs 
_refine_ls_shell.R_factor_R_free_error 
_refine_ls_shell.R_factor_R_work 
_refine_ls_shell.redundancy_reflns_all 
_refine_ls_shell.redundancy_reflns_obs 
_refine_ls_shell.wR_factor_all 
_refine_ls_shell.wR_factor_obs 
_refine_ls_shell.wR_factor_R_free 
_refine_ls_shell.wR_factor_R_work 
_refine_ls_shell.pdbx_R_complete 
_refine_ls_shell.pdbx_total_number_of_bins_used 
_refine_ls_shell.pdbx_phase_error 
_refine_ls_shell.pdbx_fsc_work 
_refine_ls_shell.pdbx_fsc_free 
_refine_ls_shell.R_factor_R_free 
'X-RAY DIFFRACTION' 1.696  1.7383 . . 136 2014 99.00  . . . . 0.3436 . . . . . . . . . . . 0.3737 
'X-RAY DIFFRACTION' 1.7383 1.7853 . . 139 2077 100.00 . . . . 0.3200 . . . . . . . . . . . 0.4028 
'X-RAY DIFFRACTION' 1.7853 1.8379 . . 141 2074 99.00  . . . . 0.3053 . . . . . . . . . . . 0.3670 
'X-RAY DIFFRACTION' 1.8379 1.8972 . . 137 2067 99.00  . . . . 0.2816 . . . . . . . . . . . 0.3482 
'X-RAY DIFFRACTION' 1.8972 1.9650 . . 141 2090 100.00 . . . . 0.2745 . . . . . . . . . . . 0.3289 
'X-RAY DIFFRACTION' 1.9650 2.0437 . . 141 2074 100.00 . . . . 0.2648 . . . . . . . . . . . 0.2941 
'X-RAY DIFFRACTION' 2.0437 2.1367 . . 141 2096 100.00 . . . . 0.2510 . . . . . . . . . . . 0.2852 
'X-RAY DIFFRACTION' 2.1367 2.2493 . . 140 2083 99.00  . . . . 0.2474 . . . . . . . . . . . 0.2711 
'X-RAY DIFFRACTION' 2.2493 2.3903 . . 143 2114 100.00 . . . . 0.2573 . . . . . . . . . . . 0.3168 
'X-RAY DIFFRACTION' 2.3903 2.5748 . . 144 2125 100.00 . . . . 0.2689 . . . . . . . . . . . 0.3003 
'X-RAY DIFFRACTION' 2.5748 2.8339 . . 142 2130 100.00 . . . . 0.2682 . . . . . . . . . . . 0.2594 
'X-RAY DIFFRACTION' 2.8339 3.2439 . . 146 2160 100.00 . . . . 0.2574 . . . . . . . . . . . 0.2853 
'X-RAY DIFFRACTION' 3.2439 4.0866 . . 147 2194 100.00 . . . . 0.2002 . . . . . . . . . . . 0.2141 
'X-RAY DIFFRACTION' 4.0866 46.89  . . 158 2343 100.00 . . . . 0.1760 . . . . . . . . . . . 0.2110 
# 
_struct.entry_id                     8JVD 
_struct.title                        
'Identification of small-molecule binding sites of a ubiquitin-conjugating enzyme-UBE2T through fragment-based screening' 
_struct.pdbx_model_details           ? 
_struct.pdbx_formula_weight          ? 
_struct.pdbx_formula_weight_method   ? 
_struct.pdbx_model_type_details      ? 
_struct.pdbx_CASP_flag               N 
# 
_struct_keywords.entry_id        8JVD 
_struct_keywords.text            'UBE2T; ubiquitination; fragment-based drug discovery, LIGASE' 
_struct_keywords.pdbx_keywords   LIGASE 
# 
loop_
_struct_asym.id 
_struct_asym.pdbx_blank_PDB_chainid_flag 
_struct_asym.pdbx_modified 
_struct_asym.entity_id 
_struct_asym.details 
A N N 1 ? 
B N N 2 ? 
C N N 3 ? 
# 
_struct_ref.id                         1 
_struct_ref.db_name                    UNP 
_struct_ref.db_code                    UBE2T_HUMAN 
_struct_ref.pdbx_db_accession          Q9NPD8 
_struct_ref.pdbx_db_isoform            ? 
_struct_ref.entity_id                  1 
_struct_ref.pdbx_seq_one_letter_code   
;MQRASRLKRELHMLATEPPPGITCWQDKDQMDDLRAQILGGANTPYEKGVFKLEVIIPERYPFEPPQIRFLTPIYHPNID
SAGRICLDVLKLPPKGAWRPSLNIATVLTSIQLLMSEPNPDDPLMADISSEFKYNKPAFLKNARQWTEKHARQK
;
_struct_ref.pdbx_align_begin           1 
# 
_struct_ref_seq.align_id                      1 
_struct_ref_seq.ref_id                        1 
_struct_ref_seq.pdbx_PDB_id_code              8JVD 
_struct_ref_seq.pdbx_strand_id                A 
_struct_ref_seq.seq_align_beg                 3 
_struct_ref_seq.pdbx_seq_align_beg_ins_code   ? 
_struct_ref_seq.seq_align_end                 156 
_struct_ref_seq.pdbx_seq_align_end_ins_code   ? 
_struct_ref_seq.pdbx_db_accession             Q9NPD8 
_struct_ref_seq.db_align_beg                  1 
_struct_ref_seq.pdbx_db_align_beg_ins_code    ? 
_struct_ref_seq.db_align_end                  154 
_struct_ref_seq.pdbx_db_align_end_ins_code    ? 
_struct_ref_seq.pdbx_auth_seq_align_beg       1 
_struct_ref_seq.pdbx_auth_seq_align_end       154 
# 
loop_
_struct_ref_seq_dif.align_id 
_struct_ref_seq_dif.pdbx_pdb_id_code 
_struct_ref_seq_dif.mon_id 
_struct_ref_seq_dif.pdbx_pdb_strand_id 
_struct_ref_seq_dif.seq_num 
_struct_ref_seq_dif.pdbx_pdb_ins_code 
_struct_ref_seq_dif.pdbx_seq_db_name 
_struct_ref_seq_dif.pdbx_seq_db_accession_code 
_struct_ref_seq_dif.db_mon_id 
_struct_ref_seq_dif.pdbx_seq_db_seq_num 
_struct_ref_seq_dif.details 
_struct_ref_seq_dif.pdbx_auth_seq_num 
_struct_ref_seq_dif.pdbx_ordinal 
1 8JVD GLY A 1 ? UNP Q9NPD8 ? ? 'expression tag' -1 1 
1 8JVD SER A 2 ? UNP Q9NPD8 ? ? 'expression tag' 0  2 
# 
_pdbx_struct_assembly.id                   1 
_pdbx_struct_assembly.details              author_defined_assembly 
_pdbx_struct_assembly.method_details       ? 
_pdbx_struct_assembly.oligomeric_details   monomeric 
_pdbx_struct_assembly.oligomeric_count     1 
# 
loop_
_pdbx_struct_assembly_prop.biol_id 
_pdbx_struct_assembly_prop.type 
_pdbx_struct_assembly_prop.value 
_pdbx_struct_assembly_prop.details 
1 'ABSA (A^2)' 0    ? 
1 MORE         0    ? 
1 'SSA (A^2)'  8320 ? 
# 
_pdbx_struct_assembly_gen.assembly_id       1 
_pdbx_struct_assembly_gen.oper_expression   1 
_pdbx_struct_assembly_gen.asym_id_list      A,B,C 
# 
_pdbx_struct_assembly_auth_evidence.id                     1 
_pdbx_struct_assembly_auth_evidence.assembly_id            1 
_pdbx_struct_assembly_auth_evidence.experimental_support   'gel filtration' 
_pdbx_struct_assembly_auth_evidence.details                ? 
# 
_pdbx_struct_oper_list.id                   1 
_pdbx_struct_oper_list.type                 'identity operation' 
_pdbx_struct_oper_list.name                 1_555 
_pdbx_struct_oper_list.symmetry_operation   x,y,z 
_pdbx_struct_oper_list.matrix[1][1]         1.0000000000 
_pdbx_struct_oper_list.matrix[1][2]         0.0000000000 
_pdbx_struct_oper_list.matrix[1][3]         0.0000000000 
_pdbx_struct_oper_list.vector[1]            0.0000000000 
_pdbx_struct_oper_list.matrix[2][1]         0.0000000000 
_pdbx_struct_oper_list.matrix[2][2]         1.0000000000 
_pdbx_struct_oper_list.matrix[2][3]         0.0000000000 
_pdbx_struct_oper_list.vector[2]            0.0000000000 
_pdbx_struct_oper_list.matrix[3][1]         0.0000000000 
_pdbx_struct_oper_list.matrix[3][2]         0.0000000000 
_pdbx_struct_oper_list.matrix[3][3]         1.0000000000 
_pdbx_struct_oper_list.vector[3]            0.0000000000 
# 
loop_
_struct_conf.conf_type_id 
_struct_conf.id 
_struct_conf.pdbx_PDB_helix_id 
_struct_conf.beg_label_comp_id 
_struct_conf.beg_label_asym_id 
_struct_conf.beg_label_seq_id 
_struct_conf.pdbx_beg_PDB_ins_code 
_struct_conf.end_label_comp_id 
_struct_conf.end_label_asym_id 
_struct_conf.end_label_seq_id 
_struct_conf.pdbx_end_PDB_ins_code 
_struct_conf.beg_auth_comp_id 
_struct_conf.beg_auth_asym_id 
_struct_conf.beg_auth_seq_id 
_struct_conf.end_auth_comp_id 
_struct_conf.end_auth_asym_id 
_struct_conf.end_auth_seq_id 
_struct_conf.pdbx_PDB_helix_class 
_struct_conf.details 
_struct_conf.pdbx_PDB_helix_length 
HELX_P HELX_P1 AA1 SER A 2   ? GLU A 19  ? SER A 0   GLU A 17  1 ? 18 
HELX_P HELX_P2 AA2 LEU A 89  ? LYS A 93  ? LEU A 87  LYS A 91  5 ? 5  
HELX_P HELX_P3 AA3 ASN A 105 ? GLU A 119 ? ASN A 103 GLU A 117 1 ? 15 
HELX_P HELX_P4 AA4 MET A 127 ? ASN A 137 ? MET A 125 ASN A 135 1 ? 11 
HELX_P HELX_P5 AA5 ASN A 137 ? ALA A 153 ? ASN A 135 ALA A 151 1 ? 17 
# 
_struct_conf_type.id          HELX_P 
_struct_conf_type.criteria    ? 
_struct_conf_type.reference   ? 
# 
loop_
_struct_mon_prot_cis.pdbx_id 
_struct_mon_prot_cis.label_comp_id 
_struct_mon_prot_cis.label_seq_id 
_struct_mon_prot_cis.label_asym_id 
_struct_mon_prot_cis.label_alt_id 
_struct_mon_prot_cis.pdbx_PDB_ins_code 
_struct_mon_prot_cis.auth_comp_id 
_struct_mon_prot_cis.auth_seq_id 
_struct_mon_prot_cis.auth_asym_id 
_struct_mon_prot_cis.pdbx_label_comp_id_2 
_struct_mon_prot_cis.pdbx_label_seq_id_2 
_struct_mon_prot_cis.pdbx_label_asym_id_2 
_struct_mon_prot_cis.pdbx_PDB_ins_code_2 
_struct_mon_prot_cis.pdbx_auth_comp_id_2 
_struct_mon_prot_cis.pdbx_auth_seq_id_2 
_struct_mon_prot_cis.pdbx_auth_asym_id_2 
_struct_mon_prot_cis.pdbx_PDB_model_num 
_struct_mon_prot_cis.pdbx_omega_angle 
1 TYR 63 A . ? TYR 61 A PRO 64 A ? PRO 62 A 1 8.45 
2 PRO 95 A . ? PRO 93 A PRO 96 A ? PRO 94 A 1 6.29 
# 
_struct_sheet.id               AA1 
_struct_sheet.type             ? 
_struct_sheet.number_strands   4 
_struct_sheet.details          ? 
# 
loop_
_struct_sheet_order.sheet_id 
_struct_sheet_order.range_id_1 
_struct_sheet_order.range_id_2 
_struct_sheet_order.offset 
_struct_sheet_order.sense 
AA1 1 2 ? anti-parallel 
AA1 2 3 ? anti-parallel 
AA1 3 4 ? anti-parallel 
# 
loop_
_struct_sheet_range.sheet_id 
_struct_sheet_range.id 
_struct_sheet_range.beg_label_comp_id 
_struct_sheet_range.beg_label_asym_id 
_struct_sheet_range.beg_label_seq_id 
_struct_sheet_range.pdbx_beg_PDB_ins_code 
_struct_sheet_range.end_label_comp_id 
_struct_sheet_range.end_label_asym_id 
_struct_sheet_range.end_label_seq_id 
_struct_sheet_range.pdbx_end_PDB_ins_code 
_struct_sheet_range.beg_auth_comp_id 
_struct_sheet_range.beg_auth_asym_id 
_struct_sheet_range.beg_auth_seq_id 
_struct_sheet_range.end_auth_comp_id 
_struct_sheet_range.end_auth_asym_id 
_struct_sheet_range.end_auth_seq_id 
AA1 1 ILE A 24 ? GLN A 28 ? ILE A 22 GLN A 26 
AA1 2 ASP A 35 ? LEU A 41 ? ASP A 33 LEU A 39 
AA1 3 VAL A 52 ? ILE A 58 ? VAL A 50 ILE A 56 
AA1 4 GLN A 69 ? PHE A 72 ? GLN A 67 PHE A 70 
# 
loop_
_pdbx_struct_sheet_hbond.sheet_id 
_pdbx_struct_sheet_hbond.range_id_1 
_pdbx_struct_sheet_hbond.range_id_2 
_pdbx_struct_sheet_hbond.range_1_label_atom_id 
_pdbx_struct_sheet_hbond.range_1_label_comp_id 
_pdbx_struct_sheet_hbond.range_1_label_asym_id 
_pdbx_struct_sheet_hbond.range_1_label_seq_id 
_pdbx_struct_sheet_hbond.range_1_PDB_ins_code 
_pdbx_struct_sheet_hbond.range_1_auth_atom_id 
_pdbx_struct_sheet_hbond.range_1_auth_comp_id 
_pdbx_struct_sheet_hbond.range_1_auth_asym_id 
_pdbx_struct_sheet_hbond.range_1_auth_seq_id 
_pdbx_struct_sheet_hbond.range_2_label_atom_id 
_pdbx_struct_sheet_hbond.range_2_label_comp_id 
_pdbx_struct_sheet_hbond.range_2_label_asym_id 
_pdbx_struct_sheet_hbond.range_2_label_seq_id 
_pdbx_struct_sheet_hbond.range_2_PDB_ins_code 
_pdbx_struct_sheet_hbond.range_2_auth_atom_id 
_pdbx_struct_sheet_hbond.range_2_auth_comp_id 
_pdbx_struct_sheet_hbond.range_2_auth_asym_id 
_pdbx_struct_sheet_hbond.range_2_auth_seq_id 
AA1 1 2 N TRP A 27 ? N TRP A 25 O ARG A 37 ? O ARG A 35 
AA1 2 3 N ILE A 40 ? N ILE A 38 O PHE A 53 ? O PHE A 51 
AA1 3 4 N ILE A 58 ? N ILE A 56 O GLN A 69 ? O GLN A 67 
# 
loop_
_pdbx_validate_torsion.id 
_pdbx_validate_torsion.PDB_model_num 
_pdbx_validate_torsion.auth_comp_id 
_pdbx_validate_torsion.auth_asym_id 
_pdbx_validate_torsion.auth_seq_id 
_pdbx_validate_torsion.PDB_ins_code 
_pdbx_validate_torsion.label_alt_id 
_pdbx_validate_torsion.phi 
_pdbx_validate_torsion.psi 
1 1 LYS A 28  ? ? -137.25 -113.75 
2 1 ASP A 122 ? ? -118.55 68.15   
3 1 ASN A 135 ? ? -153.18 54.68   
# 
loop_
_pdbx_struct_special_symmetry.id 
_pdbx_struct_special_symmetry.PDB_model_num 
_pdbx_struct_special_symmetry.auth_asym_id 
_pdbx_struct_special_symmetry.auth_comp_id 
_pdbx_struct_special_symmetry.auth_seq_id 
_pdbx_struct_special_symmetry.PDB_ins_code 
_pdbx_struct_special_symmetry.label_asym_id 
_pdbx_struct_special_symmetry.label_comp_id 
_pdbx_struct_special_symmetry.label_seq_id 
1 1 A HOH 321 ? C HOH . 
2 1 A HOH 396 ? C HOH . 
# 
_pdbx_entry_details.entry_id                 8JVD 
_pdbx_entry_details.has_ligand_of_interest   Y 
_pdbx_entry_details.compound_details         ? 
_pdbx_entry_details.source_details           ? 
_pdbx_entry_details.nonpolymer_details       ? 
_pdbx_entry_details.sequence_details         ? 
# 
loop_
_pdbx_unobs_or_zero_occ_residues.id 
_pdbx_unobs_or_zero_occ_residues.PDB_model_num 
_pdbx_unobs_or_zero_occ_residues.polymer_flag 
_pdbx_unobs_or_zero_occ_residues.occupancy_flag 
_pdbx_unobs_or_zero_occ_residues.auth_asym_id 
_pdbx_unobs_or_zero_occ_residues.auth_comp_id 
_pdbx_unobs_or_zero_occ_residues.auth_seq_id 
_pdbx_unobs_or_zero_occ_residues.PDB_ins_code 
_pdbx_unobs_or_zero_occ_residues.label_asym_id 
_pdbx_unobs_or_zero_occ_residues.label_comp_id 
_pdbx_unobs_or_zero_occ_residues.label_seq_id 
1 1 Y 1 A GLY -1  ? A GLY 1   
2 1 Y 1 A GLN 153 ? A GLN 155 
3 1 Y 1 A LYS 154 ? A LYS 156 
# 
loop_
_chem_comp_atom.comp_id 
_chem_comp_atom.atom_id 
_chem_comp_atom.type_symbol 
_chem_comp_atom.pdbx_aromatic_flag 
_chem_comp_atom.pdbx_stereo_config 
_chem_comp_atom.pdbx_ordinal 
ALA N    N N N 1   
ALA CA   C N S 2   
ALA C    C N N 3   
ALA O    O N N 4   
ALA CB   C N N 5   
ALA OXT  O N N 6   
ALA H    H N N 7   
ALA H2   H N N 8   
ALA HA   H N N 9   
ALA HB1  H N N 10  
ALA HB2  H N N 11  
ALA HB3  H N N 12  
ALA HXT  H N N 13  
ARG N    N N N 14  
ARG CA   C N S 15  
ARG C    C N N 16  
ARG O    O N N 17  
ARG CB   C N N 18  
ARG CG   C N N 19  
ARG CD   C N N 20  
ARG NE   N N N 21  
ARG CZ   C N N 22  
ARG NH1  N N N 23  
ARG NH2  N N N 24  
ARG OXT  O N N 25  
ARG H    H N N 26  
ARG H2   H N N 27  
ARG HA   H N N 28  
ARG HB2  H N N 29  
ARG HB3  H N N 30  
ARG HG2  H N N 31  
ARG HG3  H N N 32  
ARG HD2  H N N 33  
ARG HD3  H N N 34  
ARG HE   H N N 35  
ARG HH11 H N N 36  
ARG HH12 H N N 37  
ARG HH21 H N N 38  
ARG HH22 H N N 39  
ARG HXT  H N N 40  
ASN N    N N N 41  
ASN CA   C N S 42  
ASN C    C N N 43  
ASN O    O N N 44  
ASN CB   C N N 45  
ASN CG   C N N 46  
ASN OD1  O N N 47  
ASN ND2  N N N 48  
ASN OXT  O N N 49  
ASN H    H N N 50  
ASN H2   H N N 51  
ASN HA   H N N 52  
ASN HB2  H N N 53  
ASN HB3  H N N 54  
ASN HD21 H N N 55  
ASN HD22 H N N 56  
ASN HXT  H N N 57  
ASP N    N N N 58  
ASP CA   C N S 59  
ASP C    C N N 60  
ASP O    O N N 61  
ASP CB   C N N 62  
ASP CG   C N N 63  
ASP OD1  O N N 64  
ASP OD2  O N N 65  
ASP OXT  O N N 66  
ASP H    H N N 67  
ASP H2   H N N 68  
ASP HA   H N N 69  
ASP HB2  H N N 70  
ASP HB3  H N N 71  
ASP HD2  H N N 72  
ASP HXT  H N N 73  
CYS N    N N N 74  
CYS CA   C N R 75  
CYS C    C N N 76  
CYS O    O N N 77  
CYS CB   C N N 78  
CYS SG   S N N 79  
CYS OXT  O N N 80  
CYS H    H N N 81  
CYS H2   H N N 82  
CYS HA   H N N 83  
CYS HB2  H N N 84  
CYS HB3  H N N 85  
CYS HG   H N N 86  
CYS HXT  H N N 87  
GLN N    N N N 88  
GLN CA   C N S 89  
GLN C    C N N 90  
GLN O    O N N 91  
GLN CB   C N N 92  
GLN CG   C N N 93  
GLN CD   C N N 94  
GLN OE1  O N N 95  
GLN NE2  N N N 96  
GLN OXT  O N N 97  
GLN H    H N N 98  
GLN H2   H N N 99  
GLN HA   H N N 100 
GLN HB2  H N N 101 
GLN HB3  H N N 102 
GLN HG2  H N N 103 
GLN HG3  H N N 104 
GLN HE21 H N N 105 
GLN HE22 H N N 106 
GLN HXT  H N N 107 
GLU N    N N N 108 
GLU CA   C N S 109 
GLU C    C N N 110 
GLU O    O N N 111 
GLU CB   C N N 112 
GLU CG   C N N 113 
GLU CD   C N N 114 
GLU OE1  O N N 115 
GLU OE2  O N N 116 
GLU OXT  O N N 117 
GLU H    H N N 118 
GLU H2   H N N 119 
GLU HA   H N N 120 
GLU HB2  H N N 121 
GLU HB3  H N N 122 
GLU HG2  H N N 123 
GLU HG3  H N N 124 
GLU HE2  H N N 125 
GLU HXT  H N N 126 
GLY N    N N N 127 
GLY CA   C N N 128 
GLY C    C N N 129 
GLY O    O N N 130 
GLY OXT  O N N 131 
GLY H    H N N 132 
GLY H2   H N N 133 
GLY HA2  H N N 134 
GLY HA3  H N N 135 
GLY HXT  H N N 136 
HIS N    N N N 137 
HIS CA   C N S 138 
HIS C    C N N 139 
HIS O    O N N 140 
HIS CB   C N N 141 
HIS CG   C Y N 142 
HIS ND1  N Y N 143 
HIS CD2  C Y N 144 
HIS CE1  C Y N 145 
HIS NE2  N Y N 146 
HIS OXT  O N N 147 
HIS H    H N N 148 
HIS H2   H N N 149 
HIS HA   H N N 150 
HIS HB2  H N N 151 
HIS HB3  H N N 152 
HIS HD1  H N N 153 
HIS HD2  H N N 154 
HIS HE1  H N N 155 
HIS HE2  H N N 156 
HIS HXT  H N N 157 
HOH O    O N N 158 
HOH H1   H N N 159 
HOH H2   H N N 160 
ILE N    N N N 161 
ILE CA   C N S 162 
ILE C    C N N 163 
ILE O    O N N 164 
ILE CB   C N S 165 
ILE CG1  C N N 166 
ILE CG2  C N N 167 
ILE CD1  C N N 168 
ILE OXT  O N N 169 
ILE H    H N N 170 
ILE H2   H N N 171 
ILE HA   H N N 172 
ILE HB   H N N 173 
ILE HG12 H N N 174 
ILE HG13 H N N 175 
ILE HG21 H N N 176 
ILE HG22 H N N 177 
ILE HG23 H N N 178 
ILE HD11 H N N 179 
ILE HD12 H N N 180 
ILE HD13 H N N 181 
ILE HXT  H N N 182 
LEU N    N N N 183 
LEU CA   C N S 184 
LEU C    C N N 185 
LEU O    O N N 186 
LEU CB   C N N 187 
LEU CG   C N N 188 
LEU CD1  C N N 189 
LEU CD2  C N N 190 
LEU OXT  O N N 191 
LEU H    H N N 192 
LEU H2   H N N 193 
LEU HA   H N N 194 
LEU HB2  H N N 195 
LEU HB3  H N N 196 
LEU HG   H N N 197 
LEU HD11 H N N 198 
LEU HD12 H N N 199 
LEU HD13 H N N 200 
LEU HD21 H N N 201 
LEU HD22 H N N 202 
LEU HD23 H N N 203 
LEU HXT  H N N 204 
LYS N    N N N 205 
LYS CA   C N S 206 
LYS C    C N N 207 
LYS O    O N N 208 
LYS CB   C N N 209 
LYS CG   C N N 210 
LYS CD   C N N 211 
LYS CE   C N N 212 
LYS NZ   N N N 213 
LYS OXT  O N N 214 
LYS H    H N N 215 
LYS H2   H N N 216 
LYS HA   H N N 217 
LYS HB2  H N N 218 
LYS HB3  H N N 219 
LYS HG2  H N N 220 
LYS HG3  H N N 221 
LYS HD2  H N N 222 
LYS HD3  H N N 223 
LYS HE2  H N N 224 
LYS HE3  H N N 225 
LYS HZ1  H N N 226 
LYS HZ2  H N N 227 
LYS HZ3  H N N 228 
LYS HXT  H N N 229 
MET N    N N N 230 
MET CA   C N S 231 
MET C    C N N 232 
MET O    O N N 233 
MET CB   C N N 234 
MET CG   C N N 235 
MET SD   S N N 236 
MET CE   C N N 237 
MET OXT  O N N 238 
MET H    H N N 239 
MET H2   H N N 240 
MET HA   H N N 241 
MET HB2  H N N 242 
MET HB3  H N N 243 
MET HG2  H N N 244 
MET HG3  H N N 245 
MET HE1  H N N 246 
MET HE2  H N N 247 
MET HE3  H N N 248 
MET HXT  H N N 249 
PHE N    N N N 250 
PHE CA   C N S 251 
PHE C    C N N 252 
PHE O    O N N 253 
PHE CB   C N N 254 
PHE CG   C Y N 255 
PHE CD1  C Y N 256 
PHE CD2  C Y N 257 
PHE CE1  C Y N 258 
PHE CE2  C Y N 259 
PHE CZ   C Y N 260 
PHE OXT  O N N 261 
PHE H    H N N 262 
PHE H2   H N N 263 
PHE HA   H N N 264 
PHE HB2  H N N 265 
PHE HB3  H N N 266 
PHE HD1  H N N 267 
PHE HD2  H N N 268 
PHE HE1  H N N 269 
PHE HE2  H N N 270 
PHE HZ   H N N 271 
PHE HXT  H N N 272 
PRO N    N N N 273 
PRO CA   C N S 274 
PRO C    C N N 275 
PRO O    O N N 276 
PRO CB   C N N 277 
PRO CG   C N N 278 
PRO CD   C N N 279 
PRO OXT  O N N 280 
PRO H    H N N 281 
PRO HA   H N N 282 
PRO HB2  H N N 283 
PRO HB3  H N N 284 
PRO HG2  H N N 285 
PRO HG3  H N N 286 
PRO HD2  H N N 287 
PRO HD3  H N N 288 
PRO HXT  H N N 289 
SER N    N N N 290 
SER CA   C N S 291 
SER C    C N N 292 
SER O    O N N 293 
SER CB   C N N 294 
SER OG   O N N 295 
SER OXT  O N N 296 
SER H    H N N 297 
SER H2   H N N 298 
SER HA   H N N 299 
SER HB2  H N N 300 
SER HB3  H N N 301 
SER HG   H N N 302 
SER HXT  H N N 303 
THR N    N N N 304 
THR CA   C N S 305 
THR C    C N N 306 
THR O    O N N 307 
THR CB   C N R 308 
THR OG1  O N N 309 
THR CG2  C N N 310 
THR OXT  O N N 311 
THR H    H N N 312 
THR H2   H N N 313 
THR HA   H N N 314 
THR HB   H N N 315 
THR HG1  H N N 316 
THR HG21 H N N 317 
THR HG22 H N N 318 
THR HG23 H N N 319 
THR HXT  H N N 320 
TRP N    N N N 321 
TRP CA   C N S 322 
TRP C    C N N 323 
TRP O    O N N 324 
TRP CB   C N N 325 
TRP CG   C Y N 326 
TRP CD1  C Y N 327 
TRP CD2  C Y N 328 
TRP NE1  N Y N 329 
TRP CE2  C Y N 330 
TRP CE3  C Y N 331 
TRP CZ2  C Y N 332 
TRP CZ3  C Y N 333 
TRP CH2  C Y N 334 
TRP OXT  O N N 335 
TRP H    H N N 336 
TRP H2   H N N 337 
TRP HA   H N N 338 
TRP HB2  H N N 339 
TRP HB3  H N N 340 
TRP HD1  H N N 341 
TRP HE1  H N N 342 
TRP HE3  H N N 343 
TRP HZ2  H N N 344 
TRP HZ3  H N N 345 
TRP HH2  H N N 346 
TRP HXT  H N N 347 
TYR N    N N N 348 
TYR CA   C N S 349 
TYR C    C N N 350 
TYR O    O N N 351 
TYR CB   C N N 352 
TYR CG   C Y N 353 
TYR CD1  C Y N 354 
TYR CD2  C Y N 355 
TYR CE1  C Y N 356 
TYR CE2  C Y N 357 
TYR CZ   C Y N 358 
TYR OH   O N N 359 
TYR OXT  O N N 360 
TYR H    H N N 361 
TYR H2   H N N 362 
TYR HA   H N N 363 
TYR HB2  H N N 364 
TYR HB3  H N N 365 
TYR HD1  H N N 366 
TYR HD2  H N N 367 
TYR HE1  H N N 368 
TYR HE2  H N N 369 
TYR HH   H N N 370 
TYR HXT  H N N 371 
V2R C02  C Y N 372 
V2R C04  C Y N 373 
V2R C05  C Y N 374 
V2R C06  C Y N 375 
V2R C08  C Y N 376 
V2R C09  C Y N 377 
V2R C10  C Y N 378 
V2R F07  F N N 379 
V2R N01  N N N 380 
V2R N03  N Y N 381 
V2R O11  O Y N 382 
V2R H1   H N N 383 
V2R H2   H N N 384 
V2R H3   H N N 385 
V2R H4   H N N 386 
V2R H5   H N N 387 
VAL N    N N N 388 
VAL CA   C N S 389 
VAL C    C N N 390 
VAL O    O N N 391 
VAL CB   C N N 392 
VAL CG1  C N N 393 
VAL CG2  C N N 394 
VAL OXT  O N N 395 
VAL H    H N N 396 
VAL H2   H N N 397 
VAL HA   H N N 398 
VAL HB   H N N 399 
VAL HG11 H N N 400 
VAL HG12 H N N 401 
VAL HG13 H N N 402 
VAL HG21 H N N 403 
VAL HG22 H N N 404 
VAL HG23 H N N 405 
VAL HXT  H N N 406 
# 
loop_
_chem_comp_bond.comp_id 
_chem_comp_bond.atom_id_1 
_chem_comp_bond.atom_id_2 
_chem_comp_bond.value_order 
_chem_comp_bond.pdbx_aromatic_flag 
_chem_comp_bond.pdbx_stereo_config 
_chem_comp_bond.pdbx_ordinal 
ALA N   CA   sing N N 1   
ALA N   H    sing N N 2   
ALA N   H2   sing N N 3   
ALA CA  C    sing N N 4   
ALA CA  CB   sing N N 5   
ALA CA  HA   sing N N 6   
ALA C   O    doub N N 7   
ALA C   OXT  sing N N 8   
ALA CB  HB1  sing N N 9   
ALA CB  HB2  sing N N 10  
ALA CB  HB3  sing N N 11  
ALA OXT HXT  sing N N 12  
ARG N   CA   sing N N 13  
ARG N   H    sing N N 14  
ARG N   H2   sing N N 15  
ARG CA  C    sing N N 16  
ARG CA  CB   sing N N 17  
ARG CA  HA   sing N N 18  
ARG C   O    doub N N 19  
ARG C   OXT  sing N N 20  
ARG CB  CG   sing N N 21  
ARG CB  HB2  sing N N 22  
ARG CB  HB3  sing N N 23  
ARG CG  CD   sing N N 24  
ARG CG  HG2  sing N N 25  
ARG CG  HG3  sing N N 26  
ARG CD  NE   sing N N 27  
ARG CD  HD2  sing N N 28  
ARG CD  HD3  sing N N 29  
ARG NE  CZ   sing N N 30  
ARG NE  HE   sing N N 31  
ARG CZ  NH1  sing N N 32  
ARG CZ  NH2  doub N N 33  
ARG NH1 HH11 sing N N 34  
ARG NH1 HH12 sing N N 35  
ARG NH2 HH21 sing N N 36  
ARG NH2 HH22 sing N N 37  
ARG OXT HXT  sing N N 38  
ASN N   CA   sing N N 39  
ASN N   H    sing N N 40  
ASN N   H2   sing N N 41  
ASN CA  C    sing N N 42  
ASN CA  CB   sing N N 43  
ASN CA  HA   sing N N 44  
ASN C   O    doub N N 45  
ASN C   OXT  sing N N 46  
ASN CB  CG   sing N N 47  
ASN CB  HB2  sing N N 48  
ASN CB  HB3  sing N N 49  
ASN CG  OD1  doub N N 50  
ASN CG  ND2  sing N N 51  
ASN ND2 HD21 sing N N 52  
ASN ND2 HD22 sing N N 53  
ASN OXT HXT  sing N N 54  
ASP N   CA   sing N N 55  
ASP N   H    sing N N 56  
ASP N   H2   sing N N 57  
ASP CA  C    sing N N 58  
ASP CA  CB   sing N N 59  
ASP CA  HA   sing N N 60  
ASP C   O    doub N N 61  
ASP C   OXT  sing N N 62  
ASP CB  CG   sing N N 63  
ASP CB  HB2  sing N N 64  
ASP CB  HB3  sing N N 65  
ASP CG  OD1  doub N N 66  
ASP CG  OD2  sing N N 67  
ASP OD2 HD2  sing N N 68  
ASP OXT HXT  sing N N 69  
CYS N   CA   sing N N 70  
CYS N   H    sing N N 71  
CYS N   H2   sing N N 72  
CYS CA  C    sing N N 73  
CYS CA  CB   sing N N 74  
CYS CA  HA   sing N N 75  
CYS C   O    doub N N 76  
CYS C   OXT  sing N N 77  
CYS CB  SG   sing N N 78  
CYS CB  HB2  sing N N 79  
CYS CB  HB3  sing N N 80  
CYS SG  HG   sing N N 81  
CYS OXT HXT  sing N N 82  
GLN N   CA   sing N N 83  
GLN N   H    sing N N 84  
GLN N   H2   sing N N 85  
GLN CA  C    sing N N 86  
GLN CA  CB   sing N N 87  
GLN CA  HA   sing N N 88  
GLN C   O    doub N N 89  
GLN C   OXT  sing N N 90  
GLN CB  CG   sing N N 91  
GLN CB  HB2  sing N N 92  
GLN CB  HB3  sing N N 93  
GLN CG  CD   sing N N 94  
GLN CG  HG2  sing N N 95  
GLN CG  HG3  sing N N 96  
GLN CD  OE1  doub N N 97  
GLN CD  NE2  sing N N 98  
GLN NE2 HE21 sing N N 99  
GLN NE2 HE22 sing N N 100 
GLN OXT HXT  sing N N 101 
GLU N   CA   sing N N 102 
GLU N   H    sing N N 103 
GLU N   H2   sing N N 104 
GLU CA  C    sing N N 105 
GLU CA  CB   sing N N 106 
GLU CA  HA   sing N N 107 
GLU C   O    doub N N 108 
GLU C   OXT  sing N N 109 
GLU CB  CG   sing N N 110 
GLU CB  HB2  sing N N 111 
GLU CB  HB3  sing N N 112 
GLU CG  CD   sing N N 113 
GLU CG  HG2  sing N N 114 
GLU CG  HG3  sing N N 115 
GLU CD  OE1  doub N N 116 
GLU CD  OE2  sing N N 117 
GLU OE2 HE2  sing N N 118 
GLU OXT HXT  sing N N 119 
GLY N   CA   sing N N 120 
GLY N   H    sing N N 121 
GLY N   H2   sing N N 122 
GLY CA  C    sing N N 123 
GLY CA  HA2  sing N N 124 
GLY CA  HA3  sing N N 125 
GLY C   O    doub N N 126 
GLY C   OXT  sing N N 127 
GLY OXT HXT  sing N N 128 
HIS N   CA   sing N N 129 
HIS N   H    sing N N 130 
HIS N   H2   sing N N 131 
HIS CA  C    sing N N 132 
HIS CA  CB   sing N N 133 
HIS CA  HA   sing N N 134 
HIS C   O    doub N N 135 
HIS C   OXT  sing N N 136 
HIS CB  CG   sing N N 137 
HIS CB  HB2  sing N N 138 
HIS CB  HB3  sing N N 139 
HIS CG  ND1  sing Y N 140 
HIS CG  CD2  doub Y N 141 
HIS ND1 CE1  doub Y N 142 
HIS ND1 HD1  sing N N 143 
HIS CD2 NE2  sing Y N 144 
HIS CD2 HD2  sing N N 145 
HIS CE1 NE2  sing Y N 146 
HIS CE1 HE1  sing N N 147 
HIS NE2 HE2  sing N N 148 
HIS OXT HXT  sing N N 149 
HOH O   H1   sing N N 150 
HOH O   H2   sing N N 151 
ILE N   CA   sing N N 152 
ILE N   H    sing N N 153 
ILE N   H2   sing N N 154 
ILE CA  C    sing N N 155 
ILE CA  CB   sing N N 156 
ILE CA  HA   sing N N 157 
ILE C   O    doub N N 158 
ILE C   OXT  sing N N 159 
ILE CB  CG1  sing N N 160 
ILE CB  CG2  sing N N 161 
ILE CB  HB   sing N N 162 
ILE CG1 CD1  sing N N 163 
ILE CG1 HG12 sing N N 164 
ILE CG1 HG13 sing N N 165 
ILE CG2 HG21 sing N N 166 
ILE CG2 HG22 sing N N 167 
ILE CG2 HG23 sing N N 168 
ILE CD1 HD11 sing N N 169 
ILE CD1 HD12 sing N N 170 
ILE CD1 HD13 sing N N 171 
ILE OXT HXT  sing N N 172 
LEU N   CA   sing N N 173 
LEU N   H    sing N N 174 
LEU N   H2   sing N N 175 
LEU CA  C    sing N N 176 
LEU CA  CB   sing N N 177 
LEU CA  HA   sing N N 178 
LEU C   O    doub N N 179 
LEU C   OXT  sing N N 180 
LEU CB  CG   sing N N 181 
LEU CB  HB2  sing N N 182 
LEU CB  HB3  sing N N 183 
LEU CG  CD1  sing N N 184 
LEU CG  CD2  sing N N 185 
LEU CG  HG   sing N N 186 
LEU CD1 HD11 sing N N 187 
LEU CD1 HD12 sing N N 188 
LEU CD1 HD13 sing N N 189 
LEU CD2 HD21 sing N N 190 
LEU CD2 HD22 sing N N 191 
LEU CD2 HD23 sing N N 192 
LEU OXT HXT  sing N N 193 
LYS N   CA   sing N N 194 
LYS N   H    sing N N 195 
LYS N   H2   sing N N 196 
LYS CA  C    sing N N 197 
LYS CA  CB   sing N N 198 
LYS CA  HA   sing N N 199 
LYS C   O    doub N N 200 
LYS C   OXT  sing N N 201 
LYS CB  CG   sing N N 202 
LYS CB  HB2  sing N N 203 
LYS CB  HB3  sing N N 204 
LYS CG  CD   sing N N 205 
LYS CG  HG2  sing N N 206 
LYS CG  HG3  sing N N 207 
LYS CD  CE   sing N N 208 
LYS CD  HD2  sing N N 209 
LYS CD  HD3  sing N N 210 
LYS CE  NZ   sing N N 211 
LYS CE  HE2  sing N N 212 
LYS CE  HE3  sing N N 213 
LYS NZ  HZ1  sing N N 214 
LYS NZ  HZ2  sing N N 215 
LYS NZ  HZ3  sing N N 216 
LYS OXT HXT  sing N N 217 
MET N   CA   sing N N 218 
MET N   H    sing N N 219 
MET N   H2   sing N N 220 
MET CA  C    sing N N 221 
MET CA  CB   sing N N 222 
MET CA  HA   sing N N 223 
MET C   O    doub N N 224 
MET C   OXT  sing N N 225 
MET CB  CG   sing N N 226 
MET CB  HB2  sing N N 227 
MET CB  HB3  sing N N 228 
MET CG  SD   sing N N 229 
MET CG  HG2  sing N N 230 
MET CG  HG3  sing N N 231 
MET SD  CE   sing N N 232 
MET CE  HE1  sing N N 233 
MET CE  HE2  sing N N 234 
MET CE  HE3  sing N N 235 
MET OXT HXT  sing N N 236 
PHE N   CA   sing N N 237 
PHE N   H    sing N N 238 
PHE N   H2   sing N N 239 
PHE CA  C    sing N N 240 
PHE CA  CB   sing N N 241 
PHE CA  HA   sing N N 242 
PHE C   O    doub N N 243 
PHE C   OXT  sing N N 244 
PHE CB  CG   sing N N 245 
PHE CB  HB2  sing N N 246 
PHE CB  HB3  sing N N 247 
PHE CG  CD1  doub Y N 248 
PHE CG  CD2  sing Y N 249 
PHE CD1 CE1  sing Y N 250 
PHE CD1 HD1  sing N N 251 
PHE CD2 CE2  doub Y N 252 
PHE CD2 HD2  sing N N 253 
PHE CE1 CZ   doub Y N 254 
PHE CE1 HE1  sing N N 255 
PHE CE2 CZ   sing Y N 256 
PHE CE2 HE2  sing N N 257 
PHE CZ  HZ   sing N N 258 
PHE OXT HXT  sing N N 259 
PRO N   CA   sing N N 260 
PRO N   CD   sing N N 261 
PRO N   H    sing N N 262 
PRO CA  C    sing N N 263 
PRO CA  CB   sing N N 264 
PRO CA  HA   sing N N 265 
PRO C   O    doub N N 266 
PRO C   OXT  sing N N 267 
PRO CB  CG   sing N N 268 
PRO CB  HB2  sing N N 269 
PRO CB  HB3  sing N N 270 
PRO CG  CD   sing N N 271 
PRO CG  HG2  sing N N 272 
PRO CG  HG3  sing N N 273 
PRO CD  HD2  sing N N 274 
PRO CD  HD3  sing N N 275 
PRO OXT HXT  sing N N 276 
SER N   CA   sing N N 277 
SER N   H    sing N N 278 
SER N   H2   sing N N 279 
SER CA  C    sing N N 280 
SER CA  CB   sing N N 281 
SER CA  HA   sing N N 282 
SER C   O    doub N N 283 
SER C   OXT  sing N N 284 
SER CB  OG   sing N N 285 
SER CB  HB2  sing N N 286 
SER CB  HB3  sing N N 287 
SER OG  HG   sing N N 288 
SER OXT HXT  sing N N 289 
THR N   CA   sing N N 290 
THR N   H    sing N N 291 
THR N   H2   sing N N 292 
THR CA  C    sing N N 293 
THR CA  CB   sing N N 294 
THR CA  HA   sing N N 295 
THR C   O    doub N N 296 
THR C   OXT  sing N N 297 
THR CB  OG1  sing N N 298 
THR CB  CG2  sing N N 299 
THR CB  HB   sing N N 300 
THR OG1 HG1  sing N N 301 
THR CG2 HG21 sing N N 302 
THR CG2 HG22 sing N N 303 
THR CG2 HG23 sing N N 304 
THR OXT HXT  sing N N 305 
TRP N   CA   sing N N 306 
TRP N   H    sing N N 307 
TRP N   H2   sing N N 308 
TRP CA  C    sing N N 309 
TRP CA  CB   sing N N 310 
TRP CA  HA   sing N N 311 
TRP C   O    doub N N 312 
TRP C   OXT  sing N N 313 
TRP CB  CG   sing N N 314 
TRP CB  HB2  sing N N 315 
TRP CB  HB3  sing N N 316 
TRP CG  CD1  doub Y N 317 
TRP CG  CD2  sing Y N 318 
TRP CD1 NE1  sing Y N 319 
TRP CD1 HD1  sing N N 320 
TRP CD2 CE2  doub Y N 321 
TRP CD2 CE3  sing Y N 322 
TRP NE1 CE2  sing Y N 323 
TRP NE1 HE1  sing N N 324 
TRP CE2 CZ2  sing Y N 325 
TRP CE3 CZ3  doub Y N 326 
TRP CE3 HE3  sing N N 327 
TRP CZ2 CH2  doub Y N 328 
TRP CZ2 HZ2  sing N N 329 
TRP CZ3 CH2  sing Y N 330 
TRP CZ3 HZ3  sing N N 331 
TRP CH2 HH2  sing N N 332 
TRP OXT HXT  sing N N 333 
TYR N   CA   sing N N 334 
TYR N   H    sing N N 335 
TYR N   H2   sing N N 336 
TYR CA  C    sing N N 337 
TYR CA  CB   sing N N 338 
TYR CA  HA   sing N N 339 
TYR C   O    doub N N 340 
TYR C   OXT  sing N N 341 
TYR CB  CG   sing N N 342 
TYR CB  HB2  sing N N 343 
TYR CB  HB3  sing N N 344 
TYR CG  CD1  doub Y N 345 
TYR CG  CD2  sing Y N 346 
TYR CD1 CE1  sing Y N 347 
TYR CD1 HD1  sing N N 348 
TYR CD2 CE2  doub Y N 349 
TYR CD2 HD2  sing N N 350 
TYR CE1 CZ   doub Y N 351 
TYR CE1 HE1  sing N N 352 
TYR CE2 CZ   sing Y N 353 
TYR CE2 HE2  sing N N 354 
TYR CZ  OH   sing N N 355 
TYR OH  HH   sing N N 356 
TYR OXT HXT  sing N N 357 
V2R F07 C06  sing N N 358 
V2R C05 C06  doub Y N 359 
V2R C05 C04  sing Y N 360 
V2R C06 C08  sing Y N 361 
V2R C04 N03  sing Y N 362 
V2R C04 C10  doub Y N 363 
V2R N03 C02  doub Y N 364 
V2R C08 C09  doub Y N 365 
V2R C02 N01  sing N N 366 
V2R C02 O11  sing Y N 367 
V2R C10 C09  sing Y N 368 
V2R C10 O11  sing Y N 369 
V2R C05 H1   sing N N 370 
V2R C08 H2   sing N N 371 
V2R C09 H3   sing N N 372 
V2R N01 H4   sing N N 373 
V2R N01 H5   sing N N 374 
VAL N   CA   sing N N 375 
VAL N   H    sing N N 376 
VAL N   H2   sing N N 377 
VAL CA  C    sing N N 378 
VAL CA  CB   sing N N 379 
VAL CA  HA   sing N N 380 
VAL C   O    doub N N 381 
VAL C   OXT  sing N N 382 
VAL CB  CG1  sing N N 383 
VAL CB  CG2  sing N N 384 
VAL CB  HB   sing N N 385 
VAL CG1 HG11 sing N N 386 
VAL CG1 HG12 sing N N 387 
VAL CG1 HG13 sing N N 388 
VAL CG2 HG21 sing N N 389 
VAL CG2 HG22 sing N N 390 
VAL CG2 HG23 sing N N 391 
VAL OXT HXT  sing N N 392 
# 
_pdbx_audit_support.funding_organization   'Not funded' 
_pdbx_audit_support.country                ? 
_pdbx_audit_support.grant_number           ? 
_pdbx_audit_support.ordinal                1 
# 
_pdbx_entity_instance_feature.ordinal        1 
_pdbx_entity_instance_feature.comp_id        V2R 
_pdbx_entity_instance_feature.asym_id        ? 
_pdbx_entity_instance_feature.seq_num        ? 
_pdbx_entity_instance_feature.auth_comp_id   V2R 
_pdbx_entity_instance_feature.auth_asym_id   ? 
_pdbx_entity_instance_feature.auth_seq_num   ? 
_pdbx_entity_instance_feature.feature_type   'SUBJECT OF INVESTIGATION' 
_pdbx_entity_instance_feature.details        ? 
# 
_pdbx_initial_refinement_model.id               1 
_pdbx_initial_refinement_model.entity_id_list   ? 
_pdbx_initial_refinement_model.type             'experimental model' 
_pdbx_initial_refinement_model.source_name      PDB 
_pdbx_initial_refinement_model.accession_code   5NGZ 
_pdbx_initial_refinement_model.details          ? 
# 
_atom_sites.entry_id                    8JVD 
_atom_sites.Cartn_transf_matrix[1][1]   ? 
_atom_sites.Cartn_transf_matrix[1][2]   ? 
_atom_sites.Cartn_transf_matrix[1][3]   ? 
_atom_sites.Cartn_transf_matrix[2][1]   ? 
_atom_sites.Cartn_transf_matrix[2][2]   ? 
_atom_sites.Cartn_transf_matrix[2][3]   ? 
_atom_sites.Cartn_transf_matrix[3][1]   ? 
_atom_sites.Cartn_transf_matrix[3][2]   ? 
_atom_sites.Cartn_transf_matrix[3][3]   ? 
_atom_sites.Cartn_transf_vector[1]      ? 
_atom_sites.Cartn_transf_vector[2]      ? 
_atom_sites.Cartn_transf_vector[3]      ? 
_atom_sites.fract_transf_matrix[1][1]   -0.01539542 
_atom_sites.fract_transf_matrix[1][2]   -0.00540333 
_atom_sites.fract_transf_matrix[1][3]   0.00829366 
_atom_sites.fract_transf_matrix[2][1]   -0.00795884 
_atom_sites.fract_transf_matrix[2][2]   0.01587517 
_atom_sites.fract_transf_matrix[2][3]   -0.00443121 
_atom_sites.fract_transf_matrix[3][1]   -0.00175986 
_atom_sites.fract_transf_matrix[3][2]   -0.00219293 
_atom_sites.fract_transf_matrix[3][3]   -0.00469550 
_atom_sites.fract_transf_vector[1]      -0.323523 
_atom_sites.fract_transf_vector[2]      -0.061578 
_atom_sites.fract_transf_vector[3]      -0.061088 
_atom_sites.solution_primary            ? 
_atom_sites.solution_secondary          ? 
_atom_sites.solution_hydrogens          ? 
_atom_sites.special_details             ? 
# 
loop_
_atom_type.symbol 
C 
F 
N 
O 
S 
# 
loop_
_atom_site.group_PDB 
_atom_site.id 
_atom_site.type_symbol 
_atom_site.label_atom_id 
_atom_site.label_alt_id 
_atom_site.label_comp_id 
_atom_site.label_asym_id 
_atom_site.label_entity_id 
_atom_site.label_seq_id 
_atom_site.pdbx_PDB_ins_code 
_atom_site.Cartn_x 
_atom_site.Cartn_y 
_atom_site.Cartn_z 
_atom_site.occupancy 
_atom_site.B_iso_or_equiv 
_atom_site.pdbx_formal_charge 
_atom_site.auth_seq_id 
_atom_site.auth_comp_id 
_atom_site.auth_asym_id 
_atom_site.auth_atom_id 
_atom_site.pdbx_PDB_model_num 
ATOM   1    N N   . SER A 1 2   ? -3.777  -2.396  25.159  1.00 66.13  ? 0   SER A N   1 
ATOM   2    C CA  . SER A 1 2   ? -2.451  -2.458  25.764  1.00 68.75  ? 0   SER A CA  1 
ATOM   3    C C   . SER A 1 2   ? -1.737  -1.085  25.758  1.00 72.94  ? 0   SER A C   1 
ATOM   4    O O   . SER A 1 2   ? -1.724  -0.379  24.737  1.00 61.95  ? 0   SER A O   1 
ATOM   5    C CB  . SER A 1 2   ? -1.613  -3.518  25.041  1.00 62.95  ? 0   SER A CB  1 
ATOM   6    O OG  . SER A 1 2   ? -0.238  -3.174  25.027  1.00 65.46  ? 0   SER A OG  1 
ATOM   7    N N   . MET A 1 3   ? -1.153  -0.709  26.903  1.00 66.94  ? 1   MET A N   1 
ATOM   8    C CA  . MET A 1 3   ? -0.450  0.571   26.990  1.00 67.79  ? 1   MET A CA  1 
ATOM   9    C C   . MET A 1 3   ? 0.769   0.602   26.077  1.00 61.76  ? 1   MET A C   1 
ATOM   10   O O   . MET A 1 3   ? 1.112   1.661   25.538  1.00 48.12  ? 1   MET A O   1 
ATOM   11   C CB  . MET A 1 3   ? -0.037  0.863   28.435  1.00 70.29  ? 1   MET A CB  1 
ATOM   12   C CG  . MET A 1 3   ? 1.032   1.953   28.581  1.00 80.97  ? 1   MET A CG  1 
ATOM   13   S SD  . MET A 1 3   ? 0.381   3.563   29.099  1.00 121.19 ? 1   MET A SD  1 
ATOM   14   C CE  . MET A 1 3   ? 0.866   3.608   30.827  1.00 75.15  ? 1   MET A CE  1 
ATOM   15   N N   . GLN A 1 4   ? 1.428   -0.545  25.895  1.00 61.22  ? 2   GLN A N   1 
ATOM   16   C CA  . GLN A 1 4   ? 2.514   -0.643  24.923  1.00 61.49  ? 2   GLN A CA  1 
ATOM   17   C C   . GLN A 1 4   ? 2.027   -0.261  23.526  1.00 44.82  ? 2   GLN A C   1 
ATOM   18   O O   . GLN A 1 4   ? 2.657   0.545   22.833  1.00 47.86  ? 2   GLN A O   1 
ATOM   19   C CB  . GLN A 1 4   ? 3.069   -2.070  24.943  1.00 63.79  ? 2   GLN A CB  1 
ATOM   20   C CG  . GLN A 1 4   ? 4.180   -2.382  23.956  1.00 73.61  ? 2   GLN A CG  1 
ATOM   21   C CD  . GLN A 1 4   ? 4.808   -3.749  24.238  1.00 76.19  ? 2   GLN A CD  1 
ATOM   22   O OE1 . GLN A 1 4   ? 6.004   -3.862  24.483  1.00 70.92  ? 2   GLN A OE1 1 
ATOM   23   N NE2 . GLN A 1 4   ? 3.983   -4.787  24.231  1.00 81.27  ? 2   GLN A NE2 1 
ATOM   24   N N   . ARG A 1 5   ? 0.901   -0.831  23.119  1.00 47.73  ? 3   ARG A N   1 
ATOM   25   C CA  . ARG A 1 5   ? 0.356   -0.571  21.788  1.00 47.40  ? 3   ARG A CA  1 
ATOM   26   C C   . ARG A 1 5   ? -0.019  0.898   21.649  1.00 47.45  ? 3   ARG A C   1 
ATOM   27   O O   . ARG A 1 5   ? 0.321   1.541   20.652  1.00 44.67  ? 3   ARG A O   1 
ATOM   28   C CB  . ARG A 1 5   ? -0.845  -1.467  21.547  1.00 46.34  ? 3   ARG A CB  1 
ATOM   29   C CG  . ARG A 1 5   ? -1.526  -1.320  20.173  1.00 41.83  ? 3   ARG A CG  1 
ATOM   30   C CD  . ARG A 1 5   ? -2.522  -2.430  20.055  1.00 51.18  ? 3   ARG A CD  1 
ATOM   31   N NE  . ARG A 1 5   ? -3.402  -2.399  18.890  1.00 50.16  ? 3   ARG A NE  1 
ATOM   32   C CZ  . ARG A 1 5   ? -4.514  -1.677  18.820  1.00 49.89  ? 3   ARG A CZ  1 
ATOM   33   N NH1 . ARG A 1 5   ? -4.867  -0.904  19.835  1.00 52.01  ? 3   ARG A NH1 1 
ATOM   34   N NH2 . ARG A 1 5   ? -5.282  -1.737  17.755  1.00 47.42  ? 3   ARG A NH2 1 
ATOM   35   N N   . ALA A 1 6   ? -0.680  1.457   22.676  1.00 45.39  ? 4   ALA A N   1 
ATOM   36   C CA  . ALA A 1 6   ? -1.128  2.845   22.608  1.00 39.60  ? 4   ALA A CA  1 
ATOM   37   C C   . ALA A 1 6   ? 0.050   3.806   22.548  1.00 42.08  ? 4   ALA A C   1 
ATOM   38   O O   . ALA A 1 6   ? 0.028   4.769   21.783  1.00 38.92  ? 4   ALA A O   1 
ATOM   39   C CB  . ALA A 1 6   ? -2.028  3.176   23.799  1.00 42.29  ? 4   ALA A CB  1 
ATOM   40   N N   . SER A 1 7   ? 1.085   3.587   23.357  1.00 38.87  ? 5   SER A N   1 
ATOM   41   C CA  . SER A 1 7   ? 2.211   4.515   23.317  1.00 33.46  ? 5   SER A CA  1 
ATOM   42   C C   . SER A 1 7   ? 2.934   4.432   21.982  1.00 35.51  ? 5   SER A C   1 
ATOM   43   O O   . SER A 1 7   ? 3.428   5.441   21.450  1.00 34.53  ? 5   SER A O   1 
ATOM   44   C CB  . SER A 1 7   ? 3.163   4.214   24.476  1.00 45.01  ? 5   SER A CB  1 
ATOM   45   O OG  . SER A 1 7   ? 2.391   3.965   25.640  1.00 56.77  ? 5   SER A OG  1 
ATOM   46   N N   . ARG A 1 8   ? 3.066   3.223   21.458  1.00 36.94  ? 6   ARG A N   1 
ATOM   47   C CA  . ARG A 1 8   ? 3.666   3.061   20.140  1.00 35.85  ? 6   ARG A CA  1 
ATOM   48   C C   . ARG A 1 8   ? 2.842   3.746   19.035  1.00 30.67  ? 6   ARG A C   1 
ATOM   49   O O   . ARG A 1 8   ? 3.411   4.396   18.147  1.00 36.63  ? 6   ARG A O   1 
ATOM   50   C CB  . ARG A 1 8   ? 3.821   1.579   19.854  1.00 32.75  ? 6   ARG A CB  1 
ATOM   51   C CG  . ARG A 1 8   ? 3.981   1.301   18.388  1.00 38.39  ? 6   ARG A CG  1 
ATOM   52   C CD  . ARG A 1 8   ? 5.157   0.478   18.118  1.00 39.90  ? 6   ARG A CD  1 
ATOM   53   N NE  . ARG A 1 8   ? 5.334   0.265   16.680  1.00 39.86  ? 6   ARG A NE  1 
ATOM   54   C CZ  . ARG A 1 8   ? 6.316   -0.468  16.180  1.00 44.41  ? 6   ARG A CZ  1 
ATOM   55   N NH1 . ARG A 1 8   ? 7.180   -1.056  17.003  1.00 37.43  ? 6   ARG A NH1 1 
ATOM   56   N NH2 . ARG A 1 8   ? 6.414   -0.633  14.869  1.00 38.77  ? 6   ARG A NH2 1 
ATOM   57   N N   . LEU A 1 9   ? 1.518   3.620   19.077  1.00 30.96  ? 7   LEU A N   1 
ATOM   58   C CA  . LEU A 1 9   ? 0.707   4.278   18.047  1.00 33.64  ? 7   LEU A CA  1 
ATOM   59   C C   . LEU A 1 9   ? 0.758   5.802   18.172  1.00 35.68  ? 7   LEU A C   1 
ATOM   60   O O   . LEU A 1 9   ? 0.730   6.504   17.157  1.00 33.08  ? 7   LEU A O   1 
ATOM   61   C CB  . LEU A 1 9   ? -0.729  3.780   18.135  1.00 32.44  ? 7   LEU A CB  1 
ATOM   62   C CG  . LEU A 1 9   ? -0.959  2.347   17.613  1.00 32.10  ? 7   LEU A CG  1 
ATOM   63   C CD1 . LEU A 1 9   ? -2.365  1.879   17.840  1.00 34.73  ? 7   LEU A CD1 1 
ATOM   64   C CD2 . LEU A 1 9   ? -0.669  2.287   16.102  1.00 39.91  ? 7   LEU A CD2 1 
ATOM   65   N N   . LYS A 1 10  ? 0.852   6.342   19.404  1.00 33.72  ? 8   LYS A N   1 
ATOM   66   C CA  . LYS A 1 10  ? 0.975   7.797   19.519  1.00 30.96  ? 8   LYS A CA  1 
ATOM   67   C C   . LYS A 1 10  ? 2.252   8.289   18.869  1.00 33.42  ? 8   LYS A C   1 
ATOM   68   O O   . LYS A 1 10  ? 2.261   9.319   18.184  1.00 33.33  ? 8   LYS A O   1 
ATOM   69   C CB  . LYS A 1 10  ? 0.972   8.231   21.002  1.00 28.17  ? 8   LYS A CB  1 
ATOM   70   C CG  . LYS A 1 10  ? -0.323  8.033   21.675  1.00 32.80  ? 8   LYS A CG  1 
ATOM   71   C CD  . LYS A 1 10  ? -0.055  8.556   23.111  1.00 47.56  ? 8   LYS A CD  1 
ATOM   72   C CE  . LYS A 1 10  ? -1.206  8.502   24.066  1.00 60.24  ? 8   LYS A CE  1 
ATOM   73   N NZ  . LYS A 1 10  ? -2.315  7.677   23.601  1.00 61.28  ? 8   LYS A NZ  1 
ATOM   74   N N   . ARG A 1 11  ? 3.351   7.564   19.066  1.00 30.90  ? 9   ARG A N   1 
ATOM   75   C CA  . ARG A 1 11  ? 4.596   7.969   18.438  1.00 30.14  ? 9   ARG A CA  1 
ATOM   76   C C   . ARG A 1 11  ? 4.491   7.819   16.920  1.00 29.25  ? 9   ARG A C   1 
ATOM   77   O O   . ARG A 1 11  ? 5.030   8.642   16.161  1.00 33.38  ? 9   ARG A O   1 
ATOM   78   C CB  . ARG A 1 11  ? 5.751   7.137   19.016  1.00 37.02  ? 9   ARG A CB  1 
ATOM   79   C CG  . ARG A 1 11  ? 7.071   7.294   18.313  1.00 47.29  ? 9   ARG A CG  1 
ATOM   80   C CD  . ARG A 1 11  ? 8.140   6.319   18.836  1.00 62.45  ? 9   ARG A CD  1 
ATOM   81   N NE  . ARG A 1 11  ? 8.004   4.923   18.380  1.00 62.04  ? 9   ARG A NE  1 
ATOM   82   C CZ  . ARG A 1 11  ? 8.151   4.468   17.127  1.00 66.17  ? 9   ARG A CZ  1 
ATOM   83   N NH1 . ARG A 1 11  ? 8.020   3.165   16.891  1.00 64.32  ? 9   ARG A NH1 1 
ATOM   84   N NH2 . ARG A 1 11  ? 8.410   5.286   16.103  1.00 66.51  ? 9   ARG A NH2 1 
ATOM   85   N N   . GLU A 1 12  ? 3.866   6.749   16.465  1.00 33.39  ? 10  GLU A N   1 
ATOM   86   C CA  . GLU A 1 12  ? 3.787   6.593   15.016  1.00 31.37  ? 10  GLU A CA  1 
ATOM   87   C C   . GLU A 1 12  ? 2.937   7.697   14.386  1.00 31.88  ? 10  GLU A C   1 
ATOM   88   O O   . GLU A 1 12  ? 3.294   8.248   13.329  1.00 32.34  ? 10  GLU A O   1 
ATOM   89   C CB  . GLU A 1 12  ? 3.228   5.218   14.677  1.00 31.95  ? 10  GLU A CB  1 
ATOM   90   C CG  . GLU A 1 12  ? 4.261   4.176   14.978  1.00 32.44  ? 10  GLU A CG  1 
ATOM   91   C CD  . GLU A 1 12  ? 4.104   2.931   14.077  1.00 36.44  ? 10  GLU A CD  1 
ATOM   92   O OE1 . GLU A 1 12  ? 3.853   3.085   12.860  1.00 34.08  ? 10  GLU A OE1 1 
ATOM   93   O OE2 . GLU A 1 12  ? 4.223   1.809   14.608  1.00 37.14  ? 10  GLU A OE2 1 
ATOM   94   N N   . LEU A 1 13  ? 1.800   8.013   14.997  1.00 32.18  ? 11  LEU A N   1 
ATOM   95   C CA  . LEU A 1 13  ? 0.960   9.075   14.437  1.00 30.82  ? 11  LEU A CA  1 
ATOM   96   C C   . LEU A 1 13  ? 1.684   10.402  14.450  1.00 30.70  ? 11  LEU A C   1 
ATOM   97   O O   . LEU A 1 13  ? 1.554   11.203  13.520  1.00 29.69  ? 11  LEU A O   1 
ATOM   98   C CB  . LEU A 1 13  ? -0.340  9.186   15.214  1.00 31.84  ? 11  LEU A CB  1 
ATOM   99   C CG  . LEU A 1 13  ? -1.243  8.030   14.828  1.00 38.74  ? 11  LEU A CG  1 
ATOM   100  C CD1 . LEU A 1 13  ? -2.376  7.945   15.805  1.00 42.70  ? 11  LEU A CD1 1 
ATOM   101  C CD2 . LEU A 1 13  ? -1.772  8.205   13.411  1.00 37.25  ? 11  LEU A CD2 1 
ATOM   102  N N   . HIS A 1 14  ? 2.443   10.677  15.517  1.00 29.16  ? 12  HIS A N   1 
ATOM   103  C CA  . HIS A 1 14  ? 3.251   11.873  15.494  1.00 30.96  ? 12  HIS A CA  1 
ATOM   104  C C   . HIS A 1 14  ? 4.222   11.899  14.323  1.00 31.38  ? 12  HIS A C   1 
ATOM   105  O O   . HIS A 1 14  ? 4.385   12.933  13.665  1.00 32.04  ? 12  HIS A O   1 
ATOM   106  C CB  . HIS A 1 14  ? 4.032   12.014  16.804  1.00 31.38  ? 12  HIS A CB  1 
ATOM   107  C CG  . HIS A 1 14  ? 4.874   13.231  16.793  1.00 35.35  ? 12  HIS A CG  1 
ATOM   108  N ND1 . HIS A 1 14  ? 6.183   13.225  16.358  1.00 39.74  ? 12  HIS A ND1 1 
ATOM   109  C CD2 . HIS A 1 14  ? 4.558   14.525  17.032  1.00 29.63  ? 12  HIS A CD2 1 
ATOM   110  C CE1 . HIS A 1 14  ? 6.652   14.461  16.374  1.00 32.74  ? 12  HIS A CE1 1 
ATOM   111  N NE2 . HIS A 1 14  ? 5.674   15.269  16.747  1.00 39.52  ? 12  HIS A NE2 1 
ATOM   112  N N   . MET A 1 15  ? 4.899   10.778  14.043  1.00 30.83  ? 13  MET A N   1 
ATOM   113  C CA  . MET A 1 15  ? 5.884   10.783  12.965  1.00 30.21  ? 13  MET A CA  1 
ATOM   114  C C   . MET A 1 15  ? 5.198   10.846  11.597  1.00 30.33  ? 13  MET A C   1 
ATOM   115  O O   . MET A 1 15  ? 5.721   11.470  10.673  1.00 29.77  ? 13  MET A O   1 
ATOM   116  C CB  . MET A 1 15  ? 6.753   9.514   13.017  1.00 35.10  ? 13  MET A CB  1 
ATOM   117  C CG  . MET A 1 15  ? 7.608   9.392   14.294  1.00 43.96  ? 13  MET A CG  1 
ATOM   118  S SD  . MET A 1 15  ? 8.753   10.768  14.347  1.00 44.34  ? 13  MET A SD  1 
ATOM   119  C CE  . MET A 1 15  ? 9.848   10.566  12.935  1.00 49.16  ? 13  MET A CE  1 
ATOM   120  N N   . LEU A 1 16  ? 4.025   10.250  11.496  1.00 30.76  ? 14  LEU A N   1 
ATOM   121  C CA  . LEU A 1 16  ? 3.275   10.315  10.237  1.00 30.96  ? 14  LEU A CA  1 
ATOM   122  C C   . LEU A 1 16  ? 2.750   11.725  10.000  1.00 36.47  ? 14  LEU A C   1 
ATOM   123  O O   . LEU A 1 16  ? 2.693   12.191  8.857   1.00 34.58  ? 14  LEU A O   1 
ATOM   124  C CB  . LEU A 1 16  ? 2.128   9.308   10.271  1.00 30.23  ? 14  LEU A CB  1 
ATOM   125  C CG  . LEU A 1 16  ? 2.547   7.830   10.248  1.00 32.81  ? 14  LEU A CG  1 
ATOM   126  C CD1 . LEU A 1 16  ? 1.321   6.968   10.620  1.00 32.82  ? 14  LEU A CD1 1 
ATOM   127  C CD2 . LEU A 1 16  ? 3.021   7.475   8.856   1.00 36.29  ? 14  LEU A CD2 1 
ATOM   128  N N   . ALA A 1 17  ? 2.421   12.436  11.079  1.00 30.87  ? 15  ALA A N   1 
ATOM   129  C CA  . ALA A 1 17  ? 1.905   13.794  10.967  1.00 37.30  ? 15  ALA A CA  1 
ATOM   130  C C   . ALA A 1 17  ? 2.986   14.802  10.621  1.00 40.76  ? 15  ALA A C   1 
ATOM   131  O O   . ALA A 1 17  ? 2.693   15.798  9.935   1.00 38.21  ? 15  ALA A O   1 
ATOM   132  C CB  . ALA A 1 17  ? 1.211   14.206  12.270  1.00 37.59  ? 15  ALA A CB  1 
ATOM   133  N N   . THR A 1 18  ? 4.220   14.591  11.106  1.00 34.44  ? 16  THR A N   1 
ATOM   134  C CA  . THR A 1 18  ? 5.269   15.591  11.035  1.00 40.08  ? 16  THR A CA  1 
ATOM   135  C C   . THR A 1 18  ? 6.375   15.272  10.057  1.00 44.51  ? 16  THR A C   1 
ATOM   136  O O   . THR A 1 18  ? 6.928   16.205  9.457   1.00 40.94  ? 16  THR A O   1 
ATOM   137  C CB  . THR A 1 18  ? 5.906   15.807  12.418  1.00 40.01  ? 16  THR A CB  1 
ATOM   138  O OG1 . THR A 1 18  ? 6.577   14.608  12.847  1.00 36.42  ? 16  THR A OG1 1 
ATOM   139  C CG2 . THR A 1 18  ? 4.833   16.184  13.442  1.00 39.97  ? 16  THR A CG2 1 
ATOM   140  N N   . GLU A 1 19  ? 6.738   14.002  9.872   1.00 38.28  ? 17  GLU A N   1 
ATOM   141  C CA  . GLU A 1 19  ? 7.735   13.648  8.858   1.00 33.98  ? 17  GLU A CA  1 
ATOM   142  C C   . GLU A 1 19  ? 7.224   12.469  8.018   1.00 35.55  ? 17  GLU A C   1 
ATOM   143  O O   . GLU A 1 19  ? 7.858   11.424  7.904   1.00 38.78  ? 17  GLU A O   1 
ATOM   144  C CB  . GLU A 1 19  ? 9.091   13.368  9.489   1.00 49.21  ? 17  GLU A CB  1 
ATOM   145  C CG  . GLU A 1 19  ? 9.756   14.628  10.195  1.00 50.59  ? 17  GLU A CG  1 
ATOM   146  C CD  . GLU A 1 19  ? 9.875   15.904  9.285   1.00 77.59  ? 17  GLU A CD  1 
ATOM   147  O OE1 . GLU A 1 19  ? 10.023  17.021  9.851   1.00 72.41  ? 17  GLU A OE1 1 
ATOM   148  O OE2 . GLU A 1 19  ? 9.839   15.808  8.026   1.00 73.62  ? 17  GLU A OE2 1 
ATOM   149  N N   . PRO A 1 20  ? 6.068   12.638  7.407   1.00 34.28  ? 18  PRO A N   1 
ATOM   150  C CA  . PRO A 1 20  ? 5.573   11.599  6.488   1.00 35.69  ? 18  PRO A CA  1 
ATOM   151  C C   . PRO A 1 20  ? 6.548   11.373  5.350   1.00 42.11  ? 18  PRO A C   1 
ATOM   152  O O   . PRO A 1 20  ? 7.210   12.318  4.885   1.00 37.69  ? 18  PRO A O   1 
ATOM   153  C CB  . PRO A 1 20  ? 4.252   12.193  5.991   1.00 35.52  ? 18  PRO A CB  1 
ATOM   154  C CG  . PRO A 1 20  ? 4.479   13.618  5.998   1.00 47.09  ? 18  PRO A CG  1 
ATOM   155  C CD  . PRO A 1 20  ? 5.254   13.862  7.287   1.00 37.21  ? 18  PRO A CD  1 
ATOM   156  N N   . PRO A 1 21  ? 6.636   10.144  4.825   1.00 37.68  ? 19  PRO A N   1 
ATOM   157  C CA  . PRO A 1 21  ? 7.458   9.926   3.623   1.00 38.82  ? 19  PRO A CA  1 
ATOM   158  C C   . PRO A 1 21  ? 6.926   10.746  2.456   1.00 34.85  ? 19  PRO A C   1 
ATOM   159  O O   . PRO A 1 21  ? 5.710   10.995  2.355   1.00 40.24  ? 19  PRO A O   1 
ATOM   160  C CB  . PRO A 1 21  ? 7.322   8.415   3.358   1.00 41.02  ? 19  PRO A CB  1 
ATOM   161  C CG  . PRO A 1 21  ? 7.020   7.808   4.733   1.00 42.66  ? 19  PRO A CG  1 
ATOM   162  C CD  . PRO A 1 21  ? 6.182   8.883   5.438   1.00 39.55  ? 19  PRO A CD  1 
ATOM   163  N N   . PRO A 1 22  ? 7.803   11.171  1.554   1.00 36.54  ? 20  PRO A N   1 
ATOM   164  C CA  . PRO A 1 22  ? 7.336   11.939  0.402   1.00 39.70  ? 20  PRO A CA  1 
ATOM   165  C C   . PRO A 1 22  ? 6.268   11.148  -0.330  1.00 45.16  ? 20  PRO A C   1 
ATOM   166  O O   . PRO A 1 22  ? 6.397   9.936   -0.490  1.00 40.29  ? 20  PRO A O   1 
ATOM   167  C CB  . PRO A 1 22  ? 8.595   12.086  -0.459  1.00 42.69  ? 20  PRO A CB  1 
ATOM   168  C CG  . PRO A 1 22  ? 9.716   11.907  0.454   1.00 54.22  ? 20  PRO A CG  1 
ATOM   169  C CD  . PRO A 1 22  ? 9.264   11.027  1.587   1.00 49.57  ? 20  PRO A CD  1 
ATOM   170  N N   . GLY A 1 23  ? 5.204   11.834  -0.735  1.00 35.99  ? 21  GLY A N   1 
ATOM   171  C CA  . GLY A 1 23  ? 4.096   11.225  -1.440  1.00 39.07  ? 21  GLY A CA  1 
ATOM   172  C C   . GLY A 1 23  ? 3.113   10.469  -0.578  1.00 37.68  ? 21  GLY A C   1 
ATOM   173  O O   . GLY A 1 23  ? 2.116   9.961   -1.104  1.00 36.10  ? 21  GLY A O   1 
ATOM   174  N N   . ILE A 1 24  ? 3.353   10.360  0.724   1.00 33.73  ? 22  ILE A N   1 
ATOM   175  C CA  . ILE A 1 24  ? 2.540   9.518   1.584   1.00 32.21  ? 22  ILE A CA  1 
ATOM   176  C C   . ILE A 1 24  ? 1.968   10.344  2.718   1.00 37.10  ? 22  ILE A C   1 
ATOM   177  O O   . ILE A 1 24  ? 2.667   11.180  3.303   1.00 35.35  ? 22  ILE A O   1 
ATOM   178  C CB  . ILE A 1 24  ? 3.380   8.351   2.135   1.00 35.74  ? 22  ILE A CB  1 
ATOM   179  C CG1 . ILE A 1 24  ? 3.755   7.456   0.956   1.00 35.80  ? 22  ILE A CG1 1 
ATOM   180  C CG2 . ILE A 1 24  ? 2.621   7.579   3.190   1.00 39.73  ? 22  ILE A CG2 1 
ATOM   181  C CD1 . ILE A 1 24  ? 4.805   6.456   1.264   1.00 36.64  ? 22  ILE A CD1 1 
ATOM   182  N N   . THR A 1 25  ? 0.696   10.110  3.021   1.00 32.60  ? 23  THR A N   1 
ATOM   183  C CA  . THR A 1 25  ? 0.082   10.742  4.181   1.00 39.09  ? 23  THR A CA  1 
ATOM   184  C C   . THR A 1 25  ? -0.776  9.694   4.874   1.00 35.83  ? 23  THR A C   1 
ATOM   185  O O   . THR A 1 25  ? -1.267  8.755   4.238   1.00 30.55  ? 23  THR A O   1 
ATOM   186  C CB  . THR A 1 25  ? -0.759  11.981  3.796   1.00 46.78  ? 23  THR A CB  1 
ATOM   187  O OG1 . THR A 1 25  ? -1.876  11.579  3.014   1.00 46.45  ? 23  THR A OG1 1 
ATOM   188  C CG2 . THR A 1 25  ? 0.055   12.954  2.975   1.00 46.08  ? 23  THR A CG2 1 
ATOM   189  N N   . CYS A 1 26  ? -0.894  9.801   6.196   1.00 31.36  ? 24  CYS A N   1 
ATOM   190  C CA  . CYS A 1 26  ? -1.644  8.805   6.937   1.00 29.37  ? 24  CYS A CA  1 
ATOM   191  C C   . CYS A 1 26  ? -2.240  9.477   8.172   1.00 30.25  ? 24  CYS A C   1 
ATOM   192  O O   . CYS A 1 26  ? -1.539  10.234  8.862   1.00 32.51  ? 24  CYS A O   1 
ATOM   193  C CB  . CYS A 1 26  ? -0.743  7.623   7.354   1.00 31.45  ? 24  CYS A CB  1 
ATOM   194  S SG  . CYS A 1 26  ? -1.600  6.327   8.243   1.00 35.57  ? 24  CYS A SG  1 
ATOM   195  N N   . TRP A 1 27  ? -3.506  9.180   8.473   1.00 33.71  ? 25  TRP A N   1 
ATOM   196  C CA  . TRP A 1 27  ? -4.212  9.959   9.499   1.00 36.48  ? 25  TRP A CA  1 
ATOM   197  C C   . TRP A 1 27  ? -5.335  9.127   10.124  1.00 31.12  ? 25  TRP A C   1 
ATOM   198  O O   . TRP A 1 27  ? -5.736  8.088   9.601   1.00 33.68  ? 25  TRP A O   1 
ATOM   199  C CB  . TRP A 1 27  ? -4.781  11.244  8.873   1.00 30.14  ? 25  TRP A CB  1 
ATOM   200  C CG  . TRP A 1 27  ? -5.832  10.927  7.844   1.00 32.66  ? 25  TRP A CG  1 
ATOM   201  C CD1 . TRP A 1 27  ? -7.170  10.780  8.066   1.00 36.85  ? 25  TRP A CD1 1 
ATOM   202  C CD2 . TRP A 1 27  ? -5.629  10.706  6.431   1.00 36.50  ? 25  TRP A CD2 1 
ATOM   203  N NE1 . TRP A 1 27  ? -7.808  10.494  6.880   1.00 33.31  ? 25  TRP A NE1 1 
ATOM   204  C CE2 . TRP A 1 27  ? -6.888  10.436  5.867   1.00 34.45  ? 25  TRP A CE2 1 
ATOM   205  C CE3 . TRP A 1 27  ? -4.498  10.686  5.599   1.00 33.13  ? 25  TRP A CE3 1 
ATOM   206  C CZ2 . TRP A 1 27  ? -7.055  10.153  4.492   1.00 35.23  ? 25  TRP A CZ2 1 
ATOM   207  C CZ3 . TRP A 1 27  ? -4.666  10.446  4.244   1.00 36.42  ? 25  TRP A CZ3 1 
ATOM   208  C CH2 . TRP A 1 27  ? -5.928  10.166  3.707   1.00 37.85  ? 25  TRP A CH2 1 
ATOM   209  N N   . GLN A 1 28  ? -5.857  9.595   11.269  1.00 34.30  ? 26  GLN A N   1 
ATOM   210  C CA  . GLN A 1 28  ? -6.971  8.900   11.923  1.00 30.57  ? 26  GLN A CA  1 
ATOM   211  C C   . GLN A 1 28  ? -8.271  9.202   11.194  1.00 40.18  ? 26  GLN A C   1 
ATOM   212  O O   . GLN A 1 28  ? -8.562  10.360  10.879  1.00 48.99  ? 26  GLN A O   1 
ATOM   213  C CB  . GLN A 1 28  ? -7.084  9.314   13.414  1.00 36.10  ? 26  GLN A CB  1 
ATOM   214  C CG  . GLN A 1 28  ? -5.913  8.897   14.225  1.00 37.43  ? 26  GLN A CG  1 
ATOM   215  C CD  . GLN A 1 28  ? -5.933  9.344   15.724  1.00 37.43  ? 26  GLN A CD  1 
ATOM   216  O OE1 . GLN A 1 28  ? -4.922  9.749   16.228  1.00 46.42  ? 26  GLN A OE1 1 
ATOM   217  N NE2 . GLN A 1 28  ? -7.038  9.175   16.405  1.00 42.78  ? 26  GLN A NE2 1 
ATOM   218  N N   . ASP A 1 29  ? -9.050  8.161   10.917  1.00 38.27  ? 27  ASP A N   1 
ATOM   219  C CA  . ASP A 1 29  ? -10.371 8.387   10.349  1.00 45.46  ? 27  ASP A CA  1 
ATOM   220  C C   . ASP A 1 29  ? -11.233 9.197   11.307  1.00 46.46  ? 27  ASP A C   1 
ATOM   221  O O   . ASP A 1 29  ? -11.931 10.129  10.895  1.00 40.87  ? 27  ASP A O   1 
ATOM   222  C CB  . ASP A 1 29  ? -11.042 7.059   10.011  1.00 44.05  ? 27  ASP A CB  1 
ATOM   223  C CG  . ASP A 1 29  ? -12.301 7.238   9.189   1.00 54.34  ? 27  ASP A CG  1 
ATOM   224  O OD1 . ASP A 1 29  ? -12.236 7.852   8.100   1.00 48.80  ? 27  ASP A OD1 1 
ATOM   225  O OD2 . ASP A 1 29  ? -13.359 6.759   9.628   1.00 63.89  ? 27  ASP A OD2 1 
ATOM   226  N N   . LYS A 1 30  ? -11.162 8.885   12.595  1.00 46.20  ? 28  LYS A N   1 
ATOM   227  C CA  . LYS A 1 30  ? -11.986 9.550   13.584  1.00 47.95  ? 28  LYS A CA  1 
ATOM   228  C C   . LYS A 1 30  ? -11.114 9.853   14.800  1.00 49.14  ? 28  LYS A C   1 
ATOM   229  O O   . LYS A 1 30  ? -10.185 10.672  14.708  1.00 57.23  ? 28  LYS A O   1 
ATOM   230  C CB  . LYS A 1 30  ? -13.199 8.679   13.915  1.00 52.43  ? 28  LYS A CB  1 
ATOM   231  N N   . ASP A 1 31  ? -11.386 9.222   15.939  1.00 51.31  ? 29  ASP A N   1 
ATOM   232  C CA  . ASP A 1 31  ? -10.570 9.468   17.130  1.00 49.62  ? 29  ASP A CA  1 
ATOM   233  C C   . ASP A 1 31  ? -9.938  8.176   17.645  1.00 60.79  ? 29  ASP A C   1 
ATOM   234  O O   . ASP A 1 31  ? -9.557  8.099   18.826  1.00 49.95  ? 29  ASP A O   1 
ATOM   235  C CB  . ASP A 1 31  ? -11.411 10.106  18.247  1.00 62.81  ? 29  ASP A CB  1 
ATOM   236  C CG  . ASP A 1 31  ? -12.686 9.336   18.468  1.00 83.06  ? 29  ASP A CG  1 
ATOM   237  O OD1 . ASP A 1 31  ? -13.462 9.652   19.388  1.00 102.57 ? 29  ASP A OD1 1 
ATOM   238  O OD2 . ASP A 1 31  ? -12.845 8.386   17.764  1.00 80.32  ? 29  ASP A OD2 1 
ATOM   239  N N   . GLN A 1 32  ? -9.867  7.141   16.798  1.00 56.88  ? 30  GLN A N   1 
ATOM   240  C CA  . GLN A 1 32  ? -9.264  5.853   17.144  1.00 52.79  ? 30  GLN A CA  1 
ATOM   241  C C   . GLN A 1 32  ? -7.909  5.742   16.446  1.00 50.88  ? 30  GLN A C   1 
ATOM   242  O O   . GLN A 1 32  ? -7.828  5.834   15.219  1.00 45.93  ? 30  GLN A O   1 
ATOM   243  C CB  . GLN A 1 32  ? -10.180 4.705   16.748  1.00 50.45  ? 30  GLN A CB  1 
ATOM   244  C CG  . GLN A 1 32  ? -11.631 4.931   17.184  1.00 62.35  ? 30  GLN A CG  1 
ATOM   245  C CD  . GLN A 1 32  ? -11.839 4.712   18.673  1.00 80.26  ? 30  GLN A CD  1 
ATOM   246  O OE1 . GLN A 1 32  ? -10.907 4.371   19.412  1.00 79.05  ? 30  GLN A OE1 1 
ATOM   247  N NE2 . GLN A 1 32  ? -13.073 4.905   19.126  1.00 78.76  ? 30  GLN A NE2 1 
ATOM   248  N N   . MET A 1 33  ? -6.847  5.532   17.228  1.00 36.25  ? 31  MET A N   1 
ATOM   249  C CA  . MET A 1 33  ? -5.494  5.446   16.692  1.00 42.50  ? 31  MET A CA  1 
ATOM   250  C C   . MET A 1 33  ? -5.258  4.186   15.860  1.00 36.58  ? 31  MET A C   1 
ATOM   251  O O   . MET A 1 33  ? -4.193  4.064   15.246  1.00 39.00  ? 31  MET A O   1 
ATOM   252  C CB  . MET A 1 33  ? -4.467  5.477   17.833  1.00 38.94  ? 31  MET A CB  1 
ATOM   253  C CG  . MET A 1 33  ? -4.376  6.812   18.502  1.00 41.50  ? 31  MET A CG  1 
ATOM   254  S SD  . MET A 1 33  ? -2.893  6.923   19.528  1.00 45.61  ? 31  MET A SD  1 
ATOM   255  C CE  . MET A 1 33  ? -3.369  5.663   20.734  1.00 47.63  ? 31  MET A CE  1 
ATOM   256  N N   . ASP A 1 34  ? -6.185  3.241   15.857  1.00 40.46  ? 32  ASP A N   1 
ATOM   257  C CA  . ASP A 1 34  ? -6.006  2.002   15.109  1.00 46.11  ? 32  ASP A CA  1 
ATOM   258  C C   . ASP A 1 34  ? -6.983  1.865   13.935  1.00 44.59  ? 32  ASP A C   1 
ATOM   259  O O   . ASP A 1 34  ? -7.093  0.781   13.346  1.00 40.29  ? 32  ASP A O   1 
ATOM   260  C CB  . ASP A 1 34  ? -6.125  0.815   16.059  1.00 45.47  ? 32  ASP A CB  1 
ATOM   261  C CG  . ASP A 1 34  ? -7.405  0.830   16.858  1.00 59.40  ? 32  ASP A CG  1 
ATOM   262  O OD1 . ASP A 1 34  ? -8.271  1.714   16.617  1.00 49.42  ? 32  ASP A OD1 1 
ATOM   263  O OD2 . ASP A 1 34  ? -7.527  -0.058  17.726  1.00 54.94  ? 32  ASP A OD2 1 
ATOM   264  N N   . ASP A 1 35  ? -7.690  2.941   13.579  1.00 41.99  ? 33  ASP A N   1 
ATOM   265  C CA  . ASP A 1 35  ? -8.584  2.975   12.416  1.00 43.86  ? 33  ASP A CA  1 
ATOM   266  C C   . ASP A 1 35  ? -8.104  4.147   11.577  1.00 43.56  ? 33  ASP A C   1 
ATOM   267  O O   . ASP A 1 35  ? -8.483  5.299   11.808  1.00 42.91  ? 33  ASP A O   1 
ATOM   268  C CB  . ASP A 1 35  ? -10.030 3.138   12.824  1.00 48.32  ? 33  ASP A CB  1 
ATOM   269  C CG  . ASP A 1 35  ? -10.985 2.955   11.662  1.00 62.94  ? 33  ASP A CG  1 
ATOM   270  O OD1 . ASP A 1 35  ? -10.514 2.798   10.516  1.00 72.10  ? 33  ASP A OD1 1 
ATOM   271  O OD2 . ASP A 1 35  ? -12.208 3.011   11.889  1.00 66.20  ? 33  ASP A OD2 1 
ATOM   272  N N   . LEU A 1 36  ? -7.204  3.876   10.646  1.00 30.27  ? 34  LEU A N   1 
ATOM   273  C CA  . LEU A 1 36  ? -6.481  4.940   9.977   1.00 29.47  ? 34  LEU A CA  1 
ATOM   274  C C   . LEU A 1 36  ? -6.786  4.904   8.493   1.00 34.66  ? 34  LEU A C   1 
ATOM   275  O O   . LEU A 1 36  ? -7.250  3.904   7.959   1.00 32.50  ? 34  LEU A O   1 
ATOM   276  C CB  . LEU A 1 36  ? -4.969  4.840   10.176  1.00 30.90  ? 34  LEU A CB  1 
ATOM   277  C CG  . LEU A 1 36  ? -4.516  4.564   11.614  1.00 33.03  ? 34  LEU A CG  1 
ATOM   278  C CD1 . LEU A 1 36  ? -3.009  4.401   11.639  1.00 28.30  ? 34  LEU A CD1 1 
ATOM   279  C CD2 . LEU A 1 36  ? -4.948  5.744   12.549  1.00 32.63  ? 34  LEU A CD2 1 
ATOM   280  N N   . ARG A 1 37  ? -6.503  6.009   7.838   1.00 31.21  ? 35  ARG A N   1 
ATOM   281  C CA  . ARG A 1 37  ? -6.605  6.077   6.389   1.00 34.03  ? 35  ARG A CA  1 
ATOM   282  C C   . ARG A 1 37  ? -5.261  6.545   5.892   1.00 34.59  ? 35  ARG A C   1 
ATOM   283  O O   . ARG A 1 37  ? -4.492  7.168   6.627   1.00 32.88  ? 35  ARG A O   1 
ATOM   284  C CB  . ARG A 1 37  ? -7.701  7.037   5.952   1.00 34.12  ? 35  ARG A CB  1 
ATOM   285  C CG  . ARG A 1 37  ? -9.054  6.586   6.414   1.00 35.07  ? 35  ARG A CG  1 
ATOM   286  C CD  . ARG A 1 37  ? -9.472  5.268   5.673   1.00 39.69  ? 35  ARG A CD  1 
ATOM   287  N NE  . ARG A 1 37  ? -10.802 4.861   6.120   1.00 43.90  ? 35  ARG A NE  1 
ATOM   288  C CZ  . ARG A 1 37  ? -11.064 4.188   7.241   1.00 47.11  ? 35  ARG A CZ  1 
ATOM   289  N NH1 . ARG A 1 37  ? -10.081 3.784   8.050   1.00 43.19  ? 35  ARG A NH1 1 
ATOM   290  N NH2 . ARG A 1 37  ? -12.324 3.914   7.548   1.00 47.97  ? 35  ARG A NH2 1 
ATOM   291  N N   . ALA A 1 38  ? -4.951  6.226   4.647   1.00 28.06  ? 36  ALA A N   1 
ATOM   292  C CA  . ALA A 1 38  ? -3.707  6.715   4.098   1.00 28.73  ? 36  ALA A CA  1 
ATOM   293  C C   . ALA A 1 38  ? -3.948  7.122   2.660   1.00 30.58  ? 36  ALA A C   1 
ATOM   294  O O   . ALA A 1 38  ? -4.971  6.793   2.055   1.00 31.65  ? 36  ALA A O   1 
ATOM   295  C CB  . ALA A 1 38  ? -2.588  5.665   4.201   1.00 31.76  ? 36  ALA A CB  1 
ATOM   296  N N   . GLN A 1 39  ? -2.992  7.868   2.139   1.00 31.16  ? 37  GLN A N   1 
ATOM   297  C CA  . GLN A 1 39  ? -3.054  8.269   0.752   1.00 36.44  ? 37  GLN A CA  1 
ATOM   298  C C   . GLN A 1 39  ? -1.658  8.186   0.177   1.00 30.60  ? 37  GLN A C   1 
ATOM   299  O O   . GLN A 1 39  ? -0.705  8.638   0.803   1.00 31.96  ? 37  GLN A O   1 
ATOM   300  C CB  . GLN A 1 39  ? -3.605  9.707   0.689   1.00 42.79  ? 37  GLN A CB  1 
ATOM   301  C CG  . GLN A 1 39  ? -3.411  10.373  -0.602  1.00 54.07  ? 37  GLN A CG  1 
ATOM   302  C CD  . GLN A 1 39  ? -3.864  11.808  -0.532  1.00 42.07  ? 37  GLN A CD  1 
ATOM   303  O OE1 . GLN A 1 39  ? -5.046  12.069  -0.382  1.00 38.09  ? 37  GLN A OE1 1 
ATOM   304  N NE2 . GLN A 1 39  ? -2.940  12.723  -0.722  1.00 34.43  ? 37  GLN A NE2 1 
ATOM   305  N N   . ILE A 1 40  ? -1.525  7.616   -1.027  1.00 31.42  ? 38  ILE A N   1 
ATOM   306  C CA  . ILE A 1 40  ? -0.253  7.587   -1.729  1.00 31.16  ? 38  ILE A CA  1 
ATOM   307  C C   . ILE A 1 40  ? -0.459  8.272   -3.070  1.00 35.65  ? 38  ILE A C   1 
ATOM   308  O O   . ILE A 1 40  ? -1.344  7.880   -3.828  1.00 36.86  ? 38  ILE A O   1 
ATOM   309  C CB  . ILE A 1 40  ? 0.253   6.144   -1.954  1.00 30.89  ? 38  ILE A CB  1 
ATOM   310  C CG1 . ILE A 1 40  ? 0.518   5.435   -0.616  1.00 29.19  ? 38  ILE A CG1 1 
ATOM   311  C CG2 . ILE A 1 40  ? 1.545   6.144   -2.781  1.00 32.36  ? 38  ILE A CG2 1 
ATOM   312  C CD1 . ILE A 1 40  ? 1.008   3.956   -0.859  1.00 31.33  ? 38  ILE A CD1 1 
ATOM   313  N N   . LEU A 1 41  ? 0.377   9.254   -3.377  1.00 35.02  ? 39  LEU A N   1 
ATOM   314  C CA  . LEU A 1 41  ? 0.333   9.883   -4.701  1.00 37.37  ? 39  LEU A CA  1 
ATOM   315  C C   . LEU A 1 41  ? 0.967   8.982   -5.743  1.00 39.99  ? 39  LEU A C   1 
ATOM   316  O O   . LEU A 1 41  ? 2.005   8.359   -5.491  1.00 42.67  ? 39  LEU A O   1 
ATOM   317  C CB  . LEU A 1 41  ? 1.089   11.215  -4.694  1.00 43.38  ? 39  LEU A CB  1 
ATOM   318  C CG  . LEU A 1 41  ? 0.615   12.202  -3.663  1.00 37.97  ? 39  LEU A CG  1 
ATOM   319  C CD1 . LEU A 1 41  ? 1.479   13.468  -3.707  1.00 42.27  ? 39  LEU A CD1 1 
ATOM   320  C CD2 . LEU A 1 41  ? -0.889  12.487  -3.838  1.00 41.05  ? 39  LEU A CD2 1 
ATOM   321  N N   . GLY A 1 42  ? 0.368   8.948   -6.934  1.00 39.87  ? 40  GLY A N   1 
ATOM   322  C CA  . GLY A 1 42  ? 1.006   8.249   -8.036  1.00 39.75  ? 40  GLY A CA  1 
ATOM   323  C C   . GLY A 1 42  ? 2.390   8.775   -8.324  1.00 45.07  ? 40  GLY A C   1 
ATOM   324  O O   . GLY A 1 42  ? 2.590   9.994   -8.391  1.00 52.77  ? 40  GLY A O   1 
ATOM   325  N N   . GLY A 1 43  ? 3.369   7.881   -8.428  1.00 38.98  ? 41  GLY A N   1 
ATOM   326  C CA  . GLY A 1 43  ? 4.727   8.315   -8.677  1.00 40.10  ? 41  GLY A CA  1 
ATOM   327  C C   . GLY A 1 43  ? 4.887   8.862   -10.085 1.00 54.47  ? 41  GLY A C   1 
ATOM   328  O O   . GLY A 1 43  ? 4.251   8.406   -11.031 1.00 48.91  ? 41  GLY A O   1 
ATOM   329  N N   . ALA A 1 44  ? 5.733   9.877   -10.228 1.00 53.40  ? 42  ALA A N   1 
ATOM   330  C CA  . ALA A 1 44  ? 6.096   10.329  -11.562 1.00 61.54  ? 42  ALA A CA  1 
ATOM   331  C C   . ALA A 1 44  ? 6.873   9.230   -12.286 1.00 59.30  ? 42  ALA A C   1 
ATOM   332  O O   . ALA A 1 44  ? 7.597   8.438   -11.663 1.00 59.91  ? 42  ALA A O   1 
ATOM   333  C CB  . ALA A 1 44  ? 6.908   11.619  -11.489 1.00 69.27  ? 42  ALA A CB  1 
ATOM   334  N N   . ASN A 1 45  ? 6.655   9.145   -13.602 1.00 67.18  ? 43  ASN A N   1 
ATOM   335  C CA  . ASN A 1 45  ? 7.284   8.137   -14.453 1.00 71.17  ? 43  ASN A CA  1 
ATOM   336  C C   . ASN A 1 45  ? 6.828   6.725   -14.071 1.00 63.22  ? 43  ASN A C   1 
ATOM   337  O O   . ASN A 1 45  ? 7.563   5.741   -14.212 1.00 61.67  ? 43  ASN A O   1 
ATOM   338  C CB  . ASN A 1 45  ? 8.803   8.275   -14.375 1.00 68.86  ? 43  ASN A CB  1 
ATOM   339  C CG  . ASN A 1 45  ? 9.277   9.656   -14.789 1.00 76.62  ? 43  ASN A CG  1 
ATOM   340  O OD1 . ASN A 1 45  ? 10.307  10.120  -14.303 1.00 91.12  ? 43  ASN A OD1 1 
ATOM   341  N ND2 . ASN A 1 45  ? 8.545   10.311  -15.706 1.00 79.94  ? 43  ASN A ND2 1 
ATOM   342  N N   . THR A 1 46  ? 5.624   6.634   -13.530 1.00 53.60  ? 44  THR A N   1 
ATOM   343  C CA  . THR A 1 46  ? 4.863   5.406   -13.411 1.00 51.64  ? 44  THR A CA  1 
ATOM   344  C C   . THR A 1 46  ? 3.527   5.675   -14.071 1.00 40.95  ? 44  THR A C   1 
ATOM   345  O O   . THR A 1 46  ? 3.160   6.838   -14.272 1.00 43.37  ? 44  THR A O   1 
ATOM   346  C CB  . THR A 1 46  ? 4.645   4.975   -11.947 1.00 52.10  ? 44  THR A CB  1 
ATOM   347  O OG1 . THR A 1 46  ? 3.573   5.723   -11.381 1.00 42.96  ? 44  THR A OG1 1 
ATOM   348  C CG2 . THR A 1 46  ? 5.889   5.160   -11.128 1.00 45.34  ? 44  THR A CG2 1 
ATOM   349  N N   . PRO A 1 47  ? 2.768   4.632   -14.442 1.00 40.53  ? 45  PRO A N   1 
ATOM   350  C CA  . PRO A 1 47  ? 1.456   4.876   -15.050 1.00 35.81  ? 45  PRO A CA  1 
ATOM   351  C C   . PRO A 1 47  ? 0.411   5.394   -14.086 1.00 40.45  ? 45  PRO A C   1 
ATOM   352  O O   . PRO A 1 47  ? -0.695  5.745   -14.531 1.00 38.36  ? 45  PRO A O   1 
ATOM   353  C CB  . PRO A 1 47  ? 1.053   3.485   -15.607 1.00 40.63  ? 45  PRO A CB  1 
ATOM   354  C CG  . PRO A 1 47  ? 1.845   2.498   -14.748 1.00 42.32  ? 45  PRO A CG  1 
ATOM   355  C CD  . PRO A 1 47  ? 3.156   3.208   -14.475 1.00 38.35  ? 45  PRO A CD  1 
ATOM   356  N N   . TYR A 1 48  ? 0.701   5.411   -12.787 1.00 35.65  ? 46  TYR A N   1 
ATOM   357  C CA  . TYR A 1 48  ? -0.216  5.909   -11.783 1.00 38.95  ? 46  TYR A CA  1 
ATOM   358  C C   . TYR A 1 48  ? -0.024  7.397   -11.532 1.00 45.78  ? 46  TYR A C   1 
ATOM   359  O O   . TYR A 1 48  ? -0.782  7.968   -10.747 1.00 40.56  ? 46  TYR A O   1 
ATOM   360  C CB  . TYR A 1 48  ? -0.022  5.117   -10.472 1.00 36.51  ? 46  TYR A CB  1 
ATOM   361  C CG  . TYR A 1 48  ? 0.032   3.620   -10.763 1.00 30.04  ? 46  TYR A CG  1 
ATOM   362  C CD1 . TYR A 1 48  ? -1.106  2.955   -11.178 1.00 35.83  ? 46  TYR A CD1 1 
ATOM   363  C CD2 . TYR A 1 48  ? 1.221   2.906   -10.617 1.00 34.98  ? 46  TYR A CD2 1 
ATOM   364  C CE1 . TYR A 1 48  ? -1.079  1.596   -11.461 1.00 32.77  ? 46  TYR A CE1 1 
ATOM   365  C CE2 . TYR A 1 48  ? 1.257   1.551   -10.890 1.00 34.22  ? 46  TYR A CE2 1 
ATOM   366  C CZ  . TYR A 1 48  ? 0.105   0.924   -11.317 1.00 31.80  ? 46  TYR A CZ  1 
ATOM   367  O OH  . TYR A 1 48  ? 0.110   -0.437  -11.603 1.00 33.51  ? 46  TYR A OH  1 
ATOM   368  N N   . GLU A 1 49  ? 0.958   8.013   -12.203 1.00 46.69  ? 47  GLU A N   1 
ATOM   369  C CA  . GLU A 1 49  ? 1.205   9.455   -12.149 1.00 51.70  ? 47  GLU A CA  1 
ATOM   370  C C   . GLU A 1 49  ? -0.097  10.246  -12.204 1.00 48.20  ? 47  GLU A C   1 
ATOM   371  O O   . GLU A 1 49  ? -1.041  9.875   -12.896 1.00 49.24  ? 47  GLU A O   1 
ATOM   372  C CB  . GLU A 1 49  ? 2.115   9.859   -13.311 1.00 60.48  ? 47  GLU A CB  1 
ATOM   373  C CG  . GLU A 1 49  ? 3.017   11.060  -13.080 1.00 67.51  ? 47  GLU A CG  1 
ATOM   374  C CD  . GLU A 1 49  ? 3.413   11.727  -14.401 1.00 76.13  ? 47  GLU A CD  1 
ATOM   375  O OE1 . GLU A 1 49  ? 3.856   11.009  -15.330 1.00 74.91  ? 47  GLU A OE1 1 
ATOM   376  O OE2 . GLU A 1 49  ? 3.291   12.966  -14.506 1.00 90.48  ? 47  GLU A OE2 1 
ATOM   377  N N   . LYS A 1 50  ? -0.177  11.293  -11.384 1.00 58.06  ? 48  LYS A N   1 
ATOM   378  C CA  . LYS A 1 50  ? -1.333  12.182  -11.301 1.00 59.61  ? 48  LYS A CA  1 
ATOM   379  C C   . LYS A 1 50  ? -2.557  11.515  -10.696 1.00 62.93  ? 48  LYS A C   1 
ATOM   380  O O   . LYS A 1 50  ? -3.620  12.143  -10.645 1.00 65.29  ? 48  LYS A O   1 
ATOM   381  C CB  . LYS A 1 50  ? -1.729  12.769  -12.666 1.00 68.43  ? 48  LYS A CB  1 
ATOM   382  N N   . GLY A 1 51  ? -2.468  10.266  -10.268 1.00 57.67  ? 49  GLY A N   1 
ATOM   383  C CA  . GLY A 1 51  ? -3.536  9.675   -9.496  1.00 42.92  ? 49  GLY A CA  1 
ATOM   384  C C   . GLY A 1 51  ? -3.266  9.846   -8.008  1.00 37.94  ? 49  GLY A C   1 
ATOM   385  O O   . GLY A 1 51  ? -2.119  9.938   -7.572  1.00 44.69  ? 49  GLY A O   1 
ATOM   386  N N   . VAL A 1 52  ? -4.349  9.899   -7.246  1.00 33.79  ? 50  VAL A N   1 
ATOM   387  C CA  . VAL A 1 52  ? -4.283  9.851   -5.785  1.00 41.20  ? 50  VAL A CA  1 
ATOM   388  C C   . VAL A 1 52  ? -4.944  8.563   -5.317  1.00 35.14  ? 50  VAL A C   1 
ATOM   389  O O   . VAL A 1 52  ? -6.103  8.289   -5.659  1.00 38.74  ? 50  VAL A O   1 
ATOM   390  C CB  . VAL A 1 52  ? -4.956  11.084  -5.161  1.00 41.06  ? 50  VAL A CB  1 
ATOM   391  C CG1 . VAL A 1 52  ? -4.858  11.039  -3.639  1.00 39.21  ? 50  VAL A CG1 1 
ATOM   392  C CG2 . VAL A 1 52  ? -4.298  12.327  -5.694  1.00 42.76  ? 50  VAL A CG2 1 
ATOM   393  N N   . PHE A 1 53  ? -4.222  7.777   -4.506  1.00 32.60  ? 51  PHE A N   1 
ATOM   394  C CA  . PHE A 1 53  ? -4.727  6.469   -4.097  1.00 30.87  ? 51  PHE A CA  1 
ATOM   395  C C   . PHE A 1 53  ? -4.957  6.449   -2.594  1.00 32.56  ? 51  PHE A C   1 
ATOM   396  O O   . PHE A 1 53  ? -4.022  6.650   -1.809  1.00 37.34  ? 51  PHE A O   1 
ATOM   397  C CB  . PHE A 1 53  ? -3.754  5.375   -4.535  1.00 29.21  ? 51  PHE A CB  1 
ATOM   398  C CG  . PHE A 1 53  ? -3.625  5.286   -6.038  1.00 34.78  ? 51  PHE A CG  1 
ATOM   399  C CD1 . PHE A 1 53  ? -4.482  4.463   -6.769  1.00 36.78  ? 51  PHE A CD1 1 
ATOM   400  C CD2 . PHE A 1 53  ? -2.679  6.049   -6.716  1.00 36.88  ? 51  PHE A CD2 1 
ATOM   401  C CE1 . PHE A 1 53  ? -4.395  4.395   -8.189  1.00 33.61  ? 51  PHE A CE1 1 
ATOM   402  C CE2 . PHE A 1 53  ? -2.575  5.983   -8.109  1.00 38.82  ? 51  PHE A CE2 1 
ATOM   403  C CZ  . PHE A 1 53  ? -3.432  5.169   -8.834  1.00 38.53  ? 51  PHE A CZ  1 
ATOM   404  N N   . LYS A 1 54  ? -6.203  6.235   -2.211  1.00 30.95  ? 52  LYS A N   1 
ATOM   405  C CA  . LYS A 1 54  ? -6.563  6.102   -0.825  1.00 32.68  ? 52  LYS A CA  1 
ATOM   406  C C   . LYS A 1 54  ? -6.540  4.637   -0.380  1.00 31.45  ? 52  LYS A C   1 
ATOM   407  O O   . LYS A 1 54  ? -6.885  3.714   -1.123  1.00 29.61  ? 52  LYS A O   1 
ATOM   408  C CB  . LYS A 1 54  ? -7.937  6.703   -0.553  1.00 37.64  ? 52  LYS A CB  1 
ATOM   409  C CG  . LYS A 1 54  ? -8.086  6.868   0.987   1.00 55.82  ? 52  LYS A CG  1 
ATOM   410  C CD  . LYS A 1 54  ? -9.467  7.254   1.523   1.00 65.80  ? 52  LYS A CD  1 
ATOM   411  C CE  . LYS A 1 54  ? -9.374  8.303   2.642   1.00 57.40  ? 52  LYS A CE  1 
ATOM   412  N NZ  . LYS A 1 54  ? -10.726 8.819   2.949   1.00 68.25  ? 52  LYS A NZ  1 
ATOM   413  N N   . LEU A 1 55  ? -6.154  4.440   0.878   1.00 29.98  ? 53  LEU A N   1 
ATOM   414  C CA  . LEU A 1 55  ? -5.995  3.119   1.458   1.00 33.05  ? 53  LEU A CA  1 
ATOM   415  C C   . LEU A 1 55  ? -6.596  3.127   2.851   1.00 34.77  ? 53  LEU A C   1 
ATOM   416  O O   . LEU A 1 55  ? -6.690  4.176   3.494   1.00 32.66  ? 53  LEU A O   1 
ATOM   417  C CB  . LEU A 1 55  ? -4.511  2.739   1.548   1.00 30.87  ? 53  LEU A CB  1 
ATOM   418  C CG  . LEU A 1 55  ? -3.735  2.747   0.214   1.00 34.23  ? 53  LEU A CG  1 
ATOM   419  C CD1 . LEU A 1 55  ? -2.924  4.065   0.132   1.00 31.38  ? 53  LEU A CD1 1 
ATOM   420  C CD2 . LEU A 1 55  ? -2.826  1.523   0.224   1.00 30.97  ? 53  LEU A CD2 1 
ATOM   421  N N   . GLU A 1 56  ? -7.043  1.958   3.282   1.00 30.53  ? 54  GLU A N   1 
ATOM   422  C CA  . GLU A 1 56  ? -7.520  1.738   4.627   1.00 32.35  ? 54  GLU A CA  1 
ATOM   423  C C   . GLU A 1 56  ? -6.416  1.040   5.409   1.00 33.31  ? 54  GLU A C   1 
ATOM   424  O O   . GLU A 1 56  ? -5.822  0.088   4.910   1.00 30.54  ? 54  GLU A O   1 
ATOM   425  C CB  . GLU A 1 56  ? -8.788  0.902   4.590   1.00 32.33  ? 54  GLU A CB  1 
ATOM   426  C CG  . GLU A 1 56  ? -9.348  0.698   5.983   1.00 39.39  ? 54  GLU A CG  1 
ATOM   427  C CD  . GLU A 1 56  ? -10.388 -0.398  6.017   1.00 49.50  ? 54  GLU A CD  1 
ATOM   428  O OE1 . GLU A 1 56  ? -10.031 -1.560  5.769   1.00 48.30  ? 54  GLU A OE1 1 
ATOM   429  O OE2 . GLU A 1 56  ? -11.572 -0.086  6.265   1.00 52.59  ? 54  GLU A OE2 1 
ATOM   430  N N   . VAL A 1 57  ? -6.085  1.550   6.599   1.00 30.67  ? 55  VAL A N   1 
ATOM   431  C CA  . VAL A 1 57  ? -4.986  1.019   7.396   1.00 28.97  ? 55  VAL A CA  1 
ATOM   432  C C   . VAL A 1 57  ? -5.562  0.634   8.748   1.00 34.81  ? 55  VAL A C   1 
ATOM   433  O O   . VAL A 1 57  ? -5.843  1.515   9.566   1.00 36.48  ? 55  VAL A O   1 
ATOM   434  C CB  . VAL A 1 57  ? -3.847  2.031   7.584   1.00 33.70  ? 55  VAL A CB  1 
ATOM   435  C CG1 . VAL A 1 57  ? -2.780  1.456   8.540   1.00 32.64  ? 55  VAL A CG1 1 
ATOM   436  C CG2 . VAL A 1 57  ? -3.236  2.431   6.250   1.00 29.88  ? 55  VAL A CG2 1 
ATOM   437  N N   . ILE A 1 58  ? -5.734  -0.669  8.996   1.00 32.69  ? 56  ILE A N   1 
ATOM   438  C CA  . ILE A 1 58  ? -6.311  -1.148  10.248  1.00 36.64  ? 56  ILE A CA  1 
ATOM   439  C C   . ILE A 1 58  ? -5.185  -1.726  11.086  1.00 37.39  ? 56  ILE A C   1 
ATOM   440  O O   . ILE A 1 58  ? -4.385  -2.536  10.597  1.00 33.11  ? 56  ILE A O   1 
ATOM   441  C CB  . ILE A 1 58  ? -7.423  -2.185  10.024  1.00 32.57  ? 56  ILE A CB  1 
ATOM   442  C CG1 . ILE A 1 58  ? -8.548  -1.599  9.153   1.00 42.08  ? 56  ILE A CG1 1 
ATOM   443  C CG2 . ILE A 1 58  ? -7.973  -2.649  11.388  1.00 38.52  ? 56  ILE A CG2 1 
ATOM   444  C CD1 . ILE A 1 58  ? -9.080  -0.271  9.694   1.00 47.09  ? 56  ILE A CD1 1 
ATOM   445  N N   . ILE A 1 59  ? -5.113  -1.311  12.348  1.00 34.67  ? 57  ILE A N   1 
ATOM   446  C CA  . ILE A 1 59  ? -4.024  -1.718  13.225  1.00 38.44  ? 57  ILE A CA  1 
ATOM   447  C C   . ILE A 1 59  ? -4.569  -2.810  14.142  1.00 43.81  ? 57  ILE A C   1 
ATOM   448  O O   . ILE A 1 59  ? -5.410  -2.511  15.005  1.00 42.16  ? 57  ILE A O   1 
ATOM   449  C CB  . ILE A 1 59  ? -3.494  -0.528  14.038  1.00 35.67  ? 57  ILE A CB  1 
ATOM   450  C CG1 . ILE A 1 59  ? -3.005  0.622   13.129  1.00 34.40  ? 57  ILE A CG1 1 
ATOM   451  C CG2 . ILE A 1 59  ? -2.439  -0.981  14.974  1.00 37.09  ? 57  ILE A CG2 1 
ATOM   452  C CD1 . ILE A 1 59  ? -1.858  0.298   12.167  1.00 35.28  ? 57  ILE A CD1 1 
ATOM   453  N N   . PRO A 1 60  ? -4.140  -4.062  13.995  1.00 40.57  ? 58  PRO A N   1 
ATOM   454  C CA  . PRO A 1 60  ? -4.758  -5.156  14.756  1.00 37.42  ? 58  PRO A CA  1 
ATOM   455  C C   . PRO A 1 60  ? -4.458  -5.062  16.249  1.00 42.07  ? 58  PRO A C   1 
ATOM   456  O O   . PRO A 1 60  ? -3.554  -4.349  16.707  1.00 36.72  ? 58  PRO A O   1 
ATOM   457  C CB  . PRO A 1 60  ? -4.117  -6.404  14.157  1.00 46.70  ? 58  PRO A CB  1 
ATOM   458  C CG  . PRO A 1 60  ? -2.769  -5.904  13.639  1.00 44.16  ? 58  PRO A CG  1 
ATOM   459  C CD  . PRO A 1 60  ? -3.046  -4.525  13.122  1.00 38.23  ? 58  PRO A CD  1 
ATOM   460  N N   . GLU A 1 61  ? -5.219  -5.848  17.014  1.00 47.44  ? 59  GLU A N   1 
ATOM   461  C CA  . GLU A 1 61  ? -5.078  -5.791  18.469  1.00 53.64  ? 59  GLU A CA  1 
ATOM   462  C C   . GLU A 1 61  ? -3.674  -6.158  18.927  1.00 50.46  ? 59  GLU A C   1 
ATOM   463  O O   . GLU A 1 61  ? -3.193  -5.631  19.930  1.00 47.29  ? 59  GLU A O   1 
ATOM   464  C CB  . GLU A 1 61  ? -6.125  -6.679  19.140  1.00 59.30  ? 59  GLU A CB  1 
ATOM   465  C CG  . GLU A 1 61  ? -7.546  -6.245  18.804  1.00 72.26  ? 59  GLU A CG  1 
ATOM   466  C CD  . GLU A 1 61  ? -7.915  -4.919  19.478  1.00 91.00  ? 59  GLU A CD  1 
ATOM   467  O OE1 . GLU A 1 61  ? -8.715  -4.153  18.893  1.00 85.42  ? 59  GLU A OE1 1 
ATOM   468  O OE2 . GLU A 1 61  ? -7.396  -4.638  20.587  1.00 90.18  ? 59  GLU A OE2 1 
ATOM   469  N N   . ARG A 1 62  ? -2.987  -7.039  18.215  1.00 49.68  ? 60  ARG A N   1 
ATOM   470  C CA  . ARG A 1 62  ? -1.664  -7.449  18.664  1.00 41.24  ? 60  ARG A CA  1 
ATOM   471  C C   . ARG A 1 62  ? -0.533  -6.650  18.033  1.00 42.75  ? 60  ARG A C   1 
ATOM   472  O O   . ARG A 1 62  ? 0.637   -7.008  18.212  1.00 41.79  ? 60  ARG A O   1 
ATOM   473  C CB  . ARG A 1 62  ? -1.449  -8.950  18.421  1.00 50.06  ? 60  ARG A CB  1 
ATOM   474  C CG  . ARG A 1 62  ? -2.085  -9.833  19.495  1.00 64.33  ? 60  ARG A CG  1 
ATOM   475  C CD  . ARG A 1 62  ? -2.052  -11.329 19.140  1.00 72.48  ? 60  ARG A CD  1 
ATOM   476  N NE  . ARG A 1 62  ? -0.729  -11.781 18.720  1.00 93.10  ? 60  ARG A NE  1 
ATOM   477  C CZ  . ARG A 1 62  ? 0.255   -12.114 19.551  1.00 92.72  ? 60  ARG A CZ  1 
ATOM   478  N NH1 . ARG A 1 62  ? 0.072   -12.056 20.872  1.00 57.55  ? 60  ARG A NH1 1 
ATOM   479  N NH2 . ARG A 1 62  ? 1.422   -12.511 19.051  1.00 79.13  ? 60  ARG A NH2 1 
ATOM   480  N N   . TYR A 1 63  ? -0.843  -5.580  17.291  1.00 39.40  ? 61  TYR A N   1 
ATOM   481  C CA  . TYR A 1 63  ? 0.205   -4.684  16.831  1.00 36.92  ? 61  TYR A CA  1 
ATOM   482  C C   . TYR A 1 63  ? 1.053   -4.223  18.020  1.00 41.01  ? 61  TYR A C   1 
ATOM   483  O O   . TYR A 1 63  ? 0.495   -3.889  19.072  1.00 41.09  ? 61  TYR A O   1 
ATOM   484  C CB  . TYR A 1 63  ? -0.426  -3.466  16.153  1.00 35.79  ? 61  TYR A CB  1 
ATOM   485  C CG  . TYR A 1 63  ? 0.575   -2.598  15.436  1.00 36.82  ? 61  TYR A CG  1 
ATOM   486  C CD1 . TYR A 1 63  ? 0.986   -2.944  14.145  1.00 34.27  ? 61  TYR A CD1 1 
ATOM   487  C CD2 . TYR A 1 63  ? 1.061   -1.422  15.989  1.00 34.75  ? 61  TYR A CD2 1 
ATOM   488  C CE1 . TYR A 1 63  ? 1.924   -2.188  13.484  1.00 28.77  ? 61  TYR A CE1 1 
ATOM   489  C CE2 . TYR A 1 63  ? 2.012   -0.632  15.321  1.00 31.73  ? 61  TYR A CE2 1 
ATOM   490  C CZ  . TYR A 1 63  ? 2.369   -1.011  14.022  1.00 32.56  ? 61  TYR A CZ  1 
ATOM   491  O OH  . TYR A 1 63  ? 3.277   -0.294  13.298  1.00 34.15  ? 61  TYR A OH  1 
ATOM   492  N N   . PRO A 1 64  ? 2.388   -4.112  17.881  1.00 35.40  ? 62  PRO A N   1 
ATOM   493  C CA  . PRO A 1 64  ? 3.193   -4.212  16.674  1.00 33.86  ? 62  PRO A CA  1 
ATOM   494  C C   . PRO A 1 64  ? 3.688   -5.623  16.324  1.00 37.87  ? 62  PRO A C   1 
ATOM   495  O O   . PRO A 1 64  ? 4.632   -5.731  15.555  1.00 42.71  ? 62  PRO A O   1 
ATOM   496  C CB  . PRO A 1 64  ? 4.367   -3.353  16.969  1.00 33.94  ? 62  PRO A CB  1 
ATOM   497  C CG  . PRO A 1 64  ? 4.589   -3.551  18.513  1.00 37.65  ? 62  PRO A CG  1 
ATOM   498  C CD  . PRO A 1 64  ? 3.217   -3.830  19.077  1.00 37.92  ? 62  PRO A CD  1 
ATOM   499  N N   . PHE A 1 65  ? 3.094   -6.648  16.904  1.00 37.43  ? 63  PHE A N   1 
ATOM   500  C CA  . PHE A 1 65  ? 3.566   -8.001  16.584  1.00 48.06  ? 63  PHE A CA  1 
ATOM   501  C C   . PHE A 1 65  ? 2.851   -8.641  15.407  1.00 51.25  ? 63  PHE A C   1 
ATOM   502  O O   . PHE A 1 65  ? 3.322   -9.660  14.891  1.00 46.49  ? 63  PHE A O   1 
ATOM   503  C CB  . PHE A 1 65  ? 3.444   -8.891  17.809  1.00 46.42  ? 63  PHE A CB  1 
ATOM   504  C CG  . PHE A 1 65  ? 4.123   -8.300  18.991  1.00 39.97  ? 63  PHE A CG  1 
ATOM   505  C CD1 . PHE A 1 65  ? 5.477   -8.003  18.940  1.00 43.25  ? 63  PHE A CD1 1 
ATOM   506  C CD2 . PHE A 1 65  ? 3.389   -7.910  20.102  1.00 50.33  ? 63  PHE A CD2 1 
ATOM   507  C CE1 . PHE A 1 65  ? 6.107   -7.400  20.007  1.00 49.99  ? 63  PHE A CE1 1 
ATOM   508  C CE2 . PHE A 1 65  ? 4.016   -7.312  21.177  1.00 49.41  ? 63  PHE A CE2 1 
ATOM   509  C CZ  . PHE A 1 65  ? 5.373   -7.042  21.128  1.00 52.46  ? 63  PHE A CZ  1 
ATOM   510  N N   . GLU A 1 66  ? 1.735   -8.107  15.010  1.00 46.02  ? 64  GLU A N   1 
ATOM   511  C CA  . GLU A 1 66  ? 1.070   -8.424  13.775  1.00 39.27  ? 64  GLU A CA  1 
ATOM   512  C C   . GLU A 1 66  ? 1.117   -7.200  12.872  1.00 42.56  ? 64  GLU A C   1 
ATOM   513  O O   . GLU A 1 66  ? 1.103   -6.063  13.360  1.00 35.14  ? 64  GLU A O   1 
ATOM   514  C CB  . GLU A 1 66  ? -0.379  -8.827  14.036  1.00 43.64  ? 64  GLU A CB  1 
ATOM   515  C CG  . GLU A 1 66  ? -0.509  -10.119 14.771  1.00 52.81  ? 64  GLU A CG  1 
ATOM   516  C CD  . GLU A 1 66  ? -1.939  -10.560 14.870  1.00 65.71  ? 64  GLU A CD  1 
ATOM   517  O OE1 . GLU A 1 66  ? -2.182  -11.718 15.283  1.00 74.25  ? 64  GLU A OE1 1 
ATOM   518  O OE2 . GLU A 1 66  ? -2.824  -9.746  14.533  1.00 66.60  ? 64  GLU A OE2 1 
ATOM   519  N N   . PRO A 1 67  ? 1.182   -7.378  11.558  1.00 37.36  ? 65  PRO A N   1 
ATOM   520  C CA  . PRO A 1 67  ? 1.367   -6.226  10.671  1.00 34.97  ? 65  PRO A CA  1 
ATOM   521  C C   . PRO A 1 67  ? 0.094   -5.400  10.562  1.00 33.72  ? 65  PRO A C   1 
ATOM   522  O O   . PRO A 1 67  ? -1.021  -5.894  10.802  1.00 32.62  ? 65  PRO A O   1 
ATOM   523  C CB  . PRO A 1 67  ? 1.718   -6.885  9.307   1.00 31.72  ? 65  PRO A CB  1 
ATOM   524  C CG  . PRO A 1 67  ? 1.097   -8.243  9.392   1.00 28.58  ? 65  PRO A CG  1 
ATOM   525  C CD  . PRO A 1 67  ? 1.346   -8.666  10.848  1.00 33.80  ? 65  PRO A CD  1 
ATOM   526  N N   . PRO A 1 68  ? 0.215   -4.130  10.151  1.00 31.77  ? 66  PRO A N   1 
ATOM   527  C CA  . PRO A 1 68  ? -0.971  -3.375  9.729   1.00 31.57  ? 66  PRO A CA  1 
ATOM   528  C C   . PRO A 1 68  ? -1.703  -4.136  8.642   1.00 31.27  ? 66  PRO A C   1 
ATOM   529  O O   . PRO A 1 68  ? -1.089  -4.807  7.824   1.00 34.20  ? 66  PRO A O   1 
ATOM   530  C CB  . PRO A 1 68  ? -0.385  -2.079  9.157   1.00 31.45  ? 66  PRO A CB  1 
ATOM   531  C CG  . PRO A 1 68  ? 0.996   -1.989  9.723   1.00 41.10  ? 66  PRO A CG  1 
ATOM   532  C CD  . PRO A 1 68  ? 1.447   -3.420  9.811   1.00 32.13  ? 66  PRO A CD  1 
ATOM   533  N N   . GLN A 1 69  ? -3.008  -3.962  8.598   1.00 31.06  ? 67  GLN A N   1 
ATOM   534  C CA  . GLN A 1 69  ? -3.856  -4.580  7.597   1.00 34.46  ? 67  GLN A CA  1 
ATOM   535  C C   . GLN A 1 69  ? -4.258  -3.482  6.621   1.00 32.16  ? 67  GLN A C   1 
ATOM   536  O O   . GLN A 1 69  ? -5.033  -2.590  6.975   1.00 32.84  ? 67  GLN A O   1 
ATOM   537  C CB  . GLN A 1 69  ? -5.056  -5.230  8.274   1.00 43.58  ? 67  GLN A CB  1 
ATOM   538  C CG  . GLN A 1 69  ? -4.666  -6.530  8.965   1.00 44.15  ? 67  GLN A CG  1 
ATOM   539  C CD  . GLN A 1 69  ? -5.579  -6.943  10.106  1.00 54.22  ? 67  GLN A CD  1 
ATOM   540  O OE1 . GLN A 1 69  ? -6.722  -6.506  10.208  1.00 57.72  ? 67  GLN A OE1 1 
ATOM   541  N NE2 . GLN A 1 69  ? -5.071  -7.818  10.965  1.00 59.41  ? 67  GLN A NE2 1 
ATOM   542  N N   . ILE A 1 70  ? -3.701  -3.509  5.413   1.00 28.50  ? 68  ILE A N   1 
ATOM   543  C CA  . ILE A 1 70  ? -3.775  -2.363  4.517   1.00 27.53  ? 68  ILE A CA  1 
ATOM   544  C C   . ILE A 1 70  ? -4.389  -2.817  3.206   1.00 31.11  ? 68  ILE A C   1 
ATOM   545  O O   . ILE A 1 70  ? -3.920  -3.791  2.592   1.00 32.30  ? 68  ILE A O   1 
ATOM   546  C CB  . ILE A 1 70  ? -2.398  -1.720  4.283   1.00 28.23  ? 68  ILE A CB  1 
ATOM   547  C CG1 . ILE A 1 70  ? -1.734  -1.269  5.636   1.00 27.08  ? 68  ILE A CG1 1 
ATOM   548  C CG2 . ILE A 1 70  ? -2.538  -0.511  3.314   1.00 31.73  ? 68  ILE A CG2 1 
ATOM   549  C CD1 . ILE A 1 70  ? -0.405  -0.571  5.452   1.00 26.50  ? 68  ILE A CD1 1 
ATOM   550  N N   . ARG A 1 71  ? -5.436  -2.117  2.771   1.00 29.80  ? 69  ARG A N   1 
ATOM   551  C CA  . ARG A 1 71  ? -5.981  -2.401  1.444   1.00 29.81  ? 69  ARG A CA  1 
ATOM   552  C C   . ARG A 1 71  ? -6.202  -1.093  0.694   1.00 32.36  ? 69  ARG A C   1 
ATOM   553  O O   . ARG A 1 71  ? -6.466  -0.056  1.303   1.00 32.00  ? 69  ARG A O   1 
ATOM   554  C CB  . ARG A 1 71  ? -7.286  -3.227  1.551   1.00 31.30  ? 69  ARG A CB  1 
ATOM   555  C CG  . ARG A 1 71  ? -8.461  -2.441  2.090   1.00 44.40  ? 69  ARG A CG  1 
ATOM   556  C CD  . ARG A 1 71  ? -9.735  -3.280  2.264   1.00 47.83  ? 69  ARG A CD  1 
ATOM   557  N NE  . ARG A 1 71  ? -10.647 -2.594  3.178   1.00 65.69  ? 69  ARG A NE  1 
ATOM   558  C CZ  . ARG A 1 71  ? -11.877 -2.206  2.860   1.00 75.16  ? 69  ARG A CZ  1 
ATOM   559  N NH1 . ARG A 1 71  ? -12.345 -2.438  1.643   1.00 72.93  ? 69  ARG A NH1 1 
ATOM   560  N NH2 . ARG A 1 71  ? -12.633 -1.587  3.761   1.00 69.59  ? 69  ARG A NH2 1 
ATOM   561  N N   . PHE A 1 72  ? -6.063  -1.133  -0.638  1.00 28.22  ? 70  PHE A N   1 
ATOM   562  C CA  . PHE A 1 72  ? -6.442  0.024   -1.447  1.00 26.83  ? 70  PHE A CA  1 
ATOM   563  C C   . PHE A 1 72  ? -7.955  0.179   -1.402  1.00 35.68  ? 70  PHE A C   1 
ATOM   564  O O   . PHE A 1 72  ? -8.701  -0.794  -1.560  1.00 34.77  ? 70  PHE A O   1 
ATOM   565  C CB  . PHE A 1 72  ? -5.984  -0.129  -2.916  1.00 28.45  ? 70  PHE A CB  1 
ATOM   566  C CG  . PHE A 1 72  ? -4.532  0.214   -3.121  1.00 29.97  ? 70  PHE A CG  1 
ATOM   567  C CD1 . PHE A 1 72  ? -4.142  1.447   -3.610  1.00 27.86  ? 70  PHE A CD1 1 
ATOM   568  C CD2 . PHE A 1 72  ? -3.553  -0.699  -2.785  1.00 26.04  ? 70  PHE A CD2 1 
ATOM   569  C CE1 . PHE A 1 72  ? -2.795  1.754   -3.779  1.00 30.50  ? 70  PHE A CE1 1 
ATOM   570  C CE2 . PHE A 1 72  ? -2.194  -0.400  -2.942  1.00 28.90  ? 70  PHE A CE2 1 
ATOM   571  C CZ  . PHE A 1 72  ? -1.820  0.813   -3.456  1.00 31.81  ? 70  PHE A CZ  1 
ATOM   572  N N   . LEU A 1 73  ? -8.401  1.404   -1.185  1.00 31.44  ? 71  LEU A N   1 
ATOM   573  C CA  . LEU A 1 73  ? -9.798  1.755   -1.396  1.00 31.30  ? 71  LEU A CA  1 
ATOM   574  C C   . LEU A 1 73  ? -10.014 2.273   -2.810  1.00 33.43  ? 71  LEU A C   1 
ATOM   575  O O   . LEU A 1 73  ? -11.061 2.010   -3.413  1.00 39.38  ? 71  LEU A O   1 
ATOM   576  C CB  . LEU A 1 73  ? -10.224 2.808   -0.352  1.00 35.46  ? 71  LEU A CB  1 
ATOM   577  C CG  . LEU A 1 73  ? -10.141 2.351   1.112   1.00 33.86  ? 71  LEU A CG  1 
ATOM   578  C CD1 . LEU A 1 73  ? -10.339 3.539   2.036   1.00 38.80  ? 71  LEU A CD1 1 
ATOM   579  C CD2 . LEU A 1 73  ? -11.188 1.266   1.370   1.00 35.23  ? 71  LEU A CD2 1 
ATOM   580  N N   . THR A 1 74  ? -9.021  2.978   -3.356  1.00 28.37  ? 72  THR A N   1 
ATOM   581  C CA  . THR A 1 74  ? -9.046  3.420   -4.743  1.00 34.63  ? 72  THR A CA  1 
ATOM   582  C C   . THR A 1 74  ? -8.698  2.256   -5.664  1.00 39.04  ? 72  THR A C   1 
ATOM   583  O O   . THR A 1 74  ? -7.629  1.649   -5.511  1.00 34.05  ? 72  THR A O   1 
ATOM   584  C CB  . THR A 1 74  ? -8.040  4.530   -4.961  1.00 36.27  ? 72  THR A CB  1 
ATOM   585  O OG1 . THR A 1 74  ? -8.299  5.596   -4.034  1.00 33.65  ? 72  THR A OG1 1 
ATOM   586  C CG2 . THR A 1 74  ? -8.142  5.042   -6.394  1.00 38.69  ? 72  THR A CG2 1 
ATOM   587  N N   . PRO A 1 75  ? -9.531  1.942   -6.652  1.00 34.58  ? 73  PRO A N   1 
ATOM   588  C CA  . PRO A 1 75  ? -9.152  0.890   -7.595  1.00 35.50  ? 73  PRO A CA  1 
ATOM   589  C C   . PRO A 1 75  ? -7.798  1.173   -8.233  1.00 31.51  ? 73  PRO A C   1 
ATOM   590  O O   . PRO A 1 75  ? -7.482  2.306   -8.595  1.00 36.19  ? 73  PRO A O   1 
ATOM   591  C CB  . PRO A 1 75  ? -10.284 0.927   -8.639  1.00 33.81  ? 73  PRO A CB  1 
ATOM   592  C CG  . PRO A 1 75  ? -11.481 1.452   -7.864  1.00 33.90  ? 73  PRO A CG  1 
ATOM   593  C CD  . PRO A 1 75  ? -10.890 2.457   -6.873  1.00 35.37  ? 73  PRO A CD  1 
ATOM   594  N N   . ILE A 1 76  ? -7.001  0.117   -8.423  1.00 33.73  ? 74  ILE A N   1 
ATOM   595  C CA  . ILE A 1 76  ? -5.683  0.271   -9.039  1.00 32.13  ? 74  ILE A CA  1 
ATOM   596  C C   . ILE A 1 76  ? -5.415  -0.982  -9.868  1.00 33.16  ? 74  ILE A C   1 
ATOM   597  O O   . ILE A 1 76  ? -5.745  -2.085  -9.438  1.00 31.85  ? 74  ILE A O   1 
ATOM   598  C CB  . ILE A 1 76  ? -4.580  0.528   -7.990  1.00 33.26  ? 74  ILE A CB  1 
ATOM   599  C CG1 . ILE A 1 76  ? -3.237  0.739   -8.683  1.00 28.28  ? 74  ILE A CG1 1 
ATOM   600  C CG2 . ILE A 1 76  ? -4.486  -0.613  -7.012  1.00 32.81  ? 74  ILE A CG2 1 
ATOM   601  C CD1 . ILE A 1 76  ? -2.112  1.314   -7.752  1.00 34.57  ? 74  ILE A CD1 1 
ATOM   602  N N   . TYR A 1 77  ? -4.851  -0.791  -11.073 1.00 34.17  ? 75  TYR A N   1 
ATOM   603  C CA  . TYR A 1 77  ? -4.551  -1.867  -12.016 1.00 31.84  ? 75  TYR A CA  1 
ATOM   604  C C   . TYR A 1 77  ? -3.092  -2.280  -11.837 1.00 27.71  ? 75  TYR A C   1 
ATOM   605  O O   . TYR A 1 77  ? -2.188  -1.565  -12.270 1.00 33.24  ? 75  TYR A O   1 
ATOM   606  C CB  . TYR A 1 77  ? -4.817  -1.366  -13.449 1.00 32.16  ? 75  TYR A CB  1 
ATOM   607  C CG  . TYR A 1 77  ? -4.681  -2.378  -14.574 1.00 32.70  ? 75  TYR A CG  1 
ATOM   608  C CD1 . TYR A 1 77  ? -5.767  -3.128  -14.957 1.00 38.19  ? 75  TYR A CD1 1 
ATOM   609  C CD2 . TYR A 1 77  ? -3.477  -2.532  -15.268 1.00 34.83  ? 75  TYR A CD2 1 
ATOM   610  C CE1 . TYR A 1 77  ? -5.675  -4.055  -15.982 1.00 34.90  ? 75  TYR A CE1 1 
ATOM   611  C CE2 . TYR A 1 77  ? -3.373  -3.468  -16.322 1.00 37.62  ? 75  TYR A CE2 1 
ATOM   612  C CZ  . TYR A 1 77  ? -4.489  -4.225  -16.649 1.00 33.34  ? 75  TYR A CZ  1 
ATOM   613  O OH  . TYR A 1 77  ? -4.443  -5.156  -17.705 1.00 35.84  ? 75  TYR A OH  1 
ATOM   614  N N   . HIS A 1 78  ? -2.844  -3.450  -11.217 1.00 28.92  ? 76  HIS A N   1 
ATOM   615  C CA  . HIS A 1 78  ? -1.482  -3.777  -10.804 1.00 28.31  ? 76  HIS A CA  1 
ATOM   616  C C   . HIS A 1 78  ? -1.347  -5.284  -10.640 1.00 27.89  ? 76  HIS A C   1 
ATOM   617  O O   . HIS A 1 78  ? -2.281  -5.918  -10.149 1.00 30.68  ? 76  HIS A O   1 
ATOM   618  C CB  . HIS A 1 78  ? -1.149  -3.080  -9.451  1.00 25.12  ? 76  HIS A CB  1 
ATOM   619  C CG  . HIS A 1 78  ? 0.291   -3.142  -9.045  1.00 30.04  ? 76  HIS A CG  1 
ATOM   620  N ND1 . HIS A 1 78  ? 0.849   -4.268  -8.485  1.00 28.92  ? 76  HIS A ND1 1 
ATOM   621  C CD2 . HIS A 1 78  ? 1.260   -2.178  -8.981  1.00 28.48  ? 76  HIS A CD2 1 
ATOM   622  C CE1 . HIS A 1 78  ? 2.095   -4.020  -8.129  1.00 30.63  ? 76  HIS A CE1 1 
ATOM   623  N NE2 . HIS A 1 78  ? 2.384   -2.776  -8.473  1.00 29.94  ? 76  HIS A NE2 1 
ATOM   624  N N   . PRO A 1 79  ? -0.216  -5.877  -10.986 1.00 28.75  ? 77  PRO A N   1 
ATOM   625  C CA  . PRO A 1 79  ? -0.078  -7.336  -10.824 1.00 30.86  ? 77  PRO A CA  1 
ATOM   626  C C   . PRO A 1 79  ? -0.242  -7.815  -9.385  1.00 34.76  ? 77  PRO A C   1 
ATOM   627  O O   . PRO A 1 79  ? -0.664  -8.951  -9.166  1.00 29.50  ? 77  PRO A O   1 
ATOM   628  C CB  . PRO A 1 79  ? 1.354   -7.614  -11.314 1.00 35.01  ? 77  PRO A CB  1 
ATOM   629  C CG  . PRO A 1 79  ? 1.707   -6.455  -12.161 1.00 39.25  ? 77  PRO A CG  1 
ATOM   630  C CD  . PRO A 1 79  ? 0.994   -5.273  -11.578 1.00 33.91  ? 77  PRO A CD  1 
ATOM   631  N N   . ASN A 1 80  ? 0.107   -7.009  -8.372  1.00 25.51  ? 78  ASN A N   1 
ATOM   632  C CA  . ASN A 1 80  ? 0.103   -7.511  -7.003  1.00 27.57  ? 78  ASN A CA  1 
ATOM   633  C C   . ASN A 1 80  ? -1.063  -7.029  -6.158  1.00 29.76  ? 78  ASN A C   1 
ATOM   634  O O   . ASN A 1 80  ? -1.043  -7.209  -4.925  1.00 30.20  ? 78  ASN A O   1 
ATOM   635  C CB  . ASN A 1 80  ? 1.410   -7.103  -6.284  1.00 29.75  ? 78  ASN A CB  1 
ATOM   636  C CG  . ASN A 1 80  ? 2.627   -7.577  -7.036  1.00 32.58  ? 78  ASN A CG  1 
ATOM   637  O OD1 . ASN A 1 80  ? 3.309   -6.801  -7.701  1.00 34.29  ? 78  ASN A OD1 1 
ATOM   638  N ND2 . ASN A 1 80  ? 2.840   -8.918  -7.031  1.00 33.70  ? 78  ASN A ND2 1 
ATOM   639  N N   . ILE A 1 81  ? -2.053  -6.400  -6.754  1.00 31.01  ? 79  ILE A N   1 
ATOM   640  C CA  . ILE A 1 81  ? -3.173  -5.845  -6.014  1.00 29.87  ? 79  ILE A CA  1 
ATOM   641  C C   . ILE A 1 81  ? -4.444  -6.350  -6.657  1.00 28.98  ? 79  ILE A C   1 
ATOM   642  O O   . ILE A 1 81  ? -4.618  -6.200  -7.876  1.00 29.85  ? 79  ILE A O   1 
ATOM   643  C CB  . ILE A 1 81  ? -3.126  -4.299  -6.025  1.00 28.45  ? 79  ILE A CB  1 
ATOM   644  C CG1 . ILE A 1 81  ? -1.763  -3.857  -5.527  1.00 34.98  ? 79  ILE A CG1 1 
ATOM   645  C CG2 . ILE A 1 81  ? -4.277  -3.704  -5.215  1.00 32.91  ? 79  ILE A CG2 1 
ATOM   646  C CD1 . ILE A 1 81  ? -1.461  -2.382  -5.649  1.00 32.91  ? 79  ILE A CD1 1 
ATOM   647  N N   . ASP A 1 82  ? -5.334  -6.935  -5.866  1.00 30.75  ? 80  ASP A N   1 
ATOM   648  C CA  . ASP A 1 82  ? -6.500  -7.547  -6.492  1.00 32.31  ? 80  ASP A CA  1 
ATOM   649  C C   . ASP A 1 82  ? -7.664  -6.556  -6.612  1.00 34.93  ? 80  ASP A C   1 
ATOM   650  O O   . ASP A 1 82  ? -7.558  -5.368  -6.270  1.00 32.67  ? 80  ASP A O   1 
ATOM   651  C CB  . ASP A 1 82  ? -6.880  -8.865  -5.783  1.00 33.91  ? 80  ASP A CB  1 
ATOM   652  C CG  . ASP A 1 82  ? -7.631  -8.683  -4.447  1.00 36.54  ? 80  ASP A CG  1 
ATOM   653  O OD1 . ASP A 1 82  ? -8.107  -7.582  -4.076  1.00 33.18  ? 80  ASP A OD1 1 
ATOM   654  O OD2 . ASP A 1 82  ? -7.794  -9.715  -3.772  1.00 37.21  ? 80  ASP A OD2 1 
ATOM   655  N N   . SER A 1 83  ? -8.798  -7.046  -7.164  1.00 33.13  ? 81  SER A N   1 
ATOM   656  C CA  . SER A 1 83  ? -9.898  -6.121  -7.431  1.00 33.84  ? 81  SER A CA  1 
ATOM   657  C C   . SER A 1 83  ? -10.570 -5.620  -6.162  1.00 38.97  ? 81  SER A C   1 
ATOM   658  O O   . SER A 1 83  ? -11.333 -4.649  -6.243  1.00 42.42  ? 81  SER A O   1 
ATOM   659  C CB  . SER A 1 83  ? -10.935 -6.787  -8.376  1.00 42.49  ? 81  SER A CB  1 
ATOM   660  O OG  . SER A 1 83  ? -11.647 -7.834  -7.721  1.00 45.44  ? 81  SER A OG  1 
ATOM   661  N N   . ALA A 1 84  ? -10.284 -6.212  -4.991  1.00 40.22  ? 82  ALA A N   1 
ATOM   662  C CA  . ALA A 1 84  ? -10.780 -5.722  -3.713  1.00 38.84  ? 82  ALA A CA  1 
ATOM   663  C C   . ALA A 1 84  ? -9.738  -4.883  -2.990  1.00 32.85  ? 82  ALA A C   1 
ATOM   664  O O   . ALA A 1 84  ? -9.947  -4.513  -1.827  1.00 38.65  ? 82  ALA A O   1 
ATOM   665  C CB  . ALA A 1 84  ? -11.206 -6.874  -2.799  1.00 40.42  ? 82  ALA A CB  1 
ATOM   666  N N   . GLY A 1 85  ? -8.606  -4.613  -3.647  1.00 32.27  ? 83  GLY A N   1 
ATOM   667  C CA  . GLY A 1 85  ? -7.600  -3.790  -3.019  1.00 27.38  ? 83  GLY A CA  1 
ATOM   668  C C   . GLY A 1 85  ? -6.648  -4.552  -2.142  1.00 32.24  ? 83  GLY A C   1 
ATOM   669  O O   . GLY A 1 85  ? -5.833  -3.907  -1.453  1.00 28.57  ? 83  GLY A O   1 
ATOM   670  N N   . ARG A 1 86  ? -6.760  -5.882  -2.080  1.00 30.27  ? 84  ARG A N   1 
ATOM   671  C CA  . ARG A 1 86  ? -5.777  -6.639  -1.296  1.00 31.49  ? 84  ARG A CA  1 
ATOM   672  C C   . ARG A 1 86  ? -4.400  -6.544  -1.929  1.00 31.32  ? 84  ARG A C   1 
ATOM   673  O O   . ARG A 1 86  ? -4.262  -6.590  -3.157  1.00 29.95  ? 84  ARG A O   1 
ATOM   674  C CB  . ARG A 1 86  ? -6.128  -8.126  -1.186  1.00 34.01  ? 84  ARG A CB  1 
ATOM   675  C CG  . ARG A 1 86  ? -7.197  -8.514  -0.240  1.00 42.84  ? 84  ARG A CG  1 
ATOM   676  C CD  . ARG A 1 86  ? -7.091  -10.022 0.077   1.00 52.57  ? 84  ARG A CD  1 
ATOM   677  N NE  . ARG A 1 86  ? -6.883  -10.868 -1.103  1.00 57.59  ? 84  ARG A NE  1 
ATOM   678  C CZ  . ARG A 1 86  ? -6.282  -12.056 -1.074  1.00 58.68  ? 84  ARG A CZ  1 
ATOM   679  N NH1 . ARG A 1 86  ? -5.825  -12.524 0.079   1.00 62.86  ? 84  ARG A NH1 1 
ATOM   680  N NH2 . ARG A 1 86  ? -6.140  -12.788 -2.189  1.00 39.19  ? 84  ARG A NH2 1 
ATOM   681  N N   . ILE A 1 87  ? -3.369  -6.486  -1.070  1.00 27.40  ? 85  ILE A N   1 
ATOM   682  C CA  . ILE A 1 87  ? -2.001  -6.230  -1.498  1.00 25.86  ? 85  ILE A CA  1 
ATOM   683  C C   . ILE A 1 87  ? -1.157  -7.441  -1.212  1.00 31.84  ? 85  ILE A C   1 
ATOM   684  O O   . ILE A 1 87  ? -1.148  -7.928  -0.080  1.00 32.61  ? 85  ILE A O   1 
ATOM   685  C CB  . ILE A 1 87  ? -1.394  -5.006  -0.771  1.00 25.79  ? 85  ILE A CB  1 
ATOM   686  C CG1 . ILE A 1 87  ? -2.269  -3.796  -1.057  1.00 26.12  ? 85  ILE A CG1 1 
ATOM   687  C CG2 . ILE A 1 87  ? -0.020  -4.802  -1.314  1.00 26.67  ? 85  ILE A CG2 1 
ATOM   688  C CD1 . ILE A 1 87  ? -1.948  -2.622  -0.096  1.00 24.80  ? 85  ILE A CD1 1 
ATOM   689  N N   . CYS A 1 88  ? -0.443  -7.940  -2.237  1.00 32.95  ? 86  CYS A N   1 
ATOM   690  C CA  . CYS A 1 88  ? 0.490   -9.054  -2.021  1.00 30.69  ? 86  CYS A CA  1 
ATOM   691  C C   . CYS A 1 88  ? 1.889   -8.451  -1.863  1.00 32.35  ? 86  CYS A C   1 
ATOM   692  O O   . CYS A 1 88  ? 2.514   -8.052  -2.861  1.00 35.51  ? 86  CYS A O   1 
ATOM   693  C CB  . CYS A 1 88  ? 0.410   -10.044 -3.199  1.00 34.00  ? 86  CYS A CB  1 
ATOM   694  S SG  . CYS A 1 88  ? 1.617   -11.342 -3.017  1.00 40.84  ? 86  CYS A SG  1 
ATOM   695  N N   . LEU A 1 89  ? 2.369   -8.379  -0.605  1.00 28.24  ? 87  LEU A N   1 
ATOM   696  C CA  . LEU A 1 89  ? 3.620   -7.715  -0.280  1.00 30.71  ? 87  LEU A CA  1 
ATOM   697  C C   . LEU A 1 89  ? 4.179   -8.339  0.989   1.00 29.06  ? 87  LEU A C   1 
ATOM   698  O O   . LEU A 1 89  ? 3.435   -8.522  1.960   1.00 29.08  ? 87  LEU A O   1 
ATOM   699  C CB  . LEU A 1 89  ? 3.345   -6.211  -0.120  1.00 28.78  ? 87  LEU A CB  1 
ATOM   700  C CG  . LEU A 1 89  ? 4.500   -5.375  0.402   1.00 33.05  ? 87  LEU A CG  1 
ATOM   701  C CD1 . LEU A 1 89  ? 5.637   -5.377  -0.580  1.00 35.08  ? 87  LEU A CD1 1 
ATOM   702  C CD2 . LEU A 1 89  ? 3.969   -3.958  0.623   1.00 27.66  ? 87  LEU A CD2 1 
ATOM   703  N N   . ASP A 1 90  ? 5.473   -8.696  0.980   1.00 31.00  ? 88  ASP A N   1 
ATOM   704  C CA  . ASP A 1 90  ? 5.998   -9.502  2.087   1.00 32.49  ? 88  ASP A CA  1 
ATOM   705  C C   . ASP A 1 90  ? 5.886   -8.800  3.446   1.00 32.35  ? 88  ASP A C   1 
ATOM   706  O O   . ASP A 1 90  ? 5.581   -9.453  4.456   1.00 34.06  ? 88  ASP A O   1 
ATOM   707  C CB  . ASP A 1 90  ? 7.452   -9.879  1.844   1.00 34.42  ? 88  ASP A CB  1 
ATOM   708  C CG  . ASP A 1 90  ? 8.351   -8.699  1.522   1.00 41.32  ? 88  ASP A CG  1 
ATOM   709  O OD1 . ASP A 1 90  ? 7.918   -7.520  1.452   1.00 41.21  ? 88  ASP A OD1 1 
ATOM   710  O OD2 . ASP A 1 90  ? 9.544   -8.970  1.304   1.00 50.00  ? 88  ASP A OD2 1 
ATOM   711  N N   . VAL A 1 91  ? 6.125   -7.487  3.495   1.00 32.14  ? 89  VAL A N   1 
ATOM   712  C CA  . VAL A 1 91  ? 6.148   -6.845  4.819   1.00 33.16  ? 89  VAL A CA  1 
ATOM   713  C C   . VAL A 1 91  ? 4.766   -6.735  5.423   1.00 36.31  ? 89  VAL A C   1 
ATOM   714  O O   . VAL A 1 91  ? 4.641   -6.390  6.601   1.00 33.61  ? 89  VAL A O   1 
ATOM   715  C CB  . VAL A 1 91  ? 6.793   -5.448  4.782   1.00 33.73  ? 89  VAL A CB  1 
ATOM   716  C CG1 . VAL A 1 91  ? 8.277   -5.514  4.497   1.00 38.58  ? 89  VAL A CG1 1 
ATOM   717  C CG2 . VAL A 1 91  ? 6.060   -4.511  3.785   1.00 28.80  ? 89  VAL A CG2 1 
ATOM   718  N N   . LEU A 1 92  ? 3.712   -7.026  4.666   1.00 28.51  ? 90  LEU A N   1 
ATOM   719  C CA  . LEU A 1 92  ? 2.359   -7.076  5.202   1.00 28.56  ? 90  LEU A CA  1 
ATOM   720  C C   . LEU A 1 92  ? 1.988   -8.449  5.768   1.00 29.44  ? 90  LEU A C   1 
ATOM   721  O O   . LEU A 1 92  ? 0.815   -8.664  6.118   1.00 35.28  ? 90  LEU A O   1 
ATOM   722  C CB  . LEU A 1 92  ? 1.332   -6.723  4.107   1.00 30.66  ? 90  LEU A CB  1 
ATOM   723  C CG  . LEU A 1 92  ? 1.383   -5.272  3.608   1.00 30.80  ? 90  LEU A CG  1 
ATOM   724  C CD1 . LEU A 1 92  ? 0.299   -4.967  2.559   1.00 28.79  ? 90  LEU A CD1 1 
ATOM   725  C CD2 . LEU A 1 92  ? 1.193   -4.331  4.809   1.00 33.66  ? 90  LEU A CD2 1 
ATOM   726  N N   . LYS A 1 93  ? 2.933   -9.398  5.821   1.00 34.86  ? 91  LYS A N   1 
ATOM   727  C CA  . LYS A 1 93  ? 2.588   -10.727 6.287   1.00 40.68  ? 91  LYS A CA  1 
ATOM   728  C C   . LYS A 1 93  ? 3.599   -11.213 7.300   1.00 35.17  ? 91  LYS A C   1 
ATOM   729  O O   . LYS A 1 93  ? 4.769   -10.810 7.310   1.00 33.12  ? 91  LYS A O   1 
ATOM   730  C CB  . LYS A 1 93  ? 2.461   -11.761 5.131   1.00 37.66  ? 91  LYS A CB  1 
ATOM   731  C CG  . LYS A 1 93  ? 1.243   -11.490 4.205   1.00 41.91  ? 91  LYS A CG  1 
ATOM   732  C CD  . LYS A 1 93  ? -0.079  -11.657 4.991   1.00 56.66  ? 91  LYS A CD  1 
ATOM   733  C CE  . LYS A 1 93  ? -1.270  -11.851 4.077   1.00 67.73  ? 91  LYS A CE  1 
ATOM   734  N NZ  . LYS A 1 93  ? -2.557  -11.919 4.825   1.00 70.11  ? 91  LYS A NZ  1 
ATOM   735  N N   . LEU A 1 94  ? 3.106   -12.063 8.181   1.00 47.22  ? 92  LEU A N   1 
ATOM   736  C CA  . LEU A 1 94  ? 3.931   -12.611 9.233   1.00 38.81  ? 92  LEU A CA  1 
ATOM   737  C C   . LEU A 1 94  ? 4.962   -13.597 8.669   1.00 43.19  ? 92  LEU A C   1 
ATOM   738  O O   . LEU A 1 94  ? 4.729   -14.223 7.635   1.00 43.40  ? 92  LEU A O   1 
ATOM   739  C CB  . LEU A 1 94  ? 3.042   -13.310 10.253  1.00 44.31  ? 92  LEU A CB  1 
ATOM   740  C CG  . LEU A 1 94  ? 2.364   -12.335 11.221  1.00 45.14  ? 92  LEU A CG  1 
ATOM   741  C CD1 . LEU A 1 94  ? 1.103   -13.008 11.758  1.00 48.12  ? 92  LEU A CD1 1 
ATOM   742  C CD2 . LEU A 1 94  ? 3.353   -11.884 12.333  1.00 42.54  ? 92  LEU A CD2 1 
ATOM   743  N N   . PRO A 1 95  ? 6.113   -13.729 9.320   1.00 47.73  ? 93  PRO A N   1 
ATOM   744  C CA  . PRO A 1 95  ? 7.068   -14.781 8.948   1.00 42.81  ? 93  PRO A CA  1 
ATOM   745  C C   . PRO A 1 95  ? 6.478   -16.153 9.218   1.00 48.53  ? 93  PRO A C   1 
ATOM   746  O O   . PRO A 1 95  ? 5.435   -16.276 9.894   1.00 43.78  ? 93  PRO A O   1 
ATOM   747  C CB  . PRO A 1 95  ? 8.292   -14.488 9.838   1.00 46.44  ? 93  PRO A CB  1 
ATOM   748  C CG  . PRO A 1 95  ? 8.160   -13.023 10.216  1.00 51.06  ? 93  PRO A CG  1 
ATOM   749  C CD  . PRO A 1 95  ? 6.660   -12.832 10.359  1.00 48.40  ? 93  PRO A CD  1 
ATOM   750  N N   . PRO A 1 96  ? 7.095   -17.228 8.675   1.00 39.20  ? 94  PRO A N   1 
ATOM   751  C CA  . PRO A 1 96  ? 8.367   -17.262 7.939   1.00 41.01  ? 94  PRO A CA  1 
ATOM   752  C C   . PRO A 1 96  ? 8.277   -16.741 6.495   1.00 42.23  ? 94  PRO A C   1 
ATOM   753  O O   . PRO A 1 96  ? 9.278   -16.301 5.929   1.00 48.50  ? 94  PRO A O   1 
ATOM   754  C CB  . PRO A 1 96  ? 8.724   -18.763 7.934   1.00 38.39  ? 94  PRO A CB  1 
ATOM   755  C CG  . PRO A 1 96  ? 7.446   -19.457 8.155   1.00 36.40  ? 94  PRO A CG  1 
ATOM   756  C CD  . PRO A 1 96  ? 6.593   -18.569 8.997   1.00 41.67  ? 94  PRO A CD  1 
ATOM   757  N N   . LYS A 1 97  ? 7.084   -16.771 5.934   1.00 34.41  ? 95  LYS A N   1 
ATOM   758  C CA  . LYS A 1 97  ? 6.919   -16.377 4.529   1.00 47.32  ? 95  LYS A CA  1 
ATOM   759  C C   . LYS A 1 97  ? 6.952   -14.861 4.368   1.00 44.46  ? 95  LYS A C   1 
ATOM   760  O O   . LYS A 1 97  ? 7.573   -14.344 3.431   1.00 42.97  ? 95  LYS A O   1 
ATOM   761  C CB  . LYS A 1 97  ? 5.614   -16.944 3.961   1.00 43.52  ? 95  LYS A CB  1 
ATOM   762  N N   . GLY A 1 98  ? 6.312   -14.134 5.289   1.00 41.22  ? 96  GLY A N   1 
ATOM   763  C CA  . GLY A 1 98  ? 6.309   -12.688 5.243   1.00 38.93  ? 96  GLY A CA  1 
ATOM   764  C C   . GLY A 1 98  ? 7.538   -12.074 5.884   1.00 47.01  ? 96  GLY A C   1 
ATOM   765  O O   . GLY A 1 98  ? 8.430   -12.750 6.415   1.00 45.70  ? 96  GLY A O   1 
ATOM   766  N N   . ALA A 1 99  ? 7.571   -10.738 5.845   1.00 37.17  ? 97  ALA A N   1 
ATOM   767  C CA  . ALA A 1 99  ? 8.709   -9.978  6.335   1.00 34.07  ? 97  ALA A CA  1 
ATOM   768  C C   . ALA A 1 99  ? 8.343   -9.015  7.471   1.00 35.31  ? 97  ALA A C   1 
ATOM   769  O O   . ALA A 1 99  ? 9.196   -8.234  7.884   1.00 38.29  ? 97  ALA A O   1 
ATOM   770  C CB  . ALA A 1 99  ? 9.371   -9.202  5.202   1.00 39.35  ? 97  ALA A CB  1 
ATOM   771  N N   . TRP A 1 100 ? 7.120   -9.073  7.993   1.00 33.64  ? 98  TRP A N   1 
ATOM   772  C CA  . TRP A 1 100 ? 6.748   -8.154  9.074   1.00 32.52  ? 98  TRP A CA  1 
ATOM   773  C C   . TRP A 1 100 ? 7.572   -8.450  10.318  1.00 40.75  ? 98  TRP A C   1 
ATOM   774  O O   . TRP A 1 100 ? 7.717   -9.608  10.717  1.00 37.58  ? 98  TRP A O   1 
ATOM   775  C CB  . TRP A 1 100 ? 5.260   -8.251  9.422   1.00 33.72  ? 98  TRP A CB  1 
ATOM   776  C CG  . TRP A 1 100 ? 5.010   -7.343  10.647  1.00 36.87  ? 98  TRP A CG  1 
ATOM   777  C CD1 . TRP A 1 100 ? 4.843   -7.737  11.957  1.00 35.51  ? 98  TRP A CD1 1 
ATOM   778  C CD2 . TRP A 1 100 ? 5.005   -5.912  10.652  1.00 35.28  ? 98  TRP A CD2 1 
ATOM   779  N NE1 . TRP A 1 100 ? 4.680   -6.634  12.761  1.00 35.18  ? 98  TRP A NE1 1 
ATOM   780  C CE2 . TRP A 1 100 ? 4.807   -5.498  11.992  1.00 39.55  ? 98  TRP A CE2 1 
ATOM   781  C CE3 . TRP A 1 100 ? 5.153   -4.936  9.654   1.00 35.46  ? 98  TRP A CE3 1 
ATOM   782  C CZ2 . TRP A 1 100 ? 4.734   -4.149  12.351  1.00 36.59  ? 98  TRP A CZ2 1 
ATOM   783  C CZ3 . TRP A 1 100 ? 5.077   -3.598  10.001  1.00 35.23  ? 98  TRP A CZ3 1 
ATOM   784  C CH2 . TRP A 1 100 ? 4.902   -3.210  11.353  1.00 34.26  ? 98  TRP A CH2 1 
ATOM   785  N N   . ARG A 1 101 ? 8.087   -7.400  10.939  1.00 39.36  ? 99  ARG A N   1 
ATOM   786  C CA  . ARG A 1 101 ? 8.739   -7.455  12.239  1.00 37.87  ? 99  ARG A CA  1 
ATOM   787  C C   . ARG A 1 101 ? 8.359   -6.179  12.980  1.00 37.87  ? 99  ARG A C   1 
ATOM   788  O O   . ARG A 1 101 ? 8.055   -5.172  12.343  1.00 34.73  ? 99  ARG A O   1 
ATOM   789  C CB  . ARG A 1 101 ? 10.261  -7.548  12.061  1.00 37.30  ? 99  ARG A CB  1 
ATOM   790  C CG  . ARG A 1 101 ? 10.892  -6.289  11.515  1.00 51.92  ? 99  ARG A CG  1 
ATOM   791  C CD  . ARG A 1 101 ? 12.195  -6.530  10.784  1.00 57.09  ? 99  ARG A CD  1 
ATOM   792  N NE  . ARG A 1 101 ? 11.941  -6.879  9.406   1.00 59.70  ? 99  ARG A NE  1 
ATOM   793  C CZ  . ARG A 1 101 ? 12.512  -6.302  8.351   1.00 73.85  ? 99  ARG A CZ  1 
ATOM   794  N NH1 . ARG A 1 101 ? 13.391  -5.325  8.529   1.00 54.95  ? 99  ARG A NH1 1 
ATOM   795  N NH2 . ARG A 1 101 ? 12.196  -6.707  7.111   1.00 55.29  ? 99  ARG A NH2 1 
ATOM   796  N N   . PRO A 1 102 ? 8.432   -6.162  14.321  1.00 40.82  ? 100 PRO A N   1 
ATOM   797  C CA  . PRO A 1 102 ? 8.010   -4.952  15.070  1.00 36.41  ? 100 PRO A CA  1 
ATOM   798  C C   . PRO A 1 102 ? 8.883   -3.727  14.847  1.00 36.65  ? 100 PRO A C   1 
ATOM   799  O O   . PRO A 1 102 ? 8.504   -2.630  15.285  1.00 43.60  ? 100 PRO A O   1 
ATOM   800  C CB  . PRO A 1 102 ? 8.106   -5.387  16.554  1.00 42.95  ? 100 PRO A CB  1 
ATOM   801  C CG  . PRO A 1 102 ? 8.134   -6.854  16.542  1.00 46.33  ? 100 PRO A CG  1 
ATOM   802  C CD  . PRO A 1 102 ? 8.828   -7.244  15.232  1.00 45.44  ? 100 PRO A CD  1 
ATOM   803  N N   . SER A 1 103 ? 10.058  -3.861  14.257  1.00 31.85  ? 101 SER A N   1 
ATOM   804  C CA  . SER A 1 103 ? 10.913  -2.717  13.976  1.00 38.36  ? 101 SER A CA  1 
ATOM   805  C C   . SER A 1 103 ? 10.578  -2.042  12.658  1.00 39.57  ? 101 SER A C   1 
ATOM   806  O O   . SER A 1 103 ? 11.186  -1.014  12.332  1.00 37.67  ? 101 SER A O   1 
ATOM   807  C CB  . SER A 1 103 ? 12.378  -3.138  13.961  1.00 47.94  ? 101 SER A CB  1 
ATOM   808  O OG  . SER A 1 103 ? 12.513  -4.438  13.409  1.00 54.15  ? 101 SER A OG  1 
ATOM   809  N N   . LEU A 1 104 ? 9.682   -2.636  11.866  1.00 39.11  ? 102 LEU A N   1 
ATOM   810  C CA  . LEU A 1 104 ? 9.028   -1.903  10.792  1.00 37.02  ? 102 LEU A CA  1 
ATOM   811  C C   . LEU A 1 104 ? 7.886   -1.087  11.409  1.00 34.58  ? 102 LEU A C   1 
ATOM   812  O O   . LEU A 1 104 ? 7.565   -1.231  12.595  1.00 37.07  ? 102 LEU A O   1 
ATOM   813  C CB  . LEU A 1 104 ? 8.515   -2.863  9.713   1.00 33.31  ? 102 LEU A CB  1 
ATOM   814  C CG  . LEU A 1 104 ? 9.546   -3.785  9.052   1.00 36.52  ? 102 LEU A CG  1 
ATOM   815  C CD1 . LEU A 1 104 ? 8.858   -4.606  7.910   1.00 34.34  ? 102 LEU A CD1 1 
ATOM   816  C CD2 . LEU A 1 104 ? 10.748  -3.002  8.515   1.00 38.71  ? 102 LEU A CD2 1 
ATOM   817  N N   . ASN A 1 105 ? 7.251   -0.239  10.599  1.00 33.57  ? 103 ASN A N   1 
ATOM   818  C CA  . ASN A 1 105 ? 6.125   0.504   11.131  1.00 32.57  ? 103 ASN A CA  1 
ATOM   819  C C   . ASN A 1 105 ? 5.211   0.920   9.983   1.00 34.88  ? 103 ASN A C   1 
ATOM   820  O O   . ASN A 1 105 ? 5.417   0.535   8.826   1.00 31.76  ? 103 ASN A O   1 
ATOM   821  C CB  . ASN A 1 105 ? 6.640   1.714   11.933  1.00 32.31  ? 103 ASN A CB  1 
ATOM   822  C CG  . ASN A 1 105 ? 7.659   2.494   11.161  1.00 32.95  ? 103 ASN A CG  1 
ATOM   823  O OD1 . ASN A 1 105 ? 7.395   2.965   10.033  1.00 33.24  ? 103 ASN A OD1 1 
ATOM   824  N ND2 . ASN A 1 105 ? 8.853   2.620   11.734  1.00 37.81  ? 103 ASN A ND2 1 
ATOM   825  N N   . ILE A 1 106 ? 4.171   1.685   10.326  1.00 29.81  ? 104 ILE A N   1 
ATOM   826  C CA  . ILE A 1 106 ? 3.177   2.092   9.325   1.00 27.81  ? 104 ILE A CA  1 
ATOM   827  C C   . ILE A 1 106 ? 3.837   2.839   8.175   1.00 33.30  ? 104 ILE A C   1 
ATOM   828  O O   . ILE A 1 106 ? 3.552   2.575   6.989   1.00 30.50  ? 104 ILE A O   1 
ATOM   829  C CB  . ILE A 1 106 ? 2.075   2.942   9.981   1.00 28.95  ? 104 ILE A CB  1 
ATOM   830  C CG1 . ILE A 1 106 ? 1.298   2.109   10.998  1.00 29.24  ? 104 ILE A CG1 1 
ATOM   831  C CG2 . ILE A 1 106 ? 1.109   3.502   8.881   1.00 28.38  ? 104 ILE A CG2 1 
ATOM   832  C CD1 . ILE A 1 106 ? 0.572   2.998   12.023  1.00 31.92  ? 104 ILE A CD1 1 
ATOM   833  N N   . ALA A 1 107 ? 4.698   3.806   8.498   1.00 31.34  ? 105 ALA A N   1 
ATOM   834  C CA  . ALA A 1 107 ? 5.371   4.580   7.467   1.00 31.49  ? 105 ALA A CA  1 
ATOM   835  C C   . ALA A 1 107 ? 6.247   3.693   6.593   1.00 29.82  ? 105 ALA A C   1 
ATOM   836  O O   . ALA A 1 107 ? 6.289   3.864   5.361   1.00 30.73  ? 105 ALA A O   1 
ATOM   837  C CB  . ALA A 1 107 ? 6.208   5.695   8.115   1.00 32.43  ? 105 ALA A CB  1 
ATOM   838  N N   . THR A 1 108 ? 6.923   2.710   7.198   1.00 28.47  ? 106 THR A N   1 
ATOM   839  C CA  . THR A 1 108 ? 7.783   1.806   6.418   1.00 30.75  ? 106 THR A CA  1 
ATOM   840  C C   . THR A 1 108 ? 6.961   1.044   5.400   1.00 29.10  ? 106 THR A C   1 
ATOM   841  O O   . THR A 1 108 ? 7.332   0.947   4.214   1.00 30.48  ? 106 THR A O   1 
ATOM   842  C CB  . THR A 1 108 ? 8.453   0.802   7.363   1.00 28.85  ? 106 THR A CB  1 
ATOM   843  O OG1 . THR A 1 108 ? 9.250   1.573   8.290   1.00 51.90  ? 106 THR A OG1 1 
ATOM   844  C CG2 . THR A 1 108 ? 9.378   0.017   6.682   1.00 34.99  ? 106 THR A CG2 1 
ATOM   845  N N   . VAL A 1 109 ? 5.850   0.489   5.854   1.00 29.13  ? 107 VAL A N   1 
ATOM   846  C CA  . VAL A 1 109 ? 5.121   -0.405  4.955   1.00 26.97  ? 107 VAL A CA  1 
ATOM   847  C C   . VAL A 1 109 ? 4.358   0.410   3.923   1.00 29.41  ? 107 VAL A C   1 
ATOM   848  O O   . VAL A 1 109 ? 4.202   -0.033  2.784   1.00 29.78  ? 107 VAL A O   1 
ATOM   849  C CB  . VAL A 1 109 ? 4.206   -1.354  5.749   1.00 27.88  ? 107 VAL A CB  1 
ATOM   850  C CG1 . VAL A 1 109 ? 5.026   -2.223  6.728   1.00 33.58  ? 107 VAL A CG1 1 
ATOM   851  C CG2 . VAL A 1 109 ? 3.133   -0.670  6.529   1.00 32.48  ? 107 VAL A CG2 1 
ATOM   852  N N   . LEU A 1 110 ? 3.866   1.617   4.287   1.00 26.26  ? 108 LEU A N   1 
ATOM   853  C CA  . LEU A 1 110 ? 3.267   2.436   3.240   1.00 26.46  ? 108 LEU A CA  1 
ATOM   854  C C   . LEU A 1 110 ? 4.308   2.791   2.184   1.00 27.38  ? 108 LEU A C   1 
ATOM   855  O O   . LEU A 1 110 ? 3.990   2.840   0.986   1.00 31.66  ? 108 LEU A O   1 
ATOM   856  C CB  . LEU A 1 110 ? 2.636   3.715   3.839   1.00 30.57  ? 108 LEU A CB  1 
ATOM   857  C CG  . LEU A 1 110 ? 1.324   3.484   4.621   1.00 26.99  ? 108 LEU A CG  1 
ATOM   858  C CD1 . LEU A 1 110 ? 0.991   4.784   5.415   1.00 29.04  ? 108 LEU A CD1 1 
ATOM   859  C CD2 . LEU A 1 110 ? 0.145   3.022   3.733   1.00 27.94  ? 108 LEU A CD2 1 
ATOM   860  N N   . THR A 1 111 ? 5.553   3.073   2.626   1.00 25.75  ? 109 THR A N   1 
ATOM   861  C CA  . THR A 1 111 ? 6.616   3.312   1.668   1.00 27.67  ? 109 THR A CA  1 
ATOM   862  C C   . THR A 1 111 ? 6.865   2.056   0.806   1.00 28.77  ? 109 THR A C   1 
ATOM   863  O O   . THR A 1 111 ? 7.108   2.166   -0.391  1.00 32.53  ? 109 THR A O   1 
ATOM   864  C CB  . THR A 1 111 ? 7.890   3.732   2.379   1.00 38.40  ? 109 THR A CB  1 
ATOM   865  O OG1 . THR A 1 111 ? 7.650   4.977   3.053   1.00 35.06  ? 109 THR A OG1 1 
ATOM   866  C CG2 . THR A 1 111 ? 9.021   3.941   1.387   1.00 35.32  ? 109 THR A CG2 1 
ATOM   867  N N   . SER A 1 112 ? 6.836   0.874   1.419   1.00 32.23  ? 110 SER A N   1 
ATOM   868  C CA  . SER A 1 112 ? 6.995   -0.356  0.608   1.00 27.95  ? 110 SER A CA  1 
ATOM   869  C C   . SER A 1 112 ? 5.880   -0.499  -0.410  1.00 32.94  ? 110 SER A C   1 
ATOM   870  O O   . SER A 1 112 ? 6.118   -1.008  -1.512  1.00 32.66  ? 110 SER A O   1 
ATOM   871  C CB  . SER A 1 112 ? 7.026   -1.572  1.528   1.00 28.21  ? 110 SER A CB  1 
ATOM   872  O OG  . SER A 1 112 ? 8.096   -1.481  2.456   1.00 32.77  ? 110 SER A OG  1 
ATOM   873  N N   . ILE A 1 113 ? 4.645   -0.116  -0.051  1.00 28.11  ? 111 ILE A N   1 
ATOM   874  C CA  . ILE A 1 113 ? 3.528   -0.205  -0.997  1.00 30.11  ? 111 ILE A CA  1 
ATOM   875  C C   . ILE A 1 113 ? 3.748   0.789   -2.130  1.00 35.01  ? 111 ILE A C   1 
ATOM   876  O O   . ILE A 1 113 ? 3.570   0.491   -3.315  1.00 29.55  ? 111 ILE A O   1 
ATOM   877  C CB  . ILE A 1 113 ? 2.189   0.055   -0.277  1.00 24.88  ? 111 ILE A CB  1 
ATOM   878  C CG1 . ILE A 1 113 ? 1.864   -1.028  0.741   1.00 25.96  ? 111 ILE A CG1 1 
ATOM   879  C CG2 . ILE A 1 113 ? 1.067   0.311   -1.327  1.00 27.34  ? 111 ILE A CG2 1 
ATOM   880  C CD1 . ILE A 1 113 ? 0.727   -0.693  1.729   1.00 29.17  ? 111 ILE A CD1 1 
ATOM   881  N N   . GLN A 1 114 ? 4.158   2.009   -1.775  1.00 29.66  ? 112 GLN A N   1 
ATOM   882  C CA  . GLN A 1 114 ? 4.542   2.958   -2.800  1.00 27.68  ? 112 GLN A CA  1 
ATOM   883  C C   . GLN A 1 114 ? 5.623   2.390   -3.721  1.00 31.05  ? 112 GLN A C   1 
ATOM   884  O O   . GLN A 1 114 ? 5.573   2.606   -4.928  1.00 34.19  ? 112 GLN A O   1 
ATOM   885  C CB  . GLN A 1 114 ? 5.028   4.248   -2.117  1.00 30.54  ? 112 GLN A CB  1 
ATOM   886  C CG  . GLN A 1 114 ? 5.506   5.313   -3.068  1.00 31.71  ? 112 GLN A CG  1 
ATOM   887  C CD  . GLN A 1 114 ? 6.135   6.477   -2.263  1.00 36.17  ? 112 GLN A CD  1 
ATOM   888  O OE1 . GLN A 1 114 ? 7.051   6.272   -1.469  1.00 37.26  ? 112 GLN A OE1 1 
ATOM   889  N NE2 . GLN A 1 114 ? 5.604   7.669   -2.447  1.00 37.08  ? 112 GLN A NE2 1 
ATOM   890  N N   . LEU A 1 115 ? 6.633   1.714   -3.167  1.00 32.10  ? 113 LEU A N   1 
ATOM   891  C CA  . LEU A 1 115 ? 7.679   1.175   -4.036  1.00 31.47  ? 113 LEU A CA  1 
ATOM   892  C C   . LEU A 1 115 ? 7.134   0.040   -4.915  1.00 30.19  ? 113 LEU A C   1 
ATOM   893  O O   . LEU A 1 115 ? 7.437   -0.031  -6.125  1.00 34.40  ? 113 LEU A O   1 
ATOM   894  C CB  . LEU A 1 115 ? 8.856   0.695   -3.194  1.00 36.51  ? 113 LEU A CB  1 
ATOM   895  C CG  . LEU A 1 115 ? 9.998   0.112   -4.010  1.00 40.38  ? 113 LEU A CG  1 
ATOM   896  C CD1 . LEU A 1 115 ? 10.407  1.110   -5.082  1.00 45.17  ? 113 LEU A CD1 1 
ATOM   897  C CD2 . LEU A 1 115 ? 11.148  -0.312  -3.137  1.00 46.35  ? 113 LEU A CD2 1 
ATOM   898  N N   . LEU A 1 116 ? 6.270   -0.791  -4.344  1.00 30.40  ? 114 LEU A N   1 
ATOM   899  C CA  . LEU A 1 116 ? 5.612   -1.844  -5.151  1.00 27.61  ? 114 LEU A CA  1 
ATOM   900  C C   . LEU A 1 116 ? 4.835   -1.262  -6.329  1.00 32.00  ? 114 LEU A C   1 
ATOM   901  O O   . LEU A 1 116 ? 4.831   -1.839  -7.444  1.00 35.16  ? 114 LEU A O   1 
ATOM   902  C CB  . LEU A 1 116 ? 4.684   -2.658  -4.239  1.00 27.72  ? 114 LEU A CB  1 
ATOM   903  C CG  . LEU A 1 116 ? 3.946   -3.826  -4.923  1.00 31.71  ? 114 LEU A CG  1 
ATOM   904  C CD1 . LEU A 1 116 ? 4.991   -4.897  -5.256  1.00 32.83  ? 114 LEU A CD1 1 
ATOM   905  C CD2 . LEU A 1 116 ? 2.955   -4.331  -3.902  1.00 29.02  ? 114 LEU A CD2 1 
ATOM   906  N N   . MET A 1 117 ? 4.144   -0.129  -6.116  1.00 31.44  ? 115 MET A N   1 
ATOM   907  C CA  . MET A 1 117 ? 3.425   0.522   -7.215  1.00 30.85  ? 115 MET A CA  1 
ATOM   908  C C   . MET A 1 117 ? 4.366   0.884   -8.364  1.00 39.63  ? 115 MET A C   1 
ATOM   909  O O   . MET A 1 117 ? 4.015   0.704   -9.547  1.00 37.09  ? 115 MET A O   1 
ATOM   910  C CB  . MET A 1 117 ? 2.696   1.778   -6.706  1.00 31.06  ? 115 MET A CB  1 
ATOM   911  C CG  . MET A 1 117 ? 1.455   1.495   -5.907  1.00 30.29  ? 115 MET A CG  1 
ATOM   912  S SD  . MET A 1 117 ? 0.971   2.982   -4.977  1.00 35.30  ? 115 MET A SD  1 
ATOM   913  C CE  . MET A 1 117 ? 0.284   3.978   -6.313  1.00 29.35  ? 115 MET A CE  1 
ATOM   914  N N   . SER A 1 118 ? 5.588   1.336   -8.047  1.00 40.17  ? 116 SER A N   1 
ATOM   915  C CA  . SER A 1 118 ? 6.570   1.623   -9.092  1.00 43.61  ? 116 SER A CA  1 
ATOM   916  C C   . SER A 1 118 ? 7.261   0.375   -9.624  1.00 42.89  ? 116 SER A C   1 
ATOM   917  O O   . SER A 1 118 ? 7.678   0.359   -10.784 1.00 45.60  ? 116 SER A O   1 
ATOM   918  C CB  . SER A 1 118 ? 7.646   2.587   -8.589  1.00 43.54  ? 116 SER A CB  1 
ATOM   919  O OG  . SER A 1 118 ? 7.048   3.796   -8.193  1.00 58.21  ? 116 SER A OG  1 
ATOM   920  N N   . GLU A 1 119 ? 7.480   -0.634  -8.781  1.00 39.09  ? 117 GLU A N   1 
ATOM   921  C CA  . GLU A 1 119 ? 8.237   -1.827  -9.157  1.00 44.11  ? 117 GLU A CA  1 
ATOM   922  C C   . GLU A 1 119 ? 7.434   -3.077  -8.825  1.00 39.07  ? 117 GLU A C   1 
ATOM   923  O O   . GLU A 1 119 ? 7.631   -3.701  -7.769  1.00 42.43  ? 117 GLU A O   1 
ATOM   924  C CB  . GLU A 1 119 ? 9.597   -1.828  -8.477  1.00 42.77  ? 117 GLU A CB  1 
ATOM   925  C CG  . GLU A 1 119 ? 10.441  -0.669  -8.955  1.00 46.48  ? 117 GLU A CG  1 
ATOM   926  C CD  . GLU A 1 119 ? 11.747  -0.537  -8.197  1.00 56.32  ? 117 GLU A CD  1 
ATOM   927  O OE1 . GLU A 1 119 ? 12.106  -1.461  -7.432  1.00 63.60  ? 117 GLU A OE1 1 
ATOM   928  O OE2 . GLU A 1 119 ? 12.422  0.494   -8.381  1.00 60.64  ? 117 GLU A OE2 1 
ATOM   929  N N   . PRO A 1 120 ? 6.506   -3.460  -9.704  1.00 40.88  ? 118 PRO A N   1 
ATOM   930  C CA  . PRO A 1 120 ? 5.677   -4.640  -9.441  1.00 42.27  ? 118 PRO A CA  1 
ATOM   931  C C   . PRO A 1 120 ? 6.508   -5.906  -9.302  1.00 45.24  ? 118 PRO A C   1 
ATOM   932  O O   . PRO A 1 120 ? 7.669   -5.974  -9.701  1.00 46.51  ? 118 PRO A O   1 
ATOM   933  C CB  . PRO A 1 120 ? 4.754   -4.715  -10.666 1.00 37.47  ? 118 PRO A CB  1 
ATOM   934  C CG  . PRO A 1 120 ? 4.686   -3.299  -11.191 1.00 40.54  ? 118 PRO A CG  1 
ATOM   935  C CD  . PRO A 1 120 ? 6.064   -2.713  -10.896 1.00 41.25  ? 118 PRO A CD  1 
ATOM   936  N N   . ASN A 1 121 ? 5.882   -6.925  -8.718  1.00 45.11  ? 119 ASN A N   1 
ATOM   937  C CA  A ASN A 1 121 ? 6.481   -8.239  -8.491  0.51 44.74  ? 119 ASN A CA  1 
ATOM   938  C CA  B ASN A 1 121 ? 6.494   -8.239  -8.511  0.49 44.74  ? 119 ASN A CA  1 
ATOM   939  C C   . ASN A 1 121 ? 5.688   -9.302  -9.253  1.00 40.57  ? 119 ASN A C   1 
ATOM   940  O O   . ASN A 1 121 ? 4.767   -9.901  -8.691  1.00 41.35  ? 119 ASN A O   1 
ATOM   941  C CB  A ASN A 1 121 ? 6.496   -8.521  -6.988  0.51 45.48  ? 119 ASN A CB  1 
ATOM   942  C CB  B ASN A 1 121 ? 6.584   -8.574  -7.024  0.49 45.49  ? 119 ASN A CB  1 
ATOM   943  C CG  A ASN A 1 121 ? 7.260   -9.768  -6.615  0.51 51.02  ? 119 ASN A CG  1 
ATOM   944  C CG  B ASN A 1 121 ? 7.658   -7.784  -6.308  0.49 41.37  ? 119 ASN A CG  1 
ATOM   945  O OD1 A ASN A 1 121 ? 8.269   -10.109 -7.232  0.51 49.90  ? 119 ASN A OD1 1 
ATOM   946  O OD1 B ASN A 1 121 ? 8.677   -7.425  -6.897  0.49 44.30  ? 119 ASN A OD1 1 
ATOM   947  N ND2 A ASN A 1 121 ? 6.800   -10.442 -5.559  0.51 54.58  ? 119 ASN A ND2 1 
ATOM   948  N ND2 B ASN A 1 121 ? 7.438   -7.513  -5.024  0.49 40.52  ? 119 ASN A ND2 1 
ATOM   949  N N   . PRO A 1 122 ? 5.997   -9.571  -10.531 1.00 54.29  ? 120 PRO A N   1 
ATOM   950  C CA  . PRO A 1 122 ? 5.342   -10.720 -11.218 1.00 57.47  ? 120 PRO A CA  1 
ATOM   951  C C   . PRO A 1 122 ? 5.732   -12.109 -10.672 1.00 55.87  ? 120 PRO A C   1 
ATOM   952  O O   . PRO A 1 122 ? 5.058   -13.088 -11.023 1.00 62.50  ? 120 PRO A O   1 
ATOM   953  C CB  . PRO A 1 122 ? 5.776   -10.554 -12.682 1.00 54.17  ? 120 PRO A CB  1 
ATOM   954  C CG  . PRO A 1 122 ? 6.075   -9.129  -12.836 1.00 52.99  ? 120 PRO A CG  1 
ATOM   955  C CD  . PRO A 1 122 ? 6.647   -8.668  -11.497 1.00 50.30  ? 120 PRO A CD  1 
ATOM   956  N N   . ASP A 1 123 ? 6.787   -12.223 -9.857  1.00 64.96  ? 121 ASP A N   1 
ATOM   957  C CA  . ASP A 1 123 ? 7.004   -13.396 -8.997  1.00 73.91  ? 121 ASP A CA  1 
ATOM   958  C C   . ASP A 1 123 ? 5.727   -13.817 -8.279  1.00 65.76  ? 121 ASP A C   1 
ATOM   959  O O   . ASP A 1 123 ? 5.341   -14.990 -8.297  1.00 71.27  ? 121 ASP A O   1 
ATOM   960  C CB  . ASP A 1 123 ? 8.063   -13.096 -7.924  1.00 79.30  ? 121 ASP A CB  1 
ATOM   961  C CG  . ASP A 1 123 ? 9.467   -13.589 -8.278  1.00 93.25  ? 121 ASP A CG  1 
ATOM   962  O OD1 . ASP A 1 123 ? 9.608   -14.705 -8.837  1.00 92.76  ? 121 ASP A OD1 1 
ATOM   963  O OD2 . ASP A 1 123 ? 10.435  -12.862 -7.942  1.00 88.07  ? 121 ASP A OD2 1 
ATOM   964  N N   . ASP A 1 124 ? 5.093   -12.874 -7.587  1.00 64.61  ? 122 ASP A N   1 
ATOM   965  C CA  . ASP A 1 124 ? 4.023   -13.148 -6.635  1.00 59.74  ? 122 ASP A CA  1 
ATOM   966  C C   . ASP A 1 124 ? 2.744   -12.469 -7.095  1.00 50.80  ? 122 ASP A C   1 
ATOM   967  O O   . ASP A 1 124 ? 2.243   -11.555 -6.428  1.00 50.50  ? 122 ASP A O   1 
ATOM   968  C CB  . ASP A 1 124 ? 4.383   -12.672 -5.227  1.00 60.85  ? 122 ASP A CB  1 
ATOM   969  C CG  . ASP A 1 124 ? 5.286   -13.626 -4.508  1.00 78.27  ? 122 ASP A CG  1 
ATOM   970  O OD1 . ASP A 1 124 ? 5.491   -14.748 -5.019  1.00 86.93  ? 122 ASP A OD1 1 
ATOM   971  O OD2 . ASP A 1 124 ? 5.762   -13.256 -3.412  1.00 91.87  ? 122 ASP A OD2 1 
ATOM   972  N N   . PRO A 1 125 ? 2.157   -12.925 -8.196  1.00 47.85  ? 123 PRO A N   1 
ATOM   973  C CA  . PRO A 1 125 ? 0.967   -12.255 -8.713  1.00 44.83  ? 123 PRO A CA  1 
ATOM   974  C C   . PRO A 1 125 ? -0.264  -12.551 -7.883  1.00 38.96  ? 123 PRO A C   1 
ATOM   975  O O   . PRO A 1 125 ? -0.511  -13.684 -7.464  1.00 53.17  ? 123 PRO A O   1 
ATOM   976  C CB  . PRO A 1 125 ? 0.826   -12.837 -10.114 1.00 46.03  ? 123 PRO A CB  1 
ATOM   977  C CG  . PRO A 1 125 ? 1.394   -14.188 -9.999  1.00 53.36  ? 123 PRO A CG  1 
ATOM   978  C CD  . PRO A 1 125 ? 2.557   -14.053 -9.049  1.00 43.74  ? 123 PRO A CD  1 
ATOM   979  N N   . LEU A 1 126 ? -1.059  -11.525 -7.691  1.00 36.31  ? 124 LEU A N   1 
ATOM   980  C CA  . LEU A 1 126 ? -2.441  -11.708 -7.302  1.00 33.34  ? 124 LEU A CA  1 
ATOM   981  C C   . LEU A 1 126 ? -3.356  -11.616 -8.499  1.00 36.24  ? 124 LEU A C   1 
ATOM   982  O O   . LEU A 1 126 ? -4.495  -12.091 -8.444  1.00 37.31  ? 124 LEU A O   1 
ATOM   983  C CB  . LEU A 1 126 ? -2.834  -10.639 -6.281  1.00 38.15  ? 124 LEU A CB  1 
ATOM   984  C CG  . LEU A 1 126 ? -3.651  -11.046 -5.080  1.00 50.02  ? 124 LEU A CG  1 
ATOM   985  C CD1 . LEU A 1 126 ? -3.132  -12.354 -4.525  1.00 45.06  ? 124 LEU A CD1 1 
ATOM   986  C CD2 . LEU A 1 126 ? -3.574  -9.894  -4.073  1.00 32.96  ? 124 LEU A CD2 1 
ATOM   987  N N   . MET A 1 127 ? -2.880  -11.004 -9.572  1.00 30.36  ? 125 MET A N   1 
ATOM   988  C CA  . MET A 1 127 ? -3.680  -10.782 -10.770 1.00 33.67  ? 125 MET A CA  1 
ATOM   989  C C   . MET A 1 127 ? -2.900  -11.406 -11.932 1.00 37.66  ? 125 MET A C   1 
ATOM   990  O O   . MET A 1 127 ? -1.967  -10.805 -12.470 1.00 34.02  ? 125 MET A O   1 
ATOM   991  C CB  . MET A 1 127 ? -3.950  -9.297  -10.965 1.00 32.18  ? 125 MET A CB  1 
ATOM   992  C CG  . MET A 1 127 ? -4.757  -8.687  -9.838  1.00 34.70  ? 125 MET A CG  1 
ATOM   993  S SD  . MET A 1 127 ? -6.460  -9.295  -9.729  1.00 35.90  ? 125 MET A SD  1 
ATOM   994  C CE  . MET A 1 127 ? -7.345  -8.167  -10.809 1.00 40.40  ? 125 MET A CE  1 
ATOM   995  N N   . ALA A 1 128 ? -3.271  -12.637 -12.295 1.00 34.86  ? 126 ALA A N   1 
ATOM   996  C CA  . ALA A 1 128 ? -2.487  -13.404 -13.268 1.00 40.58  ? 126 ALA A CA  1 
ATOM   997  C C   . ALA A 1 128 ? -2.492  -12.749 -14.642 1.00 32.30  ? 126 ALA A C   1 
ATOM   998  O O   . ALA A 1 128 ? -1.445  -12.658 -15.304 1.00 33.39  ? 126 ALA A O   1 
ATOM   999  C CB  . ALA A 1 128 ? -3.047  -14.820 -13.370 1.00 39.53  ? 126 ALA A CB  1 
ATOM   1000 N N   . ASP A 1 129 ? -3.643  -12.268 -15.074 1.00 34.91  ? 127 ASP A N   1 
ATOM   1001 C CA  . ASP A 1 129 ? -3.702  -11.667 -16.402 1.00 39.88  ? 127 ASP A CA  1 
ATOM   1002 C C   . ASP A 1 129 ? -2.910  -10.375 -16.439 1.00 38.02  ? 127 ASP A C   1 
ATOM   1003 O O   . ASP A 1 129 ? -2.175  -10.127 -17.398 1.00 33.25  ? 127 ASP A O   1 
ATOM   1004 C CB  . ASP A 1 129 ? -5.152  -11.430 -16.819 1.00 39.14  ? 127 ASP A CB  1 
ATOM   1005 C CG  . ASP A 1 129 ? -5.907  -12.738 -17.103 1.00 46.63  ? 127 ASP A CG  1 
ATOM   1006 O OD1 . ASP A 1 129 ? -5.248  -13.778 -17.310 1.00 48.03  ? 127 ASP A OD1 1 
ATOM   1007 O OD2 . ASP A 1 129 ? -7.156  -12.694 -17.131 1.00 50.23  ? 127 ASP A OD2 1 
ATOM   1008 N N   . ILE A 1 130 ? -2.991  -9.555  -15.380 1.00 32.14  ? 128 ILE A N   1 
ATOM   1009 C CA  . ILE A 1 130 ? -2.191  -8.333  -15.382 1.00 30.46  ? 128 ILE A CA  1 
ATOM   1010 C C   . ILE A 1 130 ? -0.706  -8.662  -15.326 1.00 28.24  ? 128 ILE A C   1 
ATOM   1011 O O   . ILE A 1 130 ? 0.122   -8.006  -15.971 1.00 34.70  ? 128 ILE A O   1 
ATOM   1012 C CB  . ILE A 1 130 ? -2.622  -7.439  -14.199 1.00 31.78  ? 128 ILE A CB  1 
ATOM   1013 C CG1 . ILE A 1 130 ? -4.070  -7.069  -14.389 1.00 31.68  ? 128 ILE A CG1 1 
ATOM   1014 C CG2 . ILE A 1 130 ? -1.704  -6.204  -14.099 1.00 35.33  ? 128 ILE A CG2 1 
ATOM   1015 C CD1 . ILE A 1 130 ? -4.685  -6.325  -13.215 1.00 36.93  ? 128 ILE A CD1 1 
ATOM   1016 N N   . SER A 1 131 ? -0.329  -9.630  -14.493 1.00 29.96  ? 129 SER A N   1 
ATOM   1017 C CA  A SER A 1 131 ? 1.073   -10.000 -14.380 0.53 32.45  ? 129 SER A CA  1 
ATOM   1018 C CA  B SER A 1 131 ? 1.075   -10.003 -14.378 0.47 32.50  ? 129 SER A CA  1 
ATOM   1019 C C   . SER A 1 131 ? 1.658   -10.435 -15.712 1.00 34.22  ? 129 SER A C   1 
ATOM   1020 O O   . SER A 1 131 ? 2.789   -10.069 -16.050 1.00 34.19  ? 129 SER A O   1 
ATOM   1021 C CB  A SER A 1 131 ? 1.231   -11.106 -13.358 0.53 35.01  ? 129 SER A CB  1 
ATOM   1022 C CB  B SER A 1 131 ? 1.239   -11.114 -13.351 0.47 35.01  ? 129 SER A CB  1 
ATOM   1023 O OG  A SER A 1 131 ? 2.588   -11.225 -13.019 0.53 38.98  ? 129 SER A OG  1 
ATOM   1024 O OG  B SER A 1 131 ? 0.825   -10.674 -12.072 0.47 38.08  ? 129 SER A OG  1 
ATOM   1025 N N   . SER A 1 132 ? 0.916   -11.241 -16.475 1.00 33.94  ? 130 SER A N   1 
ATOM   1026 C CA  . SER A 1 132 ? 1.451   -11.662 -17.774 1.00 32.79  ? 130 SER A CA  1 
ATOM   1027 C C   . SER A 1 132 ? 1.526   -10.495 -18.734 1.00 31.93  ? 130 SER A C   1 
ATOM   1028 O O   . SER A 1 132 ? 2.496   -10.362 -19.490 1.00 34.65  ? 130 SER A O   1 
ATOM   1029 C CB  . SER A 1 132 ? 0.583   -12.777 -18.320 1.00 35.92  ? 130 SER A CB  1 
ATOM   1030 O OG  . SER A 1 132 ? 0.576   -13.858 -17.398 1.00 37.41  ? 130 SER A OG  1 
ATOM   1031 N N   . GLU A 1 133 ? 0.528   -9.623  -18.700 1.00 29.20  ? 131 GLU A N   1 
ATOM   1032 C CA  . GLU A 1 133 ? 0.572   -8.429  -19.542 1.00 30.32  ? 131 GLU A CA  1 
ATOM   1033 C C   . GLU A 1 133 ? 1.731   -7.533  -19.155 1.00 36.32  ? 131 GLU A C   1 
ATOM   1034 O O   . GLU A 1 133 ? 2.489   -7.055  -20.010 1.00 33.04  ? 131 GLU A O   1 
ATOM   1035 C CB  . GLU A 1 133 ? -0.763  -7.702  -19.468 1.00 31.17  ? 131 GLU A CB  1 
ATOM   1036 C CG  . GLU A 1 133 ? -0.899  -6.481  -20.333 1.00 32.37  ? 131 GLU A CG  1 
ATOM   1037 C CD  . GLU A 1 133 ? -2.198  -5.751  -20.028 1.00 46.73  ? 131 GLU A CD  1 
ATOM   1038 O OE1 . GLU A 1 133 ? -2.301  -5.149  -18.930 1.00 38.27  ? 131 GLU A OE1 1 
ATOM   1039 O OE2 . GLU A 1 133 ? -3.147  -5.827  -20.831 1.00 47.62  ? 131 GLU A OE2 1 
ATOM   1040 N N   . PHE A 1 134 ? 1.926   -7.326  -17.850 1.00 34.07  ? 132 PHE A N   1 
ATOM   1041 C CA  . PHE A 1 134 ? 3.087   -6.567  -17.436 1.00 33.30  ? 132 PHE A CA  1 
ATOM   1042 C C   . PHE A 1 134 ? 4.368   -7.205  -17.942 1.00 38.74  ? 132 PHE A C   1 
ATOM   1043 O O   . PHE A 1 134 ? 5.292   -6.508  -18.372 1.00 38.58  ? 132 PHE A O   1 
ATOM   1044 C CB  . PHE A 1 134 ? 3.097   -6.491  -15.904 1.00 32.97  ? 132 PHE A CB  1 
ATOM   1045 C CG  . PHE A 1 134 ? 4.305   -5.820  -15.334 1.00 36.49  ? 132 PHE A CG  1 
ATOM   1046 C CD1 . PHE A 1 134 ? 4.333   -4.451  -15.197 1.00 40.46  ? 132 PHE A CD1 1 
ATOM   1047 C CD2 . PHE A 1 134 ? 5.397   -6.569  -14.938 1.00 37.12  ? 132 PHE A CD2 1 
ATOM   1048 C CE1 . PHE A 1 134 ? 5.470   -3.811  -14.649 1.00 39.34  ? 132 PHE A CE1 1 
ATOM   1049 C CE2 . PHE A 1 134 ? 6.520   -5.946  -14.384 1.00 52.34  ? 132 PHE A CE2 1 
ATOM   1050 C CZ  . PHE A 1 134 ? 6.547   -4.567  -14.253 1.00 43.08  ? 132 PHE A CZ  1 
ATOM   1051 N N   . LYS A 1 135 ? 4.434   -8.534  -17.920 1.00 37.82  ? 133 LYS A N   1 
ATOM   1052 C CA  . LYS A 1 135 ? 5.688   -9.171  -18.254 1.00 35.15  ? 133 LYS A CA  1 
ATOM   1053 C C   . LYS A 1 135 ? 5.902   -9.245  -19.758 1.00 44.22  ? 133 LYS A C   1 
ATOM   1054 O O   . LYS A 1 135 ? 7.038   -9.122  -20.225 1.00 37.38  ? 133 LYS A O   1 
ATOM   1055 C CB  . LYS A 1 135 ? 5.759   -10.554 -17.627 1.00 43.54  ? 133 LYS A CB  1 
ATOM   1056 C CG  . LYS A 1 135 ? 7.173   -11.053 -17.480 1.00 61.05  ? 133 LYS A CG  1 
ATOM   1057 C CD  . LYS A 1 135 ? 7.242   -12.566 -17.404 1.00 72.73  ? 133 LYS A CD  1 
ATOM   1058 C CE  . LYS A 1 135 ? 7.082   -13.059 -15.982 1.00 73.51  ? 133 LYS A CE  1 
ATOM   1059 N NZ  . LYS A 1 135 ? 7.531   -14.471 -15.868 1.00 71.27  ? 133 LYS A NZ  1 
ATOM   1060 N N   . TYR A 1 136 ? 4.831   -9.413  -20.539 1.00 37.87  ? 134 TYR A N   1 
ATOM   1061 C CA  . TYR A 1 136 ? 5.000   -9.744  -21.956 1.00 36.20  ? 134 TYR A CA  1 
ATOM   1062 C C   . TYR A 1 136 ? 4.473   -8.706  -22.924 1.00 46.87  ? 134 TYR A C   1 
ATOM   1063 O O   . TYR A 1 136 ? 4.626   -8.873  -24.148 1.00 47.61  ? 134 TYR A O   1 
ATOM   1064 C CB  . TYR A 1 136 ? 4.310   -11.077 -22.234 1.00 31.98  ? 134 TYR A CB  1 
ATOM   1065 C CG  . TYR A 1 136 ? 4.960   -12.218 -21.495 1.00 31.69  ? 134 TYR A CG  1 
ATOM   1066 C CD1 . TYR A 1 136 ? 6.266   -12.567 -21.756 1.00 33.23  ? 134 TYR A CD1 1 
ATOM   1067 C CD2 . TYR A 1 136 ? 4.242   -12.986 -20.571 1.00 34.49  ? 134 TYR A CD2 1 
ATOM   1068 C CE1 . TYR A 1 136 ? 6.841   -13.646 -21.112 1.00 36.69  ? 134 TYR A CE1 1 
ATOM   1069 C CE2 . TYR A 1 136 ? 4.807   -14.028 -19.923 1.00 68.73  ? 134 TYR A CE2 1 
ATOM   1070 C CZ  . TYR A 1 136 ? 6.098   -14.362 -20.190 1.00 41.59  ? 134 TYR A CZ  1 
ATOM   1071 O OH  . TYR A 1 136 ? 6.659   -15.430 -19.526 1.00 51.78  ? 134 TYR A OH  1 
ATOM   1072 N N   . ASN A 1 137 ? 3.822   -7.671  -22.429 1.00 38.15  ? 135 ASN A N   1 
ATOM   1073 C CA  . ASN A 1 137 ? 3.219   -6.672  -23.274 1.00 40.09  ? 135 ASN A CA  1 
ATOM   1074 C C   . ASN A 1 137 ? 3.171   -5.370  -22.478 1.00 35.75  ? 135 ASN A C   1 
ATOM   1075 O O   . ASN A 1 137 ? 2.136   -4.703  -22.385 1.00 41.37  ? 135 ASN A O   1 
ATOM   1076 C CB  . ASN A 1 137 ? 1.837   -7.124  -23.742 1.00 40.70  ? 135 ASN A CB  1 
ATOM   1077 C CG  . ASN A 1 137 ? 1.292   -6.272  -24.864 1.00 43.14  ? 135 ASN A CG  1 
ATOM   1078 O OD1 . ASN A 1 137 ? 1.946   -5.334  -25.312 1.00 46.62  ? 135 ASN A OD1 1 
ATOM   1079 N ND2 . ASN A 1 137 ? 0.076   -6.573  -25.302 1.00 39.39  ? 135 ASN A ND2 1 
ATOM   1080 N N   . LYS A 1 138 ? 4.342   -4.983  -21.998 1.00 36.14  ? 136 LYS A N   1 
ATOM   1081 C CA  . LYS A 1 138 ? 4.456   -3.800  -21.141 1.00 40.52  ? 136 LYS A CA  1 
ATOM   1082 C C   . LYS A 1 138 ? 3.730   -2.579  -21.694 1.00 48.34  ? 136 LYS A C   1 
ATOM   1083 O O   . LYS A 1 138 ? 3.092   -1.873  -20.898 1.00 40.06  ? 136 LYS A O   1 
ATOM   1084 C CB  . LYS A 1 138 ? 5.942   -3.507  -20.887 1.00 41.29  ? 136 LYS A CB  1 
ATOM   1085 C CG  . LYS A 1 138 ? 6.185   -2.411  -19.817 1.00 49.08  ? 136 LYS A CG  1 
ATOM   1086 C CD  . LYS A 1 138 ? 5.844   -2.884  -18.426 1.00 63.65  ? 136 LYS A CD  1 
ATOM   1087 C CE  . LYS A 1 138 ? 6.238   -1.831  -17.372 1.00 62.15  ? 136 LYS A CE  1 
ATOM   1088 N NZ  . LYS A 1 138 ? 7.706   -1.835  -17.118 1.00 56.45  ? 136 LYS A NZ  1 
ATOM   1089 N N   . PRO A 1 139 ? 3.740   -2.274  -23.002 1.00 44.96  ? 137 PRO A N   1 
ATOM   1090 C CA  . PRO A 1 139 ? 3.026   -1.064  -23.428 1.00 40.02  ? 137 PRO A CA  1 
ATOM   1091 C C   . PRO A 1 139 ? 1.531   -1.157  -23.210 1.00 44.13  ? 137 PRO A C   1 
ATOM   1092 O O   . PRO A 1 139 ? 0.882   -0.139  -22.930 1.00 44.80  ? 137 PRO A O   1 
ATOM   1093 C CB  . PRO A 1 139 ? 3.366   -0.958  -24.931 1.00 50.06  ? 137 PRO A CB  1 
ATOM   1094 C CG  . PRO A 1 139 ? 4.568   -1.784  -25.126 1.00 46.63  ? 137 PRO A CG  1 
ATOM   1095 C CD  . PRO A 1 139 ? 4.510   -2.871  -24.117 1.00 52.42  ? 137 PRO A CD  1 
ATOM   1096 N N   . ALA A 1 140 ? 0.952   -2.351  -23.384 1.00 38.73  ? 138 ALA A N   1 
ATOM   1097 C CA  . ALA A 1 140 ? -0.463  -2.536  -23.085 1.00 39.62  ? 138 ALA A CA  1 
ATOM   1098 C C   . ALA A 1 140 ? -0.715  -2.410  -21.582 1.00 37.04  ? 138 ALA A C   1 
ATOM   1099 O O   . ALA A 1 140 ? -1.749  -1.881  -21.164 1.00 39.87  ? 138 ALA A O   1 
ATOM   1100 C CB  . ALA A 1 140 ? -0.934  -3.904  -23.548 1.00 37.33  ? 138 ALA A CB  1 
ATOM   1101 N N   . PHE A 1 141 ? 0.179   -2.974  -20.783 1.00 32.90  ? 139 PHE A N   1 
ATOM   1102 C CA  . PHE A 1 141 ? 0.051   -2.810  -19.330 1.00 35.36  ? 139 PHE A CA  1 
ATOM   1103 C C   . PHE A 1 141 ? 0.031   -1.331  -18.943 1.00 35.30  ? 139 PHE A C   1 
ATOM   1104 O O   . PHE A 1 141 ? -0.863  -0.876  -18.216 1.00 39.91  ? 139 PHE A O   1 
ATOM   1105 C CB  . PHE A 1 141 ? 1.172   -3.537  -18.605 1.00 29.90  ? 139 PHE A CB  1 
ATOM   1106 C CG  . PHE A 1 141 ? 1.214   -3.165  -17.130 1.00 32.98  ? 139 PHE A CG  1 
ATOM   1107 C CD1 . PHE A 1 141 ? 0.333   -3.770  -16.249 1.00 37.12  ? 139 PHE A CD1 1 
ATOM   1108 C CD2 . PHE A 1 141 ? 2.018   -2.129  -16.680 1.00 34.02  ? 139 PHE A CD2 1 
ATOM   1109 C CE1 . PHE A 1 141 ? 0.287   -3.397  -14.891 1.00 36.63  ? 139 PHE A CE1 1 
ATOM   1110 C CE2 . PHE A 1 141 ? 1.976   -1.741  -15.349 1.00 36.01  ? 139 PHE A CE2 1 
ATOM   1111 C CZ  . PHE A 1 141 ? 1.126   -2.374  -14.455 1.00 38.02  ? 139 PHE A CZ  1 
ATOM   1112 N N   . LEU A 1 142 ? 1.019   -0.565  -19.414 1.00 36.51  ? 140 LEU A N   1 
ATOM   1113 C CA  . LEU A 1 142 ? 1.083   0.859   -19.077 1.00 38.56  ? 140 LEU A CA  1 
ATOM   1114 C C   . LEU A 1 142 ? -0.164  1.604   -19.553 1.00 38.89  ? 140 LEU A C   1 
ATOM   1115 O O   . LEU A 1 142 ? -0.738  2.403   -18.813 1.00 41.95  ? 140 LEU A O   1 
ATOM   1116 C CB  . LEU A 1 142 ? 2.352   1.473   -19.656 1.00 39.59  ? 140 LEU A CB  1 
ATOM   1117 C CG  . LEU A 1 142 ? 3.649   0.864   -19.129 1.00 39.45  ? 140 LEU A CG  1 
ATOM   1118 C CD1 . LEU A 1 142 ? 4.844   1.408   -19.883 1.00 50.15  ? 140 LEU A CD1 1 
ATOM   1119 C CD2 . LEU A 1 142 ? 3.804   1.148   -17.594 1.00 44.59  ? 140 LEU A CD2 1 
ATOM   1120 N N   . LYS A 1 143 ? -0.629  1.342   -20.783 1.00 35.42  ? 141 LYS A N   1 
ATOM   1121 C CA  . LYS A 1 143 ? -1.856  1.996   -21.214 1.00 37.21  ? 141 LYS A CA  1 
ATOM   1122 C C   . LYS A 1 143 ? -3.059  1.612   -20.355 1.00 44.09  ? 141 LYS A C   1 
ATOM   1123 O O   . LYS A 1 143 ? -3.918  2.454   -20.056 1.00 39.41  ? 141 LYS A O   1 
ATOM   1124 C CB  . LYS A 1 143 ? -2.135  1.621   -22.683 1.00 41.64  ? 141 LYS A CB  1 
ATOM   1125 C CG  . LYS A 1 143 ? -3.307  2.357   -23.295 1.00 49.46  ? 141 LYS A CG  1 
ATOM   1126 C CD  . LYS A 1 143 ? -3.079  2.494   -24.822 1.00 63.81  ? 141 LYS A CD  1 
ATOM   1127 C CE  . LYS A 1 143 ? -4.313  2.990   -25.568 1.00 58.90  ? 141 LYS A CE  1 
ATOM   1128 N NZ  . LYS A 1 143 ? -4.501  2.268   -26.885 1.00 69.36  ? 141 LYS A NZ  1 
ATOM   1129 N N   . ASN A 1 144 ? -3.190  0.332   -20.001 1.00 37.88  ? 142 ASN A N   1 
ATOM   1130 C CA  . ASN A 1 144 ? -4.329  -0.045  -19.168 1.00 40.68  ? 142 ASN A CA  1 
ATOM   1131 C C   . ASN A 1 144 ? -4.218  0.582   -17.776 1.00 36.69  ? 142 ASN A C   1 
ATOM   1132 O O   . ASN A 1 144 ? -5.204  1.107   -17.241 1.00 39.60  ? 142 ASN A O   1 
ATOM   1133 C CB  . ASN A 1 144 ? -4.436  -1.568  -19.072 1.00 37.05  ? 142 ASN A CB  1 
ATOM   1134 C CG  . ASN A 1 144 ? -5.075  -2.166  -20.312 1.00 48.04  ? 142 ASN A CG  1 
ATOM   1135 O OD1 . ASN A 1 144 ? -6.043  -1.604  -20.837 1.00 45.61  ? 142 ASN A OD1 1 
ATOM   1136 N ND2 . ASN A 1 144 ? -4.543  -3.302  -20.784 1.00 42.48  ? 142 ASN A ND2 1 
ATOM   1137 N N   . ALA A 1 145 ? -3.004  0.608   -17.231 1.00 36.80  ? 143 ALA A N   1 
ATOM   1138 C CA  . ALA A 1 145 ? -2.795  1.158   -15.885 1.00 34.60  ? 143 ALA A CA  1 
ATOM   1139 C C   . ALA A 1 145 ? -3.051  2.663   -15.856 1.00 44.56  ? 143 ALA A C   1 
ATOM   1140 O O   . ALA A 1 145 ? -3.642  3.178   -14.896 1.00 46.39  ? 143 ALA A O   1 
ATOM   1141 C CB  . ALA A 1 145 ? -1.378  0.837   -15.410 1.00 36.35  ? 143 ALA A CB  1 
ATOM   1142 N N   . ARG A 1 146 ? -2.613  3.382   -16.902 1.00 43.17  ? 144 ARG A N   1 
ATOM   1143 C CA  . ARG A 1 146 ? -2.944  4.800   -17.020 1.00 40.85  ? 144 ARG A CA  1 
ATOM   1144 C C   . ARG A 1 146 ? -4.450  4.997   -17.136 1.00 37.99  ? 144 ARG A C   1 
ATOM   1145 O O   . ARG A 1 146 ? -5.029  5.888   -16.496 1.00 47.98  ? 144 ARG A O   1 
ATOM   1146 C CB  . ARG A 1 146 ? -2.225  5.422   -18.224 1.00 44.80  ? 144 ARG A CB  1 
ATOM   1147 C CG  . ARG A 1 146 ? -0.715  5.549   -18.056 1.00 43.60  ? 144 ARG A CG  1 
ATOM   1148 C CD  . ARG A 1 146 ? -0.010  6.343   -19.179 1.00 51.92  ? 144 ARG A CD  1 
ATOM   1149 N NE  . ARG A 1 146 ? 0.412   5.501   -20.311 1.00 59.09  ? 144 ARG A NE  1 
ATOM   1150 C CZ  . ARG A 1 146 ? -0.302  5.329   -21.423 1.00 72.46  ? 144 ARG A CZ  1 
ATOM   1151 N NH1 . ARG A 1 146 ? -1.473  5.941   -21.560 1.00 72.52  ? 144 ARG A NH1 1 
ATOM   1152 N NH2 . ARG A 1 146 ? 0.145   4.552   -22.409 1.00 53.82  ? 144 ARG A NH2 1 
ATOM   1153 N N   . GLN A 1 147 ? -5.108  4.210   -18.000 1.00 44.00  ? 145 GLN A N   1 
ATOM   1154 C CA  . GLN A 1 147 ? -6.549  4.369   -18.168 1.00 36.63  ? 145 GLN A CA  1 
ATOM   1155 C C   . GLN A 1 147 ? -7.308  4.091   -16.868 1.00 47.15  ? 145 GLN A C   1 
ATOM   1156 O O   . GLN A 1 147 ? -8.305  4.766   -16.565 1.00 45.18  ? 145 GLN A O   1 
ATOM   1157 C CB  . GLN A 1 147 ? -7.052  3.461   -19.289 1.00 44.57  ? 145 GLN A CB  1 
ATOM   1158 C CG  . GLN A 1 147 ? -6.617  3.908   -20.668 1.00 50.69  ? 145 GLN A CG  1 
ATOM   1159 C CD  . GLN A 1 147 ? -7.133  2.957   -21.750 1.00 54.25  ? 145 GLN A CD  1 
ATOM   1160 O OE1 . GLN A 1 147 ? -7.778  1.947   -21.444 1.00 58.11  ? 145 GLN A OE1 1 
ATOM   1161 N NE2 . GLN A 1 147 ? -6.853  3.281   -23.008 1.00 62.13  ? 145 GLN A NE2 1 
ATOM   1162 N N   A TRP A 1 148 ? -6.872  3.084   -16.110 0.59 42.72  ? 146 TRP A N   1 
ATOM   1163 N N   B TRP A 1 148 ? -6.879  3.083   -16.101 0.41 42.69  ? 146 TRP A N   1 
ATOM   1164 C CA  A TRP A 1 148 ? -7.516  2.789   -14.838 0.59 40.46  ? 146 TRP A CA  1 
ATOM   1165 C CA  B TRP A 1 148 ? -7.546  2.821   -14.829 0.41 40.45  ? 146 TRP A CA  1 
ATOM   1166 C C   A TRP A 1 148 ? -7.292  3.930   -13.856 0.59 40.27  ? 146 TRP A C   1 
ATOM   1167 C C   B TRP A 1 148 ? -7.304  3.959   -13.857 0.41 40.32  ? 146 TRP A C   1 
ATOM   1168 O O   A TRP A 1 148 ? -8.166  4.216   -13.028 0.59 43.65  ? 146 TRP A O   1 
ATOM   1169 O O   B TRP A 1 148 ? -8.165  4.255   -13.017 0.41 43.66  ? 146 TRP A O   1 
ATOM   1170 C CB  A TRP A 1 148 ? -6.979  1.451   -14.303 0.59 38.43  ? 146 TRP A CB  1 
ATOM   1171 C CB  B TRP A 1 148 ? -7.077  1.489   -14.230 0.41 38.58  ? 146 TRP A CB  1 
ATOM   1172 C CG  A TRP A 1 148 ? -7.934  0.608   -13.471 0.59 39.93  ? 146 TRP A CG  1 
ATOM   1173 C CG  B TRP A 1 148 ? -7.976  0.358   -14.590 0.41 40.60  ? 146 TRP A CG  1 
ATOM   1174 C CD1 A TRP A 1 148 ? -7.715  0.181   -12.179 0.59 38.02  ? 146 TRP A CD1 1 
ATOM   1175 C CD1 B TRP A 1 148 ? -8.088  -0.231  -15.826 0.41 39.82  ? 146 TRP A CD1 1 
ATOM   1176 C CD2 A TRP A 1 148 ? -9.217  0.086   -13.844 0.59 41.91  ? 146 TRP A CD2 1 
ATOM   1177 C CD2 B TRP A 1 148 ? -8.924  -0.319  -13.743 0.41 42.23  ? 146 TRP A CD2 1 
ATOM   1178 N NE1 A TRP A 1 148 ? -8.773  -0.563  -11.734 0.59 38.96  ? 146 TRP A NE1 1 
ATOM   1179 N NE1 B TRP A 1 148 ? -9.027  -1.220  -15.793 0.41 41.81  ? 146 TRP A NE1 1 
ATOM   1180 C CE2 A TRP A 1 148 ? -9.707  -0.651  -12.738 0.59 43.88  ? 146 TRP A CE2 1 
ATOM   1181 C CE2 B TRP A 1 148 ? -9.556  -1.306  -14.534 0.41 43.17  ? 146 TRP A CE2 1 
ATOM   1182 C CE3 A TRP A 1 148 ? -9.995  0.147   -15.011 0.59 46.36  ? 146 TRP A CE3 1 
ATOM   1183 C CE3 B TRP A 1 148 ? -9.294  -0.196  -12.402 0.41 43.89  ? 146 TRP A CE3 1 
ATOM   1184 C CZ2 A TRP A 1 148 ? -10.948 -1.287  -12.756 0.59 46.20  ? 146 TRP A CZ2 1 
ATOM   1185 C CZ2 B TRP A 1 148 ? -10.538 -2.161  -14.028 0.41 42.17  ? 146 TRP A CZ2 1 
ATOM   1186 C CZ3 A TRP A 1 148 ? -11.226 -0.484  -15.022 0.59 44.49  ? 146 TRP A CZ3 1 
ATOM   1187 C CZ3 B TRP A 1 148 ? -10.276 -1.050  -11.901 0.41 44.55  ? 146 TRP A CZ3 1 
ATOM   1188 C CH2 A TRP A 1 148 ? -11.686 -1.202  -13.912 0.59 43.58  ? 146 TRP A CH2 1 
ATOM   1189 C CH2 B TRP A 1 148 ? -10.880 -2.015  -12.709 0.41 48.62  ? 146 TRP A CH2 1 
ATOM   1190 N N   . THR A 1 149 ? -6.157  4.620   -13.980 1.00 37.89  ? 147 THR A N   1 
ATOM   1191 C CA  . THR A 1 149 ? -5.845  5.733   -13.082 1.00 40.68  ? 147 THR A CA  1 
ATOM   1192 C C   . THR A 1 149 ? -6.724  6.926   -13.411 1.00 49.42  ? 147 THR A C   1 
ATOM   1193 O O   . THR A 1 149 ? -7.289  7.573   -12.521 1.00 46.76  ? 147 THR A O   1 
ATOM   1194 C CB  . THR A 1 149 ? -4.373  6.123   -13.208 1.00 36.61  ? 147 THR A CB  1 
ATOM   1195 O OG1 . THR A 1 149 ? -3.527  5.038   -12.801 1.00 38.12  ? 147 THR A OG1 1 
ATOM   1196 C CG2 . THR A 1 149 ? -4.050  7.362   -12.346 1.00 41.14  ? 147 THR A CG2 1 
ATOM   1197 N N   . GLU A 1 150 ? -6.860  7.242   -14.697 1.00 45.00  ? 148 GLU A N   1 
ATOM   1198 C CA  . GLU A 1 150 ? -7.708  8.375   -15.028 1.00 42.78  ? 148 GLU A CA  1 
ATOM   1199 C C   . GLU A 1 150 ? -9.152  8.078   -14.648 1.00 43.98  ? 148 GLU A C   1 
ATOM   1200 O O   . GLU A 1 150 ? -9.897  8.971   -14.241 1.00 52.70  ? 148 GLU A O   1 
ATOM   1201 C CB  . GLU A 1 150 ? -7.580  8.695   -16.533 1.00 61.36  ? 148 GLU A CB  1 
ATOM   1202 C CG  . GLU A 1 150 ? -7.910  10.139  -16.873 1.00 65.60  ? 148 GLU A CG  1 
ATOM   1203 C CD  . GLU A 1 150 ? -9.355  10.294  -17.259 1.00 80.48  ? 148 GLU A CD  1 
ATOM   1204 O OE1 . GLU A 1 150 ? -9.986  11.286  -16.834 1.00 91.47  ? 148 GLU A OE1 1 
ATOM   1205 O OE2 . GLU A 1 150 ? -9.856  9.414   -17.994 1.00 85.05  ? 148 GLU A OE2 1 
ATOM   1206 N N   . LYS A 1 151 ? -9.567  6.828   -14.766 1.00 44.22  ? 149 LYS A N   1 
ATOM   1207 C CA  . LYS A 1 151 ? -10.948 6.481   -14.489 1.00 45.66  ? 149 LYS A CA  1 
ATOM   1208 C C   . LYS A 1 151 ? -11.280 6.476   -13.005 1.00 54.65  ? 149 LYS A C   1 
ATOM   1209 O O   . LYS A 1 151 ? -12.401 6.846   -12.640 1.00 54.44  ? 149 LYS A O   1 
ATOM   1210 C CB  . LYS A 1 151 ? -11.288 5.113   -15.076 1.00 52.29  ? 149 LYS A CB  1 
ATOM   1211 C CG  . LYS A 1 151 ? -12.784 4.826   -15.175 1.00 62.02  ? 149 LYS A CG  1 
ATOM   1212 C CD  . LYS A 1 151 ? -13.055 3.336   -15.249 1.00 65.28  ? 149 LYS A CD  1 
ATOM   1213 C CE  . LYS A 1 151 ? -14.337 3.015   -15.985 1.00 67.00  ? 149 LYS A CE  1 
ATOM   1214 N NZ  . LYS A 1 151 ? -14.454 1.533   -16.179 1.00 71.93  ? 149 LYS A NZ  1 
ATOM   1215 N N   . HIS A 1 152 ? -10.345 6.067   -12.139 1.00 47.01  ? 150 HIS A N   1 
ATOM   1216 C CA  . HIS A 1 152 ? -10.687 5.797   -10.741 1.00 53.44  ? 150 HIS A CA  1 
ATOM   1217 C C   . HIS A 1 152 ? -9.928  6.604   -9.712  1.00 47.49  ? 150 HIS A C   1 
ATOM   1218 O O   . HIS A 1 152 ? -10.350 6.617   -8.555  1.00 44.84  ? 150 HIS A O   1 
ATOM   1219 C CB  . HIS A 1 152 ? -10.465 4.317   -10.406 1.00 48.74  ? 150 HIS A CB  1 
ATOM   1220 C CG  . HIS A 1 152 ? -11.455 3.410   -11.045 1.00 47.32  ? 150 HIS A CG  1 
ATOM   1221 N ND1 . HIS A 1 152 ? -11.114 2.559   -12.073 1.00 53.33  ? 150 HIS A ND1 1 
ATOM   1222 C CD2 . HIS A 1 152 ? -12.772 3.211   -10.807 1.00 52.54  ? 150 HIS A CD2 1 
ATOM   1223 C CE1 . HIS A 1 152 ? -12.181 1.876   -12.446 1.00 48.70  ? 150 HIS A CE1 1 
ATOM   1224 N NE2 . HIS A 1 152 ? -13.201 2.254   -11.695 1.00 59.73  ? 150 HIS A NE2 1 
ATOM   1225 N N   . ALA A 1 153 ? -8.833  7.257   -10.082 1.00 44.67  ? 151 ALA A N   1 
ATOM   1226 C CA  . ALA A 1 153 ? -7.932  7.871   -9.120  1.00 46.51  ? 151 ALA A CA  1 
ATOM   1227 C C   . ALA A 1 153 ? -7.618  9.325   -9.446  1.00 53.02  ? 151 ALA A C   1 
ATOM   1228 O O   . ALA A 1 153 ? -6.622  9.855   -8.941  1.00 50.57  ? 151 ALA A O   1 
ATOM   1229 C CB  . ALA A 1 153 ? -6.618  7.080   -9.047  1.00 46.10  ? 151 ALA A CB  1 
ATOM   1230 N N   . ARG A 1 154 ? -8.402  9.978   -10.300 1.00 50.78  ? 152 ARG A N   1 
ATOM   1231 C CA  . ARG A 1 154 ? -8.019  11.329  -10.723 1.00 62.64  ? 152 ARG A CA  1 
ATOM   1232 C C   . ARG A 1 154 ? -9.095  12.367  -10.441 1.00 68.38  ? 152 ARG A C   1 
ATOM   1233 O O   . ARG A 1 154 ? -10.127 12.053  -9.858  1.00 75.34  ? 152 ARG A O   1 
ATOM   1234 C CB  . ARG A 1 154 ? -7.652  11.334  -12.215 1.00 59.06  ? 152 ARG A CB  1 
ATOM   1235 C CG  . ARG A 1 154 ? -6.137  11.210  -12.415 1.00 65.29  ? 152 ARG A CG  1 
ATOM   1236 C CD  . ARG A 1 154 ? -5.700  11.491  -13.834 1.00 70.93  ? 152 ARG A CD  1 
ATOM   1237 N NE  . ARG A 1 154 ? -6.425  12.611  -14.426 1.00 88.72  ? 152 ARG A NE  1 
ATOM   1238 C CZ  . ARG A 1 154 ? -5.846  13.721  -14.875 1.00 97.16  ? 152 ARG A CZ  1 
ATOM   1239 N NH1 . ARG A 1 154 ? -6.587  14.688  -15.407 1.00 97.68  ? 152 ARG A NH1 1 
ATOM   1240 N NH2 . ARG A 1 154 ? -4.528  13.863  -14.787 1.00 85.27  ? 152 ARG A NH2 1 
HETATM 1241 C C02 . V2R B 2 .   ? -1.403  -12.755 -0.299  0.92 67.30  ? 201 V2R A C02 1 
HETATM 1242 C C04 . V2R B 2 .   ? 0.763   -12.505 0.036   0.92 64.94  ? 201 V2R A C04 1 
HETATM 1243 C C05 . V2R B 2 .   ? 2.091   -12.080 0.386   0.92 44.84  ? 201 V2R A C05 1 
HETATM 1244 C C06 . V2R B 2 .   ? 3.181   -12.888 0.019   0.92 61.31  ? 201 V2R A C06 1 
HETATM 1245 C C08 . V2R B 2 .   ? 2.960   -14.084 -0.668  0.92 70.94  ? 201 V2R A C08 1 
HETATM 1246 C C09 . V2R B 2 .   ? 1.670   -14.493 -1.003  0.92 50.04  ? 201 V2R A C09 1 
HETATM 1247 C C10 . V2R B 2 .   ? 0.561   -13.688 -0.650  0.92 70.36  ? 201 V2R A C10 1 
HETATM 1248 F F07 . V2R B 2 .   ? 4.472   -12.538 0.315   0.92 69.91  ? 201 V2R A F07 1 
HETATM 1249 N N01 . V2R B 2 .   ? -2.829  -12.520 -0.290  0.92 58.64  ? 201 V2R A N01 1 
HETATM 1250 N N03 . V2R B 2 .   ? -0.478  -11.958 0.230   0.92 58.89  ? 201 V2R A N03 1 
HETATM 1251 O O11 . V2R B 2 .   ? -0.807  -13.831 -0.851  0.92 66.38  ? 201 V2R A O11 1 
HETATM 1252 O O   . HOH C 3 .   ? 5.637   -10.034 15.218  1.00 45.61  ? 301 HOH A O   1 
HETATM 1253 O O   . HOH C 3 .   ? 8.528   -10.469 -9.590  1.00 52.32  ? 302 HOH A O   1 
HETATM 1254 O O   . HOH C 3 .   ? -10.596 -2.092  -0.774  1.00 51.22  ? 303 HOH A O   1 
HETATM 1255 O O   . HOH C 3 .   ? -10.264 6.995   -4.605  1.00 44.39  ? 304 HOH A O   1 
HETATM 1256 O O   . HOH C 3 .   ? 4.377   8.585   -4.747  1.00 49.59  ? 305 HOH A O   1 
HETATM 1257 O O   . HOH C 3 .   ? 11.992  -5.817  4.785   1.00 65.87  ? 306 HOH A O   1 
HETATM 1258 O O   . HOH C 3 .   ? -3.436  -7.341  -22.798 1.00 46.67  ? 307 HOH A O   1 
HETATM 1259 O O   . HOH C 3 .   ? 1.291   12.134  -8.827  1.00 56.97  ? 308 HOH A O   1 
HETATM 1260 O O   . HOH C 3 .   ? 8.302   8.088   -0.195  1.00 40.92  ? 309 HOH A O   1 
HETATM 1261 O O   . HOH C 3 .   ? 4.842   -8.699  -3.713  1.00 40.81  ? 310 HOH A O   1 
HETATM 1262 O O   . HOH C 3 .   ? -8.184  9.800   -5.511  1.00 50.05  ? 311 HOH A O   1 
HETATM 1263 O O   . HOH C 3 .   ? 5.134   4.756   -6.747  1.00 39.88  ? 312 HOH A O   1 
HETATM 1264 O O   . HOH C 3 .   ? 5.193   0.914   23.183  1.00 51.91  ? 313 HOH A O   1 
HETATM 1265 O O   . HOH C 3 .   ? -4.340  -8.949  16.518  1.00 52.59  ? 314 HOH A O   1 
HETATM 1266 O O   . HOH C 3 .   ? -7.093  5.266   19.836  1.00 52.29  ? 315 HOH A O   1 
HETATM 1267 O O   . HOH C 3 .   ? 12.073  -6.581  14.915  1.00 45.95  ? 316 HOH A O   1 
HETATM 1268 O O   . HOH C 3 .   ? -1.374  -7.308  6.808   1.00 35.28  ? 317 HOH A O   1 
HETATM 1269 O O   . HOH C 3 .   ? -5.164  -4.741  -10.050 1.00 31.38  ? 318 HOH A O   1 
HETATM 1270 O O   . HOH C 3 .   ? -6.542  3.444   -10.828 1.00 37.52  ? 319 HOH A O   1 
HETATM 1271 O O   . HOH C 3 .   ? -4.154  -6.318  1.735   1.00 35.84  ? 320 HOH A O   1 
HETATM 1272 O O   . HOH C 3 .   ? -7.540  -12.323 -4.428  0.50 41.48  ? 321 HOH A O   1 
HETATM 1273 O O   . HOH C 3 .   ? -8.854  -2.880  -17.892 1.00 61.02  ? 322 HOH A O   1 
HETATM 1274 O O   . HOH C 3 .   ? -9.890  6.734   13.729  1.00 42.32  ? 323 HOH A O   1 
HETATM 1275 O O   . HOH C 3 .   ? -1.177  -8.574  -23.971 1.00 44.50  ? 324 HOH A O   1 
HETATM 1276 O O   . HOH C 3 .   ? -7.315  -2.887  5.539   1.00 39.61  ? 325 HOH A O   1 
HETATM 1277 O O   . HOH C 3 .   ? -2.258  -8.309  10.863  1.00 43.16  ? 326 HOH A O   1 
HETATM 1278 O O   . HOH C 3 .   ? 4.876   5.037   11.249  1.00 35.22  ? 327 HOH A O   1 
HETATM 1279 O O   . HOH C 3 .   ? 3.558   13.552  2.232   1.00 40.77  ? 328 HOH A O   1 
HETATM 1280 O O   . HOH C 3 .   ? -1.552  12.662  10.159  1.00 51.62  ? 329 HOH A O   1 
HETATM 1281 O O   . HOH C 3 .   ? 3.309   4.954   -8.746  1.00 43.84  ? 330 HOH A O   1 
HETATM 1282 O O   . HOH C 3 .   ? 9.832   5.553   4.638   1.00 40.03  ? 331 HOH A O   1 
HETATM 1283 O O   . HOH C 3 .   ? 1.891   -12.315 16.340  1.00 54.98  ? 332 HOH A O   1 
HETATM 1284 O O   . HOH C 3 .   ? 11.638  -3.390  -5.503  1.00 54.60  ? 333 HOH A O   1 
HETATM 1285 O O   . HOH C 3 .   ? 0.857   -9.505  1.690   1.00 54.95  ? 334 HOH A O   1 
HETATM 1286 O O   . HOH C 3 .   ? 8.094   -2.773  -2.343  1.00 42.89  ? 335 HOH A O   1 
HETATM 1287 O O   . HOH C 3 .   ? -7.239  -7.326  15.798  1.00 53.64  ? 336 HOH A O   1 
HETATM 1288 O O   . HOH C 3 .   ? -8.385  -2.530  -22.027 1.00 52.70  ? 337 HOH A O   1 
HETATM 1289 O O   . HOH C 3 .   ? -9.808  -9.925  -7.620  1.00 38.10  ? 338 HOH A O   1 
HETATM 1290 O O   . HOH C 3 .   ? 10.155  -3.280  1.891   1.00 45.15  ? 339 HOH A O   1 
HETATM 1291 O O   . HOH C 3 .   ? 5.104   -7.812  -26.689 1.00 52.16  ? 340 HOH A O   1 
HETATM 1292 O O   . HOH C 3 .   ? -2.786  -10.960 -19.999 1.00 37.58  ? 341 HOH A O   1 
HETATM 1293 O O   . HOH C 3 .   ? 6.758   11.155  -7.953  1.00 51.71  ? 342 HOH A O   1 
HETATM 1294 O O   . HOH C 3 .   ? 7.525   -10.832 13.234  1.00 44.49  ? 343 HOH A O   1 
HETATM 1295 O O   . HOH C 3 .   ? 0.475   12.294  7.134   1.00 37.86  ? 344 HOH A O   1 
HETATM 1296 O O   . HOH C 3 .   ? 8.882   4.227   -2.159  1.00 40.20  ? 345 HOH A O   1 
HETATM 1297 O O   . HOH C 3 .   ? 10.003  0.920   3.276   1.00 40.86  ? 346 HOH A O   1 
HETATM 1298 O O   . HOH C 3 .   ? -9.776  6.241   -18.505 1.00 57.11  ? 347 HOH A O   1 
HETATM 1299 O O   . HOH C 3 .   ? -8.216  -2.995  15.132  1.00 58.53  ? 348 HOH A O   1 
HETATM 1300 O O   . HOH C 3 .   ? -5.589  -7.773  -17.666 1.00 42.93  ? 349 HOH A O   1 
HETATM 1301 O O   . HOH C 3 .   ? 5.170   14.706  -0.732  1.00 56.63  ? 350 HOH A O   1 
HETATM 1302 O O   . HOH C 3 .   ? 6.587   14.214  2.788   1.00 51.49  ? 351 HOH A O   1 
HETATM 1303 O O   . HOH C 3 .   ? -2.346  -7.960  2.556   1.00 46.65  ? 352 HOH A O   1 
HETATM 1304 O O   . HOH C 3 .   ? -9.672  -6.205  0.511   1.00 48.63  ? 353 HOH A O   1 
HETATM 1305 O O   . HOH C 3 .   ? 8.107   -6.241  -17.724 1.00 51.99  ? 354 HOH A O   1 
HETATM 1306 O O   . HOH C 3 .   ? -10.931 0.749   15.969  1.00 61.24  ? 355 HOH A O   1 
HETATM 1307 O O   . HOH C 3 .   ? 11.308  -12.687 6.791   1.00 62.67  ? 356 HOH A O   1 
HETATM 1308 O O   . HOH C 3 .   ? -4.451  1.926   -12.054 1.00 36.23  ? 357 HOH A O   1 
HETATM 1309 O O   . HOH C 3 .   ? 8.652   -13.559 -11.680 1.00 68.58  ? 358 HOH A O   1 
HETATM 1310 O O   . HOH C 3 .   ? 6.892   -8.748  -1.621  1.00 36.68  ? 359 HOH A O   1 
HETATM 1311 O O   . HOH C 3 .   ? -10.782 10.452  6.934   1.00 52.08  ? 360 HOH A O   1 
HETATM 1312 O O   . HOH C 3 .   ? -3.939  -0.004  22.522  1.00 50.66  ? 361 HOH A O   1 
HETATM 1313 O O   . HOH C 3 .   ? -8.007  -2.526  -7.086  1.00 43.91  ? 362 HOH A O   1 
HETATM 1314 O O   . HOH C 3 .   ? 12.406  0.540   10.074  1.00 52.92  ? 363 HOH A O   1 
HETATM 1315 O O   . HOH C 3 .   ? -2.556  -6.191  4.641   1.00 37.32  ? 364 HOH A O   1 
HETATM 1316 O O   . HOH C 3 .   ? -10.075 -10.357 -1.878  1.00 41.41  ? 365 HOH A O   1 
HETATM 1317 O O   . HOH C 3 .   ? -5.742  -10.437 -13.785 1.00 39.26  ? 366 HOH A O   1 
HETATM 1318 O O   . HOH C 3 .   ? -0.153  11.715  0.085   1.00 35.39  ? 367 HOH A O   1 
HETATM 1319 O O   . HOH C 3 .   ? 6.621   8.868   9.305   1.00 45.58  ? 368 HOH A O   1 
HETATM 1320 O O   . HOH C 3 .   ? -10.069 1.418   19.134  1.00 68.46  ? 369 HOH A O   1 
HETATM 1321 O O   . HOH C 3 .   ? 9.556   -4.384  -11.566 1.00 52.90  ? 370 HOH A O   1 
HETATM 1322 O O   . HOH C 3 .   ? 8.052   -1.174  -13.807 1.00 60.16  ? 371 HOH A O   1 
HETATM 1323 O O   . HOH C 3 .   ? -6.884  -11.608 3.173   1.00 53.00  ? 372 HOH A O   1 
HETATM 1324 O O   . HOH C 3 .   ? 10.146  -1.843  -0.238  1.00 57.09  ? 373 HOH A O   1 
HETATM 1325 O O   . HOH C 3 .   ? -10.206 -1.580  -5.226  1.00 56.79  ? 374 HOH A O   1 
HETATM 1326 O O   . HOH C 3 .   ? -3.489  -13.348 -20.240 1.00 45.83  ? 375 HOH A O   1 
HETATM 1327 O O   . HOH C 3 .   ? 6.000   7.184   -5.949  1.00 51.83  ? 376 HOH A O   1 
HETATM 1328 O O   . HOH C 3 .   ? 1.886   13.537  -0.140  1.00 43.31  ? 377 HOH A O   1 
HETATM 1329 O O   . HOH C 3 .   ? -7.820  -4.521  -11.194 1.00 40.92  ? 378 HOH A O   1 
HETATM 1330 O O   . HOH C 3 .   ? -10.494 -10.468 -10.071 1.00 53.07  ? 379 HOH A O   1 
HETATM 1331 O O   . HOH C 3 .   ? 10.543  0.631   0.598   1.00 44.38  ? 380 HOH A O   1 
HETATM 1332 O O   . HOH C 3 .   ? 9.736   8.619   -2.751  1.00 63.87  ? 381 HOH A O   1 
HETATM 1333 O O   . HOH C 3 .   ? -5.319  -6.937  5.299   1.00 43.89  ? 382 HOH A O   1 
HETATM 1334 O O   . HOH C 3 .   ? 7.046   6.065   12.339  1.00 54.54  ? 383 HOH A O   1 
HETATM 1335 O O   . HOH C 3 .   ? -6.146  -12.599 -20.994 1.00 51.80  ? 384 HOH A O   1 
HETATM 1336 O O   . HOH C 3 .   ? -3.098  -9.306  7.853   1.00 57.75  ? 385 HOH A O   1 
HETATM 1337 O O   . HOH C 3 .   ? -10.934 -8.353  -11.664 1.00 51.21  ? 386 HOH A O   1 
HETATM 1338 O O   . HOH C 3 .   ? -12.359 0.834   17.926  1.00 67.44  ? 387 HOH A O   1 
HETATM 1339 O O   . HOH C 3 .   ? -7.518  -5.365  4.984   1.00 46.58  ? 388 HOH A O   1 
HETATM 1340 O O   . HOH C 3 .   ? 11.525  -1.162  4.922   1.00 50.43  ? 389 HOH A O   1 
HETATM 1341 O O   . HOH C 3 .   ? 9.694   5.951   7.230   1.00 47.55  ? 390 HOH A O   1 
HETATM 1342 O O   . HOH C 3 .   ? 11.036  7.490   3.864   1.00 51.67  ? 391 HOH A O   1 
HETATM 1343 O O   . HOH C 3 .   ? 12.814  -0.548  7.171   1.00 53.87  ? 392 HOH A O   1 
HETATM 1344 O O   . HOH C 3 .   ? 11.203  2.851   4.453   1.00 46.72  ? 393 HOH A O   1 
HETATM 1345 O O   . HOH C 3 .   ? -13.167 -11.884 -7.675  1.00 46.14  ? 394 HOH A O   1 
HETATM 1346 O O   . HOH C 3 .   ? -6.116  -9.129  6.799   1.00 67.43  ? 395 HOH A O   1 
HETATM 1347 O O   . HOH C 3 .   ? -12.114 -10.273 -3.672  0.50 50.35  ? 396 HOH A O   1 
HETATM 1348 O O   . HOH C 3 .   ? 11.324  3.379   -1.233  1.00 48.23  ? 397 HOH A O   1 
HETATM 1349 O O   . HOH C 3 .   ? 9.084   -8.094  -16.340 1.00 57.91  ? 398 HOH A O   1 
HETATM 1350 O O   . HOH C 3 .   ? -7.536  -8.371  -14.774 1.00 46.96  ? 399 HOH A O   1 
# 
